data_8QUC
#
_entry.id   8QUC
#
_cell.length_a   1.00
_cell.length_b   1.00
_cell.length_c   1.00
_cell.angle_alpha   90.00
_cell.angle_beta   90.00
_cell.angle_gamma   90.00
#
_symmetry.space_group_name_H-M   'P 1'
#
loop_
_entity.id
_entity.type
_entity.pdbx_description
1 polymer 'Potassium voltage-gated channel subfamily C member 1'
2 non-polymer (5R)-5-ethyl-3-[6-(3-methoxy-4-methyl-phenoxy)pyridin-3-yl]imidazolidine-2,4-dione
3 non-polymer 1,2-DIACYL-SN-GLYCERO-3-PHOSHOCHOLINE
4 non-polymer 'ZINC ION'
5 non-polymer 'CHOLESTEROL HEMISUCCINATE'
6 non-polymer 'POTASSIUM ION'
7 water water
#
_entity_poly.entity_id   1
_entity_poly.type   'polypeptide(L)'
_entity_poly.pdbx_seq_one_letter_code
;MGQGDESERIVINVGGTRHQTHRSTLRTLPGTRLAWLAEPDAHSHFDYDPRADEFFFDRHPGVFAHILNYYRTGKLHCPA
DVCGPLYEEELAFWGIDETDVEPCCWMTYRQHRDAEEALDSFGGAPLDNSADDADADGPGDSGDGEDELEMTKRLALSDS
PDGRPGGFWRRWQPRIWALFEDPYSSRYARYVAFASLFFILVSITTFCLETHERFNPIVNKTEIENVRNGTQVRYYREAE
TEAFLTYIEGVCVVWFTFEFLMRVIFCPNKVEFIKNSLNIIDFVAILPFYLEVGLSGLSSKAAKDVLGFLRVVRFVRILR
IFKLTRHFVGLRVLGHTLRASTNEFLLLIIFLALGVLIFATMIYYAERIGAQPNDPSASEHTHFKNIPIGFWWAVVTMTT
LGYGDMYPQTWSGMLVGALCALAGVLTIAMPVPVIVNNFGMYYSLAMAKQKLPKKKKKHIPRPPQLGSPNYCKSVVNSPH
HSTQSDTCPLAQEEILEINRAGRKPLRGMSIAENLYFQ
;
_entity_poly.pdbx_strand_id   A,B,D,C
#
# COMPACT_ATOMS: atom_id res chain seq x y z
N SER A 7 -1.07 -50.98 -28.63
CA SER A 7 -1.67 -51.22 -27.32
C SER A 7 -1.19 -50.21 -26.31
N GLU A 8 -2.13 -49.68 -25.51
CA GLU A 8 -1.82 -48.81 -24.38
C GLU A 8 -1.35 -47.44 -24.85
N ARG A 9 -1.16 -47.27 -26.15
CA ARG A 9 -0.73 -46.00 -26.73
C ARG A 9 -1.92 -45.37 -27.44
N ILE A 10 -2.33 -44.19 -26.98
CA ILE A 10 -3.48 -43.47 -27.54
C ILE A 10 -3.05 -42.06 -27.86
N VAL A 11 -3.45 -41.57 -29.03
CA VAL A 11 -3.13 -40.23 -29.51
C VAL A 11 -4.41 -39.40 -29.51
N ILE A 12 -4.39 -38.29 -28.78
CA ILE A 12 -5.52 -37.37 -28.71
C ILE A 12 -5.15 -36.13 -29.52
N ASN A 13 -5.95 -35.82 -30.54
CA ASN A 13 -5.73 -34.67 -31.42
C ASN A 13 -6.66 -33.56 -30.96
N VAL A 14 -6.11 -32.57 -30.25
CA VAL A 14 -6.90 -31.49 -29.69
C VAL A 14 -6.56 -30.23 -30.48
N GLY A 15 -7.44 -29.85 -31.40
CA GLY A 15 -7.22 -28.66 -32.20
C GLY A 15 -6.00 -28.72 -33.08
N GLY A 16 -5.71 -29.88 -33.67
CA GLY A 16 -4.57 -30.05 -34.53
C GLY A 16 -3.28 -30.37 -33.81
N THR A 17 -3.28 -30.43 -32.48
CA THR A 17 -2.11 -30.76 -31.69
C THR A 17 -2.25 -32.19 -31.17
N ARG A 18 -1.26 -33.03 -31.46
CA ARG A 18 -1.30 -34.44 -31.11
C ARG A 18 -0.76 -34.61 -29.70
N HIS A 19 -1.63 -35.01 -28.77
CA HIS A 19 -1.26 -35.32 -27.40
C HIS A 19 -1.19 -36.83 -27.24
N GLN A 20 -0.05 -37.34 -26.79
CA GLN A 20 0.18 -38.77 -26.65
C GLN A 20 0.30 -39.12 -25.18
N THR A 21 -0.41 -40.15 -24.76
CA THR A 21 -0.38 -40.60 -23.37
C THR A 21 -0.79 -42.07 -23.34
N HIS A 22 -0.64 -42.67 -22.17
CA HIS A 22 -1.02 -44.07 -21.97
C HIS A 22 -2.48 -44.23 -21.60
N ARG A 23 -3.05 -45.37 -21.99
CA ARG A 23 -4.44 -45.64 -21.67
C ARG A 23 -4.63 -45.77 -20.17
N SER A 24 -3.63 -46.32 -19.47
CA SER A 24 -3.75 -46.39 -18.01
C SER A 24 -3.74 -44.99 -17.41
N THR A 25 -2.99 -44.08 -18.02
CA THR A 25 -2.99 -42.69 -17.57
C THR A 25 -4.38 -42.09 -17.71
N LEU A 26 -5.04 -42.34 -18.83
CA LEU A 26 -6.41 -41.85 -18.99
C LEU A 26 -7.38 -42.55 -18.04
N ARG A 27 -7.18 -43.85 -17.81
CA ARG A 27 -8.05 -44.64 -16.95
C ARG A 27 -7.88 -44.30 -15.47
N THR A 28 -6.79 -43.62 -15.13
CA THR A 28 -6.57 -43.22 -13.74
C THR A 28 -7.78 -42.46 -13.18
N LEU A 29 -8.26 -41.44 -13.90
CA LEU A 29 -9.41 -40.67 -13.45
C LEU A 29 -10.68 -41.26 -14.08
N PRO A 30 -11.46 -42.05 -13.34
CA PRO A 30 -12.61 -42.71 -13.94
C PRO A 30 -13.83 -41.80 -13.99
N GLY A 31 -14.75 -42.16 -14.90
CA GLY A 31 -15.99 -41.44 -15.06
C GLY A 31 -15.90 -40.19 -15.91
N THR A 32 -14.73 -39.83 -16.40
CA THR A 32 -14.55 -38.65 -17.22
C THR A 32 -14.44 -39.01 -18.71
N ARG A 33 -14.43 -37.95 -19.53
CA ARG A 33 -14.48 -38.15 -20.98
C ARG A 33 -13.22 -38.85 -21.46
N LEU A 34 -12.06 -38.51 -20.90
CA LEU A 34 -10.83 -39.18 -21.31
C LEU A 34 -10.82 -40.64 -20.85
N ALA A 35 -11.43 -40.96 -19.72
CA ALA A 35 -11.56 -42.37 -19.35
C ALA A 35 -12.45 -43.11 -20.34
N TRP A 36 -13.58 -42.50 -20.71
CA TRP A 36 -14.42 -43.11 -21.74
C TRP A 36 -13.64 -43.27 -23.04
N LEU A 37 -12.73 -42.34 -23.33
CA LEU A 37 -11.81 -42.53 -24.44
C LEU A 37 -10.94 -43.75 -24.24
N ALA A 38 -10.54 -44.01 -22.98
CA ALA A 38 -9.76 -45.23 -22.69
C ALA A 38 -10.69 -46.44 -22.54
N GLU A 39 -11.75 -46.52 -23.36
CA GLU A 39 -12.68 -47.69 -23.33
C GLU A 39 -12.55 -48.44 -24.66
N PRO A 40 -12.78 -49.78 -24.73
CA PRO A 40 -12.54 -50.52 -25.98
C PRO A 40 -13.50 -50.08 -27.09
N ASP A 41 -14.49 -49.25 -26.73
CA ASP A 41 -15.50 -48.82 -27.74
C ASP A 41 -15.29 -47.35 -28.10
N ALA A 42 -14.21 -46.73 -27.60
CA ALA A 42 -14.07 -45.30 -27.89
C ALA A 42 -14.12 -45.05 -29.39
N HIS A 43 -13.61 -45.98 -30.19
CA HIS A 43 -13.62 -45.80 -31.64
C HIS A 43 -15.04 -45.65 -32.15
N SER A 44 -15.98 -46.40 -31.58
CA SER A 44 -17.39 -46.29 -31.95
C SER A 44 -18.16 -45.29 -31.10
N HIS A 45 -17.54 -44.69 -30.09
CA HIS A 45 -18.22 -43.71 -29.24
C HIS A 45 -17.73 -42.28 -29.40
N PHE A 46 -16.66 -42.05 -30.17
CA PHE A 46 -16.07 -40.72 -30.29
C PHE A 46 -15.72 -40.46 -31.75
N ASP A 47 -15.03 -39.35 -31.98
CA ASP A 47 -14.57 -38.94 -33.32
C ASP A 47 -13.21 -39.57 -33.57
N TYR A 48 -13.22 -40.73 -34.23
CA TYR A 48 -12.01 -41.51 -34.48
C TYR A 48 -11.90 -41.80 -35.97
N ASP A 49 -10.69 -41.64 -36.51
CA ASP A 49 -10.40 -42.02 -37.88
C ASP A 49 -9.32 -43.10 -37.90
N PRO A 50 -9.54 -44.22 -38.61
CA PRO A 50 -8.55 -45.30 -38.56
C PRO A 50 -7.27 -45.02 -39.32
N ARG A 51 -7.28 -44.05 -40.24
CA ARG A 51 -6.09 -43.77 -41.03
C ARG A 51 -4.95 -43.26 -40.17
N ALA A 52 -5.26 -42.42 -39.18
CA ALA A 52 -4.24 -41.86 -38.30
C ALA A 52 -4.26 -42.44 -36.89
N ASP A 53 -5.27 -43.22 -36.54
CA ASP A 53 -5.37 -43.82 -35.22
C ASP A 53 -5.34 -42.77 -34.12
N GLU A 54 -6.04 -41.66 -34.36
CA GLU A 54 -6.10 -40.56 -33.40
C GLU A 54 -7.54 -40.08 -33.27
N PHE A 55 -7.87 -39.63 -32.07
CA PHE A 55 -9.16 -39.03 -31.77
C PHE A 55 -9.05 -37.51 -31.87
N PHE A 56 -10.05 -36.88 -32.46
CA PHE A 56 -10.03 -35.43 -32.68
C PHE A 56 -11.03 -34.76 -31.75
N PHE A 57 -10.55 -33.80 -30.96
CA PHE A 57 -11.37 -32.90 -30.17
C PHE A 57 -11.06 -31.47 -30.57
N ASP A 58 -12.12 -30.66 -30.74
CA ASP A 58 -11.95 -29.31 -31.28
C ASP A 58 -11.97 -28.32 -30.12
N ARG A 59 -10.86 -28.30 -29.38
CA ARG A 59 -10.75 -27.55 -28.13
C ARG A 59 -9.40 -26.87 -28.07
N HIS A 60 -9.10 -26.25 -26.93
CA HIS A 60 -7.85 -25.53 -26.73
C HIS A 60 -6.72 -26.48 -26.31
N PRO A 61 -5.69 -26.64 -27.14
CA PRO A 61 -4.63 -27.59 -26.79
C PRO A 61 -3.73 -27.10 -25.67
N GLY A 62 -3.53 -25.79 -25.57
CA GLY A 62 -2.65 -25.27 -24.52
C GLY A 62 -3.15 -25.57 -23.12
N VAL A 63 -4.47 -25.67 -22.94
CA VAL A 63 -5.02 -25.97 -21.63
C VAL A 63 -5.33 -27.45 -21.54
N PHE A 64 -5.57 -28.10 -22.69
CA PHE A 64 -5.68 -29.55 -22.65
C PHE A 64 -4.39 -30.19 -22.18
N ALA A 65 -3.25 -29.53 -22.47
CA ALA A 65 -1.98 -29.99 -21.94
C ALA A 65 -2.01 -30.06 -20.42
N HIS A 66 -2.61 -29.05 -19.78
CA HIS A 66 -2.64 -29.00 -18.32
C HIS A 66 -3.66 -29.99 -17.76
N ILE A 67 -4.79 -30.18 -18.45
CA ILE A 67 -5.74 -31.19 -18.00
C ILE A 67 -5.11 -32.58 -18.08
N LEU A 68 -4.43 -32.88 -19.19
CA LEU A 68 -3.73 -34.15 -19.28
C LEU A 68 -2.60 -34.24 -18.25
N ASN A 69 -1.99 -33.12 -17.89
CA ASN A 69 -0.99 -33.16 -16.83
C ASN A 69 -1.61 -33.49 -15.48
N TYR A 70 -2.84 -33.02 -15.24
CA TYR A 70 -3.58 -33.46 -14.07
C TYR A 70 -3.77 -34.97 -14.10
N TYR A 71 -4.19 -35.49 -15.26
CA TYR A 71 -4.35 -36.93 -15.40
C TYR A 71 -3.04 -37.67 -15.10
N ARG A 72 -1.93 -37.09 -15.55
CA ARG A 72 -0.63 -37.76 -15.42
C ARG A 72 -0.14 -37.76 -13.97
N THR A 73 -0.10 -36.58 -13.34
CA THR A 73 0.52 -36.45 -12.02
C THR A 73 -0.44 -36.75 -10.88
N GLY A 74 -1.67 -36.26 -10.95
CA GLY A 74 -2.65 -36.48 -9.89
C GLY A 74 -3.09 -35.22 -9.17
N LYS A 75 -2.49 -34.07 -9.46
CA LYS A 75 -2.88 -32.80 -8.87
C LYS A 75 -3.31 -31.87 -9.99
N LEU A 76 -4.46 -31.21 -9.80
CA LEU A 76 -5.00 -30.32 -10.81
C LEU A 76 -4.58 -28.90 -10.51
N HIS A 77 -3.92 -28.27 -11.49
CA HIS A 77 -3.48 -26.89 -11.37
C HIS A 77 -4.14 -26.08 -12.47
N CYS A 78 -3.98 -24.76 -12.41
CA CYS A 78 -4.52 -23.88 -13.41
C CYS A 78 -3.41 -23.20 -14.19
N PRO A 79 -3.48 -23.17 -15.51
CA PRO A 79 -2.47 -22.40 -16.27
C PRO A 79 -2.57 -20.92 -15.96
N ALA A 80 -1.42 -20.31 -15.74
CA ALA A 80 -1.33 -18.89 -15.45
C ALA A 80 -1.37 -18.01 -16.69
N ASP A 81 -1.43 -18.62 -17.88
CA ASP A 81 -1.43 -17.87 -19.13
C ASP A 81 -2.81 -17.78 -19.76
N VAL A 82 -3.85 -18.21 -19.03
CA VAL A 82 -5.24 -18.01 -19.44
C VAL A 82 -6.04 -17.57 -18.23
N CYS A 83 -7.30 -17.23 -18.46
CA CYS A 83 -8.18 -16.80 -17.39
C CYS A 83 -8.78 -17.99 -16.63
N GLY A 84 -9.22 -17.69 -15.41
CA GLY A 84 -10.03 -18.60 -14.64
C GLY A 84 -11.31 -19.03 -15.33
N PRO A 85 -12.06 -18.08 -15.90
CA PRO A 85 -13.24 -18.46 -16.68
C PRO A 85 -12.93 -19.34 -17.88
N LEU A 86 -11.84 -19.08 -18.59
CA LEU A 86 -11.46 -19.93 -19.72
C LEU A 86 -11.14 -21.35 -19.25
N TYR A 87 -10.30 -21.46 -18.22
CA TYR A 87 -9.97 -22.78 -17.71
C TYR A 87 -11.20 -23.47 -17.12
N GLU A 88 -12.13 -22.70 -16.55
CA GLU A 88 -13.35 -23.28 -15.99
C GLU A 88 -14.24 -23.85 -17.09
N GLU A 89 -14.37 -23.13 -18.21
CA GLU A 89 -15.13 -23.65 -19.33
C GLU A 89 -14.48 -24.93 -19.88
N GLU A 90 -13.16 -24.94 -19.98
CA GLU A 90 -12.49 -26.14 -20.47
C GLU A 90 -12.67 -27.32 -19.50
N LEU A 91 -12.58 -27.05 -18.20
CA LEU A 91 -12.81 -28.10 -17.21
C LEU A 91 -14.25 -28.62 -17.29
N ALA A 92 -15.21 -27.71 -17.47
CA ALA A 92 -16.60 -28.12 -17.60
C ALA A 92 -16.81 -29.00 -18.81
N PHE A 93 -16.15 -28.68 -19.92
CA PHE A 93 -16.29 -29.53 -21.10
C PHE A 93 -15.64 -30.89 -20.87
N TRP A 94 -14.43 -30.91 -20.33
CA TRP A 94 -13.70 -32.16 -20.16
C TRP A 94 -14.19 -33.00 -18.98
N GLY A 95 -15.10 -32.47 -18.16
CA GLY A 95 -15.69 -33.24 -17.09
C GLY A 95 -14.95 -33.20 -15.77
N ILE A 96 -13.92 -32.38 -15.65
CA ILE A 96 -13.14 -32.31 -14.42
C ILE A 96 -13.87 -31.44 -13.41
N ASP A 97 -13.83 -31.85 -12.14
CA ASP A 97 -14.41 -31.05 -11.07
C ASP A 97 -13.53 -29.85 -10.76
N GLU A 98 -14.13 -28.66 -10.75
CA GLU A 98 -13.38 -27.45 -10.45
C GLU A 98 -12.94 -27.36 -9.00
N THR A 99 -13.47 -28.21 -8.12
CA THR A 99 -13.11 -28.20 -6.71
C THR A 99 -11.91 -29.09 -6.41
N ASP A 100 -11.29 -29.69 -7.42
CA ASP A 100 -10.06 -30.46 -7.26
C ASP A 100 -8.83 -29.59 -7.41
N VAL A 101 -9.00 -28.30 -7.73
CA VAL A 101 -7.88 -27.43 -7.98
C VAL A 101 -7.09 -27.19 -6.69
N GLU A 102 -5.77 -27.15 -6.83
CA GLU A 102 -4.88 -27.04 -5.68
C GLU A 102 -5.00 -25.65 -5.03
N PRO A 103 -4.60 -25.55 -3.75
CA PRO A 103 -4.63 -24.24 -3.08
C PRO A 103 -3.75 -23.21 -3.76
N CYS A 104 -2.67 -23.65 -4.41
CA CYS A 104 -1.78 -22.73 -5.10
C CYS A 104 -2.45 -22.08 -6.30
N CYS A 105 -3.58 -22.64 -6.76
CA CYS A 105 -4.33 -22.11 -7.87
C CYS A 105 -5.69 -21.56 -7.48
N TRP A 106 -6.22 -21.90 -6.31
CA TRP A 106 -7.61 -21.62 -6.00
C TRP A 106 -7.89 -20.11 -6.01
N MET A 107 -7.02 -19.31 -5.39
CA MET A 107 -7.29 -17.88 -5.30
C MET A 107 -7.29 -17.20 -6.67
N THR A 108 -6.29 -17.49 -7.50
CA THR A 108 -6.27 -16.84 -8.81
C THR A 108 -7.29 -17.45 -9.76
N TYR A 109 -7.78 -18.66 -9.48
CA TYR A 109 -8.81 -19.24 -10.34
C TYR A 109 -10.20 -18.70 -9.99
N ARG A 110 -10.61 -18.84 -8.73
CA ARG A 110 -11.91 -18.37 -8.27
C ARG A 110 -11.84 -16.90 -7.84
N GLN A 111 -11.42 -16.04 -8.76
CA GLN A 111 -11.24 -14.63 -8.48
C GLN A 111 -12.28 -13.78 -9.21
N HIS A 112 -12.35 -13.90 -10.53
CA HIS A 112 -13.38 -13.20 -11.28
C HIS A 112 -14.77 -13.69 -10.90
N ARG A 113 -14.92 -15.01 -10.69
CA ARG A 113 -16.21 -15.54 -10.30
C ARG A 113 -16.63 -15.04 -8.93
N ASP A 114 -15.69 -14.99 -7.98
CA ASP A 114 -16.00 -14.46 -6.66
C ASP A 114 -16.37 -12.98 -6.73
N ALA A 115 -15.64 -12.21 -7.54
CA ALA A 115 -15.98 -10.79 -7.69
C ALA A 115 -17.36 -10.63 -8.31
N GLU A 116 -17.69 -11.44 -9.31
CA GLU A 116 -18.99 -11.36 -9.96
C GLU A 116 -20.11 -11.76 -9.00
N GLU A 117 -19.87 -12.76 -8.16
CA GLU A 117 -20.90 -13.16 -7.20
C GLU A 117 -21.04 -12.15 -6.07
N ALA A 118 -19.98 -11.41 -5.76
CA ALA A 118 -20.11 -10.31 -4.81
C ALA A 118 -20.89 -9.16 -5.41
N LEU A 119 -20.59 -8.80 -6.67
CA LEU A 119 -21.27 -7.69 -7.31
C LEU A 119 -22.70 -8.02 -7.70
N ASP A 120 -23.05 -9.29 -7.81
CA ASP A 120 -24.40 -9.69 -8.17
C ASP A 120 -24.67 -11.14 -7.77
N ARG A 170 -55.74 1.83 -12.86
CA ARG A 170 -54.42 1.31 -13.17
C ARG A 170 -53.99 1.71 -14.57
N ARG A 171 -54.68 2.70 -15.16
CA ARG A 171 -54.34 3.15 -16.49
C ARG A 171 -52.96 3.80 -16.52
N TRP A 172 -52.65 4.62 -15.53
CA TRP A 172 -51.37 5.32 -15.45
C TRP A 172 -50.64 5.01 -14.15
N GLN A 173 -50.87 3.82 -13.60
CA GLN A 173 -50.14 3.44 -12.39
C GLN A 173 -48.63 3.38 -12.61
N PRO A 174 -48.12 2.85 -13.72
CA PRO A 174 -46.67 3.00 -13.99
C PRO A 174 -46.24 4.45 -14.12
N ARG A 175 -47.12 5.32 -14.61
CA ARG A 175 -46.78 6.75 -14.67
C ARG A 175 -46.64 7.34 -13.27
N ILE A 176 -47.52 6.96 -12.36
CA ILE A 176 -47.40 7.42 -10.98
C ILE A 176 -46.13 6.86 -10.35
N TRP A 177 -45.88 5.56 -10.52
CA TRP A 177 -44.69 4.93 -10.01
C TRP A 177 -43.41 5.44 -10.66
N ALA A 178 -43.52 6.16 -11.77
CA ALA A 178 -42.37 6.82 -12.37
C ALA A 178 -41.90 8.03 -11.59
N LEU A 179 -42.63 8.44 -10.54
CA LEU A 179 -42.22 9.59 -9.76
C LEU A 179 -40.86 9.38 -9.12
N PHE A 180 -40.61 8.19 -8.57
CA PHE A 180 -39.32 7.87 -7.99
C PHE A 180 -38.31 7.38 -9.04
N GLU A 181 -38.77 7.00 -10.23
CA GLU A 181 -37.91 6.32 -11.18
C GLU A 181 -36.77 7.25 -11.61
N ASP A 182 -35.80 6.67 -12.30
CA ASP A 182 -34.65 7.40 -12.81
C ASP A 182 -35.09 8.75 -13.39
N PRO A 183 -34.51 9.86 -12.92
CA PRO A 183 -34.93 11.18 -13.44
C PRO A 183 -34.78 11.31 -14.95
N TYR A 184 -33.78 10.66 -15.53
CA TYR A 184 -33.60 10.71 -16.98
C TYR A 184 -34.62 9.86 -17.72
N SER A 185 -35.24 8.89 -17.05
CA SER A 185 -36.20 8.00 -17.69
C SER A 185 -37.52 8.67 -18.01
N SER A 186 -37.67 9.97 -17.75
CA SER A 186 -38.88 10.70 -18.08
C SER A 186 -38.53 12.18 -18.18
N ARG A 187 -39.56 13.02 -18.30
CA ARG A 187 -39.41 14.47 -18.38
C ARG A 187 -39.67 15.16 -17.05
N TYR A 188 -40.79 14.83 -16.40
CA TYR A 188 -41.08 15.39 -15.09
C TYR A 188 -40.21 14.79 -14.00
N ALA A 189 -39.70 13.57 -14.20
CA ALA A 189 -38.89 12.91 -13.19
C ALA A 189 -37.61 13.70 -12.92
N ARG A 190 -37.05 14.35 -13.94
CA ARG A 190 -35.87 15.18 -13.72
C ARG A 190 -36.14 16.28 -12.70
N TYR A 191 -37.23 17.03 -12.91
CA TYR A 191 -37.58 18.10 -11.98
C TYR A 191 -37.94 17.54 -10.61
N VAL A 192 -38.62 16.40 -10.57
CA VAL A 192 -38.99 15.81 -9.29
C VAL A 192 -37.75 15.44 -8.49
N ALA A 193 -36.77 14.81 -9.16
CA ALA A 193 -35.54 14.43 -8.47
C ALA A 193 -34.74 15.65 -8.03
N PHE A 194 -34.71 16.70 -8.86
CA PHE A 194 -34.02 17.91 -8.45
C PHE A 194 -34.69 18.56 -7.24
N ALA A 195 -36.02 18.54 -7.21
CA ALA A 195 -36.75 19.08 -6.06
C ALA A 195 -36.47 18.26 -4.81
N SER A 196 -36.41 16.93 -4.95
CA SER A 196 -36.05 16.09 -3.81
C SER A 196 -34.65 16.41 -3.32
N LEU A 197 -33.70 16.58 -4.24
CA LEU A 197 -32.34 16.98 -3.86
C LEU A 197 -32.36 18.26 -3.05
N PHE A 198 -33.05 19.29 -3.58
CA PHE A 198 -33.06 20.58 -2.92
C PHE A 198 -33.71 20.50 -1.55
N PHE A 199 -34.82 19.78 -1.43
CA PHE A 199 -35.54 19.73 -0.16
C PHE A 199 -34.77 18.92 0.87
N ILE A 200 -34.15 17.81 0.46
CA ILE A 200 -33.33 17.04 1.40
C ILE A 200 -32.17 17.88 1.92
N LEU A 201 -31.50 18.60 1.02
CA LEU A 201 -30.38 19.43 1.44
C LEU A 201 -30.86 20.54 2.38
N VAL A 202 -32.00 21.15 2.07
CA VAL A 202 -32.53 22.21 2.91
C VAL A 202 -32.90 21.68 4.29
N SER A 203 -33.47 20.47 4.34
CA SER A 203 -33.83 19.89 5.63
C SER A 203 -32.58 19.59 6.47
N ILE A 204 -31.54 19.06 5.84
CA ILE A 204 -30.29 18.82 6.56
C ILE A 204 -29.70 20.13 7.07
N THR A 205 -29.73 21.17 6.24
CA THR A 205 -29.20 22.47 6.65
C THR A 205 -30.00 23.04 7.81
N THR A 206 -31.33 22.91 7.76
CA THR A 206 -32.16 23.41 8.84
C THR A 206 -31.90 22.65 10.14
N PHE A 207 -31.70 21.33 10.04
CA PHE A 207 -31.32 20.55 11.22
C PHE A 207 -30.02 21.08 11.83
N CYS A 208 -28.98 21.22 11.02
CA CYS A 208 -27.69 21.67 11.53
C CYS A 208 -27.80 23.08 12.11
N LEU A 209 -28.57 23.96 11.47
CA LEU A 209 -28.77 25.30 12.02
C LEU A 209 -29.56 25.25 13.32
N GLU A 210 -30.49 24.30 13.43
CA GLU A 210 -31.28 24.15 14.65
C GLU A 210 -30.37 23.79 15.81
N THR A 211 -29.34 22.98 15.56
CA THR A 211 -28.42 22.67 16.64
C THR A 211 -27.53 23.84 17.03
N HIS A 212 -27.51 24.92 16.25
CA HIS A 212 -26.62 26.04 16.51
C HIS A 212 -27.16 26.91 17.65
N GLU A 213 -26.36 27.91 18.03
CA GLU A 213 -26.69 28.81 19.13
C GLU A 213 -27.12 30.18 18.66
N ARG A 214 -26.67 30.64 17.49
CA ARG A 214 -27.11 31.92 16.95
C ARG A 214 -28.60 31.91 16.63
N PHE A 215 -29.13 30.78 16.19
CA PHE A 215 -30.53 30.64 15.85
C PHE A 215 -31.37 30.12 17.01
N ASN A 216 -30.78 29.97 18.19
CA ASN A 216 -31.45 29.42 19.37
C ASN A 216 -31.11 30.33 20.54
N PRO A 217 -31.81 31.46 20.65
CA PRO A 217 -31.52 32.43 21.72
C PRO A 217 -32.30 32.12 22.99
N ILE A 218 -31.87 32.75 24.08
CA ILE A 218 -32.51 32.58 25.39
C ILE A 218 -33.41 33.80 25.59
N VAL A 219 -34.65 33.69 25.14
CA VAL A 219 -35.66 34.70 25.38
C VAL A 219 -36.23 34.53 26.78
N ASN A 220 -36.64 35.64 27.39
CA ASN A 220 -37.18 35.61 28.74
C ASN A 220 -38.56 34.97 28.73
N LYS A 221 -38.73 33.91 29.51
CA LYS A 221 -40.01 33.22 29.59
C LYS A 221 -40.02 32.36 30.84
N THR A 222 -41.19 31.82 31.15
CA THR A 222 -41.36 30.94 32.30
C THR A 222 -40.49 29.69 32.15
N TYR A 236 -37.03 33.54 34.43
CA TYR A 236 -36.19 32.61 33.69
C TYR A 236 -36.05 33.04 32.24
N ARG A 237 -35.04 32.49 31.56
CA ARG A 237 -34.79 32.76 30.14
C ARG A 237 -34.58 31.42 29.44
N GLU A 238 -35.68 30.78 29.05
CA GLU A 238 -35.59 29.51 28.34
C GLU A 238 -35.12 29.74 26.91
N ALA A 239 -34.26 28.85 26.42
CA ALA A 239 -33.75 28.93 25.07
C ALA A 239 -34.69 28.18 24.13
N GLU A 240 -35.27 28.91 23.17
CA GLU A 240 -36.18 28.34 22.19
C GLU A 240 -35.63 28.57 20.79
N THR A 241 -35.77 27.57 19.92
CA THR A 241 -35.34 27.68 18.54
C THR A 241 -36.23 28.65 17.77
N GLU A 242 -35.62 29.44 16.90
CA GLU A 242 -36.36 30.39 16.08
C GLU A 242 -37.41 29.66 15.24
N ALA A 243 -38.61 30.24 15.17
CA ALA A 243 -39.74 29.58 14.53
C ALA A 243 -39.62 29.50 13.02
N PHE A 244 -38.77 30.33 12.39
CA PHE A 244 -38.64 30.26 10.93
C PHE A 244 -38.00 28.95 10.50
N LEU A 245 -37.11 28.39 11.31
CA LEU A 245 -36.57 27.07 11.03
C LEU A 245 -37.67 26.03 11.05
N THR A 246 -38.59 26.13 12.02
CA THR A 246 -39.70 25.19 12.09
C THR A 246 -40.63 25.35 10.89
N TYR A 247 -40.84 26.59 10.44
CA TYR A 247 -41.67 26.80 9.24
C TYR A 247 -41.02 26.18 8.01
N ILE A 248 -39.71 26.36 7.85
CA ILE A 248 -39.01 25.74 6.74
C ILE A 248 -39.11 24.22 6.81
N GLU A 249 -38.94 23.66 8.01
CA GLU A 249 -39.11 22.23 8.20
C GLU A 249 -40.52 21.79 7.84
N GLY A 250 -41.52 22.62 8.15
CA GLY A 250 -42.89 22.28 7.80
C GLY A 250 -43.12 22.23 6.31
N VAL A 251 -42.53 23.19 5.57
CA VAL A 251 -42.63 23.17 4.12
C VAL A 251 -41.95 21.91 3.56
N CYS A 252 -40.76 21.59 4.07
CA CYS A 252 -40.07 20.38 3.63
C CYS A 252 -40.91 19.15 3.93
N VAL A 253 -41.58 19.12 5.09
CA VAL A 253 -42.35 17.96 5.49
C VAL A 253 -43.58 17.80 4.61
N VAL A 254 -44.23 18.90 4.24
CA VAL A 254 -45.40 18.76 3.36
C VAL A 254 -44.98 18.26 1.99
N TRP A 255 -43.84 18.74 1.47
CA TRP A 255 -43.34 18.19 0.22
C TRP A 255 -43.03 16.70 0.36
N PHE A 256 -42.35 16.32 1.45
CA PHE A 256 -41.95 14.93 1.60
C PHE A 256 -43.15 14.01 1.80
N THR A 257 -44.19 14.49 2.47
CA THR A 257 -45.39 13.67 2.64
C THR A 257 -46.17 13.57 1.35
N PHE A 258 -46.16 14.61 0.51
CA PHE A 258 -46.72 14.48 -0.82
C PHE A 258 -45.97 13.39 -1.60
N GLU A 259 -44.65 13.43 -1.56
CA GLU A 259 -43.86 12.43 -2.29
C GLU A 259 -44.12 11.03 -1.74
N PHE A 260 -44.21 10.90 -0.43
CA PHE A 260 -44.44 9.58 0.18
C PHE A 260 -45.81 9.04 -0.20
N LEU A 261 -46.84 9.87 -0.18
CA LEU A 261 -48.17 9.41 -0.58
C LEU A 261 -48.19 9.03 -2.05
N MET A 262 -47.53 9.83 -2.91
CA MET A 262 -47.50 9.51 -4.32
C MET A 262 -46.78 8.19 -4.58
N ARG A 263 -45.74 7.89 -3.80
CA ARG A 263 -45.06 6.61 -3.97
C ARG A 263 -45.85 5.45 -3.34
N VAL A 264 -46.61 5.71 -2.28
CA VAL A 264 -47.41 4.67 -1.67
C VAL A 264 -48.63 4.33 -2.52
N ILE A 265 -49.06 5.26 -3.38
CA ILE A 265 -50.17 4.98 -4.29
C ILE A 265 -49.88 3.73 -5.11
N PHE A 266 -48.66 3.63 -5.63
CA PHE A 266 -48.22 2.45 -6.40
C PHE A 266 -47.20 1.71 -5.54
N CYS A 267 -47.63 0.61 -4.93
CA CYS A 267 -46.78 -0.19 -4.03
C CYS A 267 -46.88 -1.65 -4.41
N PRO A 268 -46.32 -2.04 -5.57
CA PRO A 268 -46.22 -3.47 -5.88
C PRO A 268 -45.28 -4.16 -4.92
N ASN A 269 -45.61 -5.41 -4.58
CA ASN A 269 -44.85 -6.18 -3.60
C ASN A 269 -44.71 -5.40 -2.30
N LYS A 270 -45.86 -5.18 -1.65
CA LYS A 270 -45.89 -4.36 -0.45
C LYS A 270 -44.98 -4.91 0.65
N VAL A 271 -44.78 -6.23 0.69
CA VAL A 271 -43.86 -6.79 1.67
C VAL A 271 -42.45 -6.26 1.44
N GLU A 272 -42.00 -6.29 0.19
CA GLU A 272 -40.67 -5.74 -0.13
C GLU A 272 -40.63 -4.24 0.07
N PHE A 273 -41.73 -3.55 -0.25
CA PHE A 273 -41.74 -2.10 -0.07
C PHE A 273 -41.58 -1.72 1.39
N ILE A 274 -42.28 -2.43 2.29
CA ILE A 274 -42.11 -2.21 3.72
C ILE A 274 -40.70 -2.59 4.15
N LYS A 275 -40.18 -3.72 3.66
CA LYS A 275 -38.84 -4.15 4.04
C LYS A 275 -37.76 -3.22 3.52
N ASN A 276 -38.09 -2.35 2.56
CA ASN A 276 -37.09 -1.46 2.00
C ASN A 276 -36.64 -0.42 3.02
N SER A 277 -35.33 -0.41 3.29
CA SER A 277 -34.78 0.46 4.32
C SER A 277 -34.92 1.92 3.96
N LEU A 278 -34.87 2.26 2.67
CA LEU A 278 -34.99 3.67 2.28
C LEU A 278 -36.38 4.22 2.62
N ASN A 279 -37.42 3.47 2.28
CA ASN A 279 -38.77 3.90 2.64
C ASN A 279 -39.00 3.84 4.14
N ILE A 280 -38.39 2.88 4.84
CA ILE A 280 -38.45 2.88 6.29
C ILE A 280 -37.86 4.17 6.85
N ILE A 281 -36.71 4.59 6.31
CA ILE A 281 -36.06 5.81 6.75
C ILE A 281 -36.94 7.02 6.46
N ASP A 282 -37.56 7.03 5.28
CA ASP A 282 -38.42 8.16 4.92
C ASP A 282 -39.60 8.29 5.87
N PHE A 283 -40.26 7.17 6.19
CA PHE A 283 -41.36 7.21 7.14
C PHE A 283 -40.89 7.63 8.53
N VAL A 284 -39.75 7.08 8.98
CA VAL A 284 -39.24 7.43 10.31
C VAL A 284 -38.87 8.90 10.37
N ALA A 285 -38.40 9.47 9.26
CA ALA A 285 -38.05 10.88 9.24
C ALA A 285 -39.28 11.78 9.13
N ILE A 286 -40.37 11.27 8.54
CA ILE A 286 -41.58 12.07 8.43
C ILE A 286 -42.46 12.00 9.67
N LEU A 287 -42.33 10.96 10.47
CA LEU A 287 -43.13 10.87 11.70
C LEU A 287 -42.88 12.02 12.66
N PRO A 288 -41.64 12.36 13.01
CA PRO A 288 -41.42 13.28 14.15
C PRO A 288 -42.08 14.64 14.01
N PHE A 289 -42.20 15.19 12.79
CA PHE A 289 -42.85 16.49 12.67
C PHE A 289 -44.32 16.42 13.05
N TYR A 290 -45.02 15.39 12.58
CA TYR A 290 -46.43 15.24 12.92
C TYR A 290 -46.61 14.85 14.38
N LEU A 291 -45.72 14.03 14.92
CA LEU A 291 -45.78 13.71 16.35
C LEU A 291 -45.55 14.96 17.19
N GLU A 292 -44.67 15.85 16.75
CA GLU A 292 -44.45 17.11 17.44
C GLU A 292 -45.67 18.01 17.36
N VAL A 293 -46.29 18.09 16.19
CA VAL A 293 -47.48 18.92 16.03
C VAL A 293 -48.60 18.42 16.94
N GLY A 294 -48.80 17.11 16.99
CA GLY A 294 -49.81 16.57 17.88
C GLY A 294 -49.46 16.75 19.34
N LEU A 295 -48.17 16.61 19.69
CA LEU A 295 -47.75 16.72 21.07
C LEU A 295 -47.95 18.13 21.62
N SER A 296 -47.69 19.15 20.81
CA SER A 296 -47.78 20.52 21.29
C SER A 296 -49.19 20.88 21.74
N GLY A 297 -50.20 20.18 21.24
CA GLY A 297 -51.56 20.46 21.70
C GLY A 297 -51.73 20.16 23.18
N LEU A 298 -51.12 19.08 23.65
CA LEU A 298 -51.22 18.66 25.05
C LEU A 298 -50.04 19.23 25.82
N SER A 299 -50.33 20.04 26.85
CA SER A 299 -49.31 20.70 27.66
C SER A 299 -49.14 19.90 28.95
N SER A 300 -48.25 18.92 28.93
CA SER A 300 -47.94 18.11 30.09
C SER A 300 -46.42 17.94 30.20
N LYS A 301 -45.97 17.61 31.40
CA LYS A 301 -44.53 17.38 31.60
C LYS A 301 -44.07 16.16 30.80
N ALA A 302 -44.86 15.08 30.83
CA ALA A 302 -44.53 13.92 30.02
C ALA A 302 -44.54 14.28 28.54
N ALA A 303 -45.44 15.19 28.13
CA ALA A 303 -45.41 15.69 26.76
C ALA A 303 -44.10 16.40 26.47
N LYS A 304 -43.58 17.17 27.43
CA LYS A 304 -42.31 17.84 27.23
C LYS A 304 -41.17 16.83 27.10
N ASP A 305 -41.20 15.77 27.91
CA ASP A 305 -40.16 14.74 27.80
C ASP A 305 -40.21 14.04 26.46
N VAL A 306 -41.42 13.71 25.98
CA VAL A 306 -41.55 13.09 24.68
C VAL A 306 -41.12 14.06 23.58
N LEU A 307 -41.37 15.37 23.78
CA LEU A 307 -40.90 16.37 22.83
C LEU A 307 -39.37 16.37 22.75
N GLY A 308 -38.71 16.31 23.90
CA GLY A 308 -37.25 16.22 23.91
C GLY A 308 -36.75 14.97 23.23
N PHE A 309 -37.41 13.83 23.48
CA PHE A 309 -37.02 12.60 22.79
C PHE A 309 -37.23 12.74 21.29
N LEU A 310 -38.29 13.42 20.86
CA LEU A 310 -38.52 13.65 19.44
C LEU A 310 -37.42 14.54 18.86
N ARG A 311 -36.97 15.53 19.63
CA ARG A 311 -35.84 16.34 19.19
C ARG A 311 -34.59 15.48 18.99
N VAL A 312 -34.36 14.53 19.89
CA VAL A 312 -33.27 13.58 19.67
C VAL A 312 -33.50 12.76 18.41
N VAL A 313 -34.74 12.30 18.22
CA VAL A 313 -35.06 11.42 17.09
C VAL A 313 -34.88 12.14 15.76
N ARG A 314 -35.04 13.46 15.75
CA ARG A 314 -34.94 14.22 14.49
C ARG A 314 -33.61 14.03 13.77
N PHE A 315 -32.64 13.34 14.36
CA PHE A 315 -31.39 13.08 13.67
C PHE A 315 -31.58 12.20 12.43
N VAL A 316 -32.72 11.52 12.30
CA VAL A 316 -32.97 10.67 11.15
C VAL A 316 -33.13 11.47 9.86
N ARG A 317 -33.18 12.79 9.94
CA ARG A 317 -33.33 13.61 8.74
C ARG A 317 -32.07 13.61 7.89
N ILE A 318 -30.90 13.38 8.49
CA ILE A 318 -29.67 13.32 7.72
C ILE A 318 -29.49 11.99 7.00
N LEU A 319 -30.27 10.97 7.37
CA LEU A 319 -30.18 9.67 6.72
C LEU A 319 -30.89 9.66 5.36
N ARG A 320 -31.62 10.72 5.02
CA ARG A 320 -32.28 10.81 3.72
C ARG A 320 -31.29 11.02 2.58
N ILE A 321 -30.03 11.31 2.88
CA ILE A 321 -29.05 11.54 1.82
C ILE A 321 -28.64 10.23 1.15
N PHE A 322 -28.90 9.10 1.81
CA PHE A 322 -28.59 7.82 1.18
C PHE A 322 -29.54 7.50 0.04
N LYS A 323 -30.76 8.04 0.09
CA LYS A 323 -31.64 7.97 -1.07
C LYS A 323 -30.98 8.63 -2.27
N LEU A 324 -30.32 9.77 -2.06
CA LEU A 324 -29.69 10.50 -3.15
C LEU A 324 -28.42 9.79 -3.62
N THR A 325 -27.64 9.26 -2.69
CA THR A 325 -26.37 8.64 -3.02
C THR A 325 -26.49 7.15 -3.36
N ARG A 326 -27.71 6.59 -3.35
CA ARG A 326 -27.87 5.16 -3.61
C ARG A 326 -27.45 4.80 -5.03
N HIS A 327 -27.55 5.73 -5.96
CA HIS A 327 -27.27 5.45 -7.36
C HIS A 327 -25.79 5.52 -7.70
N PHE A 328 -24.95 6.02 -6.79
CA PHE A 328 -23.53 6.09 -7.08
C PHE A 328 -22.88 4.71 -7.07
N VAL A 329 -22.10 4.44 -8.11
CA VAL A 329 -21.56 3.11 -8.30
C VAL A 329 -20.51 2.82 -7.25
N GLY A 330 -19.73 3.84 -6.87
CA GLY A 330 -18.74 3.62 -5.85
C GLY A 330 -19.36 3.29 -4.51
N LEU A 331 -20.53 3.86 -4.22
CA LEU A 331 -21.23 3.53 -2.99
C LEU A 331 -21.77 2.10 -3.03
N ARG A 332 -22.27 1.67 -4.19
CA ARG A 332 -22.71 0.27 -4.30
C ARG A 332 -21.53 -0.69 -4.16
N VAL A 333 -20.39 -0.35 -4.78
CA VAL A 333 -19.19 -1.17 -4.65
C VAL A 333 -18.72 -1.21 -3.19
N LEU A 334 -18.81 -0.08 -2.49
CA LEU A 334 -18.40 -0.07 -1.08
C LEU A 334 -19.32 -0.95 -0.25
N GLY A 335 -20.62 -0.93 -0.54
CA GLY A 335 -21.53 -1.84 0.15
C GLY A 335 -21.19 -3.29 -0.10
N HIS A 336 -20.88 -3.62 -1.36
CA HIS A 336 -20.48 -4.99 -1.69
C HIS A 336 -19.20 -5.38 -0.95
N THR A 337 -18.23 -4.45 -0.87
CA THR A 337 -16.99 -4.74 -0.17
C THR A 337 -17.22 -4.95 1.32
N LEU A 338 -18.06 -4.12 1.93
CA LEU A 338 -18.38 -4.31 3.33
C LEU A 338 -19.05 -5.66 3.56
N ARG A 339 -19.94 -6.05 2.67
CA ARG A 339 -20.63 -7.33 2.83
C ARG A 339 -19.68 -8.51 2.61
N ALA A 340 -18.66 -8.34 1.76
CA ALA A 340 -17.74 -9.43 1.44
C ALA A 340 -16.51 -9.49 2.34
N SER A 341 -16.23 -8.45 3.14
CA SER A 341 -15.07 -8.43 4.01
C SER A 341 -15.45 -8.46 5.49
N THR A 342 -16.50 -9.22 5.82
CA THR A 342 -16.92 -9.33 7.22
C THR A 342 -15.84 -9.98 8.06
N ASN A 343 -15.18 -11.02 7.53
CA ASN A 343 -14.13 -11.70 8.27
C ASN A 343 -12.96 -10.77 8.55
N GLU A 344 -12.58 -9.95 7.57
CA GLU A 344 -11.47 -9.03 7.77
C GLU A 344 -11.84 -7.90 8.72
N PHE A 345 -13.09 -7.44 8.69
CA PHE A 345 -13.52 -6.43 9.66
C PHE A 345 -13.51 -7.01 11.07
N LEU A 346 -13.97 -8.25 11.24
CA LEU A 346 -13.89 -8.89 12.55
C LEU A 346 -12.45 -9.07 12.99
N LEU A 347 -11.56 -9.41 12.06
CA LEU A 347 -10.14 -9.52 12.37
C LEU A 347 -9.58 -8.20 12.88
N LEU A 348 -9.92 -7.10 12.19
CA LEU A 348 -9.47 -5.78 12.62
C LEU A 348 -10.01 -5.44 14.00
N ILE A 349 -11.30 -5.73 14.24
CA ILE A 349 -11.91 -5.43 15.53
C ILE A 349 -11.22 -6.21 16.65
N ILE A 350 -10.94 -7.49 16.43
CA ILE A 350 -10.31 -8.31 17.46
C ILE A 350 -8.89 -7.83 17.72
N PHE A 351 -8.14 -7.52 16.66
CA PHE A 351 -6.79 -7.00 16.84
C PHE A 351 -6.80 -5.71 17.66
N LEU A 352 -7.71 -4.79 17.32
CA LEU A 352 -7.79 -3.53 18.04
C LEU A 352 -8.18 -3.75 19.49
N ALA A 353 -9.15 -4.63 19.75
CA ALA A 353 -9.57 -4.86 21.13
C ALA A 353 -8.44 -5.45 21.98
N LEU A 354 -7.74 -6.44 21.44
CA LEU A 354 -6.63 -7.04 22.17
C LEU A 354 -5.53 -6.03 22.44
N GLY A 355 -5.16 -5.25 21.41
CA GLY A 355 -4.13 -4.25 21.61
C GLY A 355 -4.54 -3.19 22.62
N VAL A 356 -5.78 -2.73 22.54
CA VAL A 356 -6.25 -1.68 23.45
C VAL A 356 -6.21 -2.17 24.88
N LEU A 357 -6.71 -3.39 25.12
CA LEU A 357 -6.68 -3.94 26.47
C LEU A 357 -5.24 -4.07 26.98
N ILE A 358 -4.37 -4.69 26.18
CA ILE A 358 -3.01 -4.97 26.64
C ILE A 358 -2.28 -3.67 26.93
N PHE A 359 -2.38 -2.70 26.01
CA PHE A 359 -1.59 -1.48 26.17
C PHE A 359 -2.19 -0.55 27.23
N ALA A 360 -3.50 -0.58 27.44
CA ALA A 360 -4.07 0.16 28.56
C ALA A 360 -3.56 -0.38 29.89
N THR A 361 -3.56 -1.71 30.05
CA THR A 361 -3.02 -2.29 31.27
C THR A 361 -1.54 -1.96 31.43
N MET A 362 -0.77 -2.09 30.35
CA MET A 362 0.66 -1.86 30.43
C MET A 362 0.98 -0.41 30.77
N ILE A 363 0.26 0.56 30.17
CA ILE A 363 0.54 1.96 30.48
C ILE A 363 0.09 2.30 31.88
N TYR A 364 -1.03 1.71 32.34
CA TYR A 364 -1.46 1.93 33.71
C TYR A 364 -0.40 1.48 34.70
N TYR A 365 0.21 0.32 34.45
CA TYR A 365 1.18 -0.19 35.41
C TYR A 365 2.55 0.46 35.24
N ALA A 366 2.90 0.88 34.02
CA ALA A 366 4.18 1.53 33.77
C ALA A 366 4.22 2.98 34.23
N GLU A 367 3.07 3.64 34.33
CA GLU A 367 3.05 5.03 34.76
C GLU A 367 3.14 5.20 36.27
N ARG A 368 3.24 4.11 37.03
CA ARG A 368 3.46 4.19 38.48
C ARG A 368 4.51 3.17 38.91
N ILE A 369 5.61 3.11 38.16
CA ILE A 369 6.74 2.27 38.57
C ILE A 369 7.48 2.96 39.71
N GLY A 370 7.63 2.24 40.81
CA GLY A 370 8.28 2.79 41.99
C GLY A 370 7.35 3.57 42.92
N ALA A 371 6.07 3.65 42.61
CA ALA A 371 5.14 4.35 43.47
C ALA A 371 4.87 3.52 44.73
N GLN A 372 4.45 4.21 45.79
CA GLN A 372 4.18 3.51 47.08
C GLN A 372 2.93 2.64 46.95
N PRO A 373 2.76 1.59 47.78
CA PRO A 373 1.62 0.66 47.65
C PRO A 373 0.26 1.35 47.76
N ASN A 374 0.12 2.33 48.66
CA ASN A 374 -1.21 2.95 48.89
C ASN A 374 -1.10 4.47 49.01
N ASP A 375 -0.05 5.08 48.44
CA ASP A 375 0.04 6.53 48.46
C ASP A 375 -1.02 7.12 47.53
N PRO A 376 -1.93 7.96 48.01
CA PRO A 376 -2.93 8.56 47.10
C PRO A 376 -2.32 9.39 46.00
N SER A 377 -1.11 9.90 46.17
CA SER A 377 -0.42 10.67 45.14
C SER A 377 0.14 9.79 44.03
N ALA A 378 -0.15 8.49 44.04
CA ALA A 378 0.33 7.61 42.98
C ALA A 378 -0.26 8.00 41.64
N SER A 379 -1.55 8.35 41.62
CA SER A 379 -2.26 8.66 40.39
C SER A 379 -2.37 10.16 40.14
N GLU A 380 -1.64 10.98 40.91
CA GLU A 380 -1.80 12.42 40.84
C GLU A 380 -0.99 13.05 39.71
N HIS A 381 0.10 12.40 39.30
CA HIS A 381 1.00 12.93 38.28
C HIS A 381 0.83 12.24 36.93
N THR A 382 -0.33 11.63 36.68
CA THR A 382 -0.55 10.83 35.49
C THR A 382 -1.93 11.13 34.93
N HIS A 383 -2.05 11.00 33.60
CA HIS A 383 -3.35 10.98 32.96
C HIS A 383 -4.05 9.64 33.06
N PHE A 384 -3.32 8.59 33.46
CA PHE A 384 -3.84 7.22 33.45
C PHE A 384 -4.25 6.86 34.87
N LYS A 385 -5.41 7.37 35.29
CA LYS A 385 -5.92 7.08 36.62
C LYS A 385 -6.47 5.67 36.71
N ASN A 386 -6.79 5.04 35.58
CA ASN A 386 -7.30 3.67 35.56
C ASN A 386 -7.02 3.07 34.19
N ILE A 387 -7.55 1.88 33.96
CA ILE A 387 -7.36 1.13 32.71
C ILE A 387 -8.39 1.54 31.65
N PRO A 388 -9.67 1.75 32.01
CA PRO A 388 -10.62 2.19 30.98
C PRO A 388 -10.23 3.47 30.27
N ILE A 389 -9.59 4.42 30.96
CA ILE A 389 -9.12 5.62 30.27
C ILE A 389 -7.92 5.28 29.38
N GLY A 390 -7.10 4.32 29.81
CA GLY A 390 -6.05 3.82 28.94
C GLY A 390 -6.58 3.17 27.69
N PHE A 391 -7.81 2.65 27.73
CA PHE A 391 -8.42 2.14 26.50
C PHE A 391 -8.49 3.24 25.44
N TRP A 392 -8.99 4.41 25.83
CA TRP A 392 -9.10 5.53 24.91
C TRP A 392 -7.72 6.02 24.47
N TRP A 393 -6.80 6.15 25.42
CA TRP A 393 -5.45 6.53 25.04
C TRP A 393 -4.86 5.55 24.05
N ALA A 394 -5.09 4.25 24.27
CA ALA A 394 -4.50 3.23 23.43
C ALA A 394 -5.06 3.26 22.03
N VAL A 395 -6.38 3.43 21.89
CA VAL A 395 -6.95 3.50 20.55
C VAL A 395 -6.45 4.74 19.83
N VAL A 396 -6.37 5.87 20.54
CA VAL A 396 -5.90 7.11 19.91
C VAL A 396 -4.45 6.97 19.48
N THR A 397 -3.63 6.28 20.28
CA THR A 397 -2.22 6.13 19.95
C THR A 397 -2.00 5.11 18.83
N MET A 398 -2.77 4.03 18.84
CA MET A 398 -2.61 2.99 17.82
C MET A 398 -3.11 3.46 16.46
N THR A 399 -4.15 4.28 16.41
CA THR A 399 -4.58 4.81 15.12
C THR A 399 -3.66 5.91 14.60
N THR A 400 -2.58 6.23 15.32
CA THR A 400 -1.72 7.37 15.02
C THR A 400 -2.53 8.66 14.91
N LEU A 401 -3.62 8.72 15.68
CA LEU A 401 -4.38 9.97 15.81
C LEU A 401 -3.60 10.98 16.65
N GLY A 402 -3.34 10.64 17.91
CA GLY A 402 -2.56 11.47 18.79
C GLY A 402 -3.20 12.81 19.08
N TYR A 403 -4.33 12.78 19.80
CA TYR A 403 -4.95 14.04 20.21
C TYR A 403 -4.05 14.82 21.16
N GLY A 404 -3.40 14.12 22.09
CA GLY A 404 -2.55 14.77 23.08
C GLY A 404 -3.24 15.12 24.36
N ASP A 405 -4.53 14.80 24.51
CA ASP A 405 -5.22 15.03 25.77
C ASP A 405 -4.64 14.19 26.89
N MET A 406 -4.13 13.00 26.59
CA MET A 406 -3.47 12.16 27.56
C MET A 406 -2.28 11.46 26.92
N TYR A 407 -1.11 11.60 27.53
CA TYR A 407 0.12 11.02 27.04
C TYR A 407 0.95 10.58 28.23
N PRO A 408 1.90 9.66 28.03
CA PRO A 408 2.81 9.28 29.11
C PRO A 408 3.75 10.42 29.48
N GLN A 409 4.11 10.46 30.78
CA GLN A 409 5.04 11.45 31.30
C GLN A 409 6.20 10.80 32.04
N THR A 410 6.40 9.49 31.88
CA THR A 410 7.46 8.75 32.55
C THR A 410 8.24 7.98 31.49
N TRP A 411 9.49 7.66 31.80
CA TRP A 411 10.31 6.94 30.82
C TRP A 411 9.70 5.60 30.44
N SER A 412 9.20 4.84 31.42
CA SER A 412 8.57 3.57 31.13
C SER A 412 7.27 3.75 30.35
N GLY A 413 6.48 4.78 30.72
CA GLY A 413 5.27 5.05 29.96
C GLY A 413 5.55 5.44 28.53
N MET A 414 6.66 6.15 28.30
CA MET A 414 7.03 6.51 26.93
C MET A 414 7.50 5.29 26.14
N LEU A 415 8.21 4.38 26.79
CA LEU A 415 8.53 3.10 26.15
C LEU A 415 7.26 2.36 25.74
N VAL A 416 6.30 2.29 26.67
CA VAL A 416 5.04 1.61 26.38
C VAL A 416 4.29 2.33 25.25
N GLY A 417 4.34 3.66 25.23
CA GLY A 417 3.64 4.39 24.18
C GLY A 417 4.26 4.18 22.81
N ALA A 418 5.59 4.12 22.74
CA ALA A 418 6.24 3.79 21.48
C ALA A 418 5.84 2.40 21.01
N LEU A 419 5.86 1.43 21.93
CA LEU A 419 5.39 0.09 21.59
C LEU A 419 3.96 0.13 21.07
N CYS A 420 3.09 0.91 21.74
CA CYS A 420 1.69 0.98 21.36
C CYS A 420 1.53 1.56 19.96
N ALA A 421 2.28 2.62 19.66
CA ALA A 421 2.18 3.24 18.34
C ALA A 421 2.62 2.27 17.25
N LEU A 422 3.77 1.60 17.44
CA LEU A 422 4.24 0.68 16.42
C LEU A 422 3.28 -0.50 16.25
N ALA A 423 2.81 -1.08 17.36
CA ALA A 423 1.89 -2.20 17.28
C ALA A 423 0.57 -1.79 16.62
N GLY A 424 0.10 -0.58 16.91
CA GLY A 424 -1.11 -0.11 16.25
C GLY A 424 -0.93 0.04 14.76
N VAL A 425 0.21 0.61 14.34
CA VAL A 425 0.49 0.71 12.91
C VAL A 425 0.44 -0.67 12.26
N LEU A 426 1.11 -1.65 12.89
CA LEU A 426 1.23 -2.97 12.27
C LEU A 426 -0.12 -3.69 12.23
N THR A 427 -0.86 -3.70 13.34
CA THR A 427 -2.13 -4.40 13.39
C THR A 427 -3.27 -3.62 12.78
N ILE A 428 -3.04 -2.38 12.37
CA ILE A 428 -3.97 -1.71 11.46
C ILE A 428 -3.65 -2.04 10.00
N ALA A 429 -2.36 -2.13 9.67
CA ALA A 429 -1.95 -2.41 8.30
C ALA A 429 -1.99 -3.89 7.96
N MET A 430 -2.38 -4.77 8.90
CA MET A 430 -2.51 -6.19 8.54
C MET A 430 -3.76 -6.47 7.70
N PRO A 431 -4.99 -6.20 8.18
CA PRO A 431 -6.18 -6.59 7.38
C PRO A 431 -6.74 -5.51 6.47
N VAL A 432 -6.35 -4.26 6.75
CA VAL A 432 -6.78 -3.15 5.92
C VAL A 432 -6.33 -3.33 4.48
N PRO A 433 -5.10 -3.78 4.19
CA PRO A 433 -4.76 -4.07 2.80
C PRO A 433 -5.63 -5.13 2.14
N VAL A 434 -6.05 -6.15 2.90
CA VAL A 434 -6.95 -7.16 2.33
C VAL A 434 -8.26 -6.52 1.92
N ILE A 435 -8.84 -5.71 2.82
CA ILE A 435 -10.09 -5.03 2.50
C ILE A 435 -9.89 -4.10 1.31
N VAL A 436 -8.74 -3.43 1.24
CA VAL A 436 -8.46 -2.49 0.17
C VAL A 436 -8.40 -3.20 -1.17
N ASN A 437 -7.70 -4.35 -1.24
CA ASN A 437 -7.66 -5.09 -2.49
C ASN A 437 -9.03 -5.62 -2.88
N ASN A 438 -9.83 -6.05 -1.90
CA ASN A 438 -11.20 -6.44 -2.22
C ASN A 438 -11.95 -5.29 -2.89
N PHE A 439 -11.88 -4.09 -2.30
CA PHE A 439 -12.56 -2.94 -2.88
C PHE A 439 -12.01 -2.63 -4.26
N GLY A 440 -10.70 -2.75 -4.45
CA GLY A 440 -10.10 -2.44 -5.74
C GLY A 440 -10.60 -3.38 -6.83
N MET A 441 -10.63 -4.68 -6.54
CA MET A 441 -11.14 -5.64 -7.51
C MET A 441 -12.59 -5.36 -7.84
N TYR A 442 -13.43 -5.14 -6.82
CA TYR A 442 -14.85 -4.93 -7.09
C TYR A 442 -15.06 -3.64 -7.88
N TYR A 443 -14.32 -2.58 -7.55
CA TYR A 443 -14.44 -1.32 -8.27
C TYR A 443 -14.02 -1.49 -9.73
N SER A 444 -12.91 -2.19 -9.96
CA SER A 444 -12.46 -2.40 -11.34
C SER A 444 -13.49 -3.20 -12.13
N LEU A 445 -14.08 -4.24 -11.52
CA LEU A 445 -15.09 -5.02 -12.24
C LEU A 445 -16.31 -4.18 -12.57
N ALA A 446 -16.80 -3.39 -11.61
CA ALA A 446 -17.95 -2.55 -11.86
C ALA A 446 -17.64 -1.51 -12.94
N MET A 447 -16.44 -0.95 -12.90
CA MET A 447 -16.04 0.01 -13.91
C MET A 447 -15.96 -0.64 -15.28
N ALA A 448 -15.51 -1.90 -15.35
CA ALA A 448 -15.52 -2.60 -16.63
C ALA A 448 -16.93 -2.79 -17.14
N LYS A 449 -17.86 -3.17 -16.24
CA LYS A 449 -19.26 -3.21 -16.62
C LYS A 449 -19.73 -1.89 -17.20
N GLN A 450 -19.23 -0.78 -16.68
CA GLN A 450 -19.60 0.52 -17.24
C GLN A 450 -18.87 0.87 -18.54
N LYS A 451 -17.63 0.41 -18.71
CA LYS A 451 -16.88 0.70 -19.93
C LYS A 451 -17.30 -0.16 -21.12
N LEU A 452 -17.86 -1.35 -20.87
CA LEU A 452 -18.20 -2.29 -21.93
C LEU A 452 -19.70 -2.58 -21.84
N PRO A 453 -20.54 -1.76 -22.47
CA PRO A 453 -21.98 -2.04 -22.46
C PRO A 453 -22.30 -3.31 -23.24
N LYS A 454 -23.34 -4.00 -22.78
CA LYS A 454 -23.81 -5.18 -23.49
C LYS A 454 -24.22 -4.81 -24.92
N LYS A 455 -23.77 -5.61 -25.87
CA LYS A 455 -24.02 -5.36 -27.29
C LYS A 455 -24.47 -6.64 -27.97
N LYS A 456 -24.58 -6.62 -29.29
CA LYS A 456 -24.90 -7.83 -30.04
C LYS A 456 -23.89 -8.92 -29.72
N LYS A 457 -24.38 -10.15 -29.57
CA LYS A 457 -23.50 -11.26 -29.25
C LYS A 457 -22.42 -11.44 -30.31
N LYS A 458 -22.77 -11.25 -31.58
CA LYS A 458 -21.82 -11.33 -32.68
C LYS A 458 -21.38 -12.78 -32.93
N HIS A 459 -21.77 -13.68 -32.03
CA HIS A 459 -21.41 -15.09 -32.12
C HIS A 459 -22.68 -15.90 -32.38
N ILE A 460 -22.75 -16.56 -33.53
CA ILE A 460 -23.90 -17.39 -33.87
C ILE A 460 -23.58 -18.83 -33.47
N PRO A 461 -24.12 -19.35 -32.37
CA PRO A 461 -23.75 -20.71 -31.94
C PRO A 461 -24.21 -21.75 -32.96
N ARG A 462 -23.45 -22.84 -33.02
CA ARG A 462 -23.83 -23.94 -33.89
C ARG A 462 -25.03 -24.68 -33.29
N PRO A 463 -25.99 -25.14 -34.11
CA PRO A 463 -27.14 -25.83 -33.54
C PRO A 463 -26.77 -27.13 -32.82
N SER B 7 23.51 -39.53 -36.11
CA SER B 7 24.48 -39.30 -35.06
C SER B 7 24.28 -37.93 -34.41
N GLU B 8 24.34 -37.90 -33.08
CA GLU B 8 24.33 -36.66 -32.32
C GLU B 8 22.95 -36.00 -32.36
N ARG B 9 22.03 -36.54 -33.15
CA ARG B 9 20.67 -36.03 -33.26
C ARG B 9 19.73 -36.98 -32.53
N ILE B 10 19.06 -36.48 -31.49
CA ILE B 10 18.16 -37.28 -30.68
C ILE B 10 16.82 -36.54 -30.59
N VAL B 11 15.73 -37.29 -30.74
CA VAL B 11 14.37 -36.75 -30.69
C VAL B 11 13.71 -37.27 -29.43
N ILE B 12 13.25 -36.35 -28.57
CA ILE B 12 12.55 -36.69 -27.34
C ILE B 12 11.08 -36.35 -27.55
N ASN B 13 10.21 -37.36 -27.40
CA ASN B 13 8.77 -37.20 -27.58
C ASN B 13 8.14 -37.11 -26.19
N VAL B 14 7.79 -35.89 -25.79
CA VAL B 14 7.26 -35.63 -24.46
C VAL B 14 5.78 -35.30 -24.62
N GLY B 15 4.91 -36.27 -24.35
CA GLY B 15 3.48 -36.06 -24.46
C GLY B 15 3.01 -35.75 -25.86
N GLY B 16 3.58 -36.40 -26.86
CA GLY B 16 3.21 -36.16 -28.24
C GLY B 16 3.91 -35.01 -28.91
N THR B 17 4.76 -34.28 -28.19
CA THR B 17 5.50 -33.16 -28.74
C THR B 17 6.96 -33.59 -28.94
N ARG B 18 7.46 -33.42 -30.16
CA ARG B 18 8.80 -33.87 -30.51
C ARG B 18 9.78 -32.75 -30.19
N HIS B 19 10.66 -33.00 -29.21
CA HIS B 19 11.73 -32.09 -28.86
C HIS B 19 13.04 -32.62 -29.42
N GLN B 20 13.72 -31.79 -30.21
CA GLN B 20 14.95 -32.18 -30.90
C GLN B 20 16.11 -31.40 -30.31
N THR B 21 17.19 -32.11 -29.98
CA THR B 21 18.38 -31.48 -29.42
C THR B 21 19.57 -32.39 -29.71
N HIS B 22 20.76 -31.88 -29.42
CA HIS B 22 21.98 -32.64 -29.61
C HIS B 22 22.33 -33.50 -28.41
N ARG B 23 23.00 -34.62 -28.69
CA ARG B 23 23.40 -35.52 -27.61
C ARG B 23 24.41 -34.84 -26.70
N SER B 24 25.27 -33.99 -27.26
CA SER B 24 26.21 -33.27 -26.39
C SER B 24 25.45 -32.31 -25.49
N THR B 25 24.36 -31.73 -26.00
CA THR B 25 23.53 -30.87 -25.17
C THR B 25 22.94 -31.65 -24.00
N LEU B 26 22.47 -32.86 -24.25
CA LEU B 26 21.97 -33.68 -23.15
C LEU B 26 23.09 -34.11 -22.21
N ARG B 27 24.27 -34.41 -22.76
CA ARG B 27 25.41 -34.87 -21.97
C ARG B 27 26.03 -33.75 -21.14
N THR B 28 25.71 -32.49 -21.46
CA THR B 28 26.22 -31.38 -20.68
C THR B 28 25.94 -31.55 -19.18
N LEU B 29 24.69 -31.85 -18.82
CA LEU B 29 24.35 -32.06 -17.41
C LEU B 29 24.43 -33.55 -17.09
N PRO B 30 25.50 -34.01 -16.44
CA PRO B 30 25.66 -35.45 -16.21
C PRO B 30 24.89 -35.92 -14.99
N GLY B 31 24.62 -37.23 -14.98
CA GLY B 31 23.95 -37.86 -13.87
C GLY B 31 22.44 -37.75 -13.88
N THR B 32 21.86 -37.07 -14.87
CA THR B 32 20.42 -36.89 -14.96
C THR B 32 19.82 -37.83 -16.00
N ARG B 33 18.49 -37.83 -16.04
CA ARG B 33 17.77 -38.77 -16.89
C ARG B 33 18.04 -38.49 -18.36
N LEU B 34 18.11 -37.22 -18.74
CA LEU B 34 18.42 -36.90 -20.14
C LEU B 34 19.86 -37.27 -20.50
N ALA B 35 20.80 -37.18 -19.56
CA ALA B 35 22.13 -37.67 -19.84
C ALA B 35 22.12 -39.18 -20.05
N TRP B 36 21.42 -39.92 -19.18
CA TRP B 36 21.27 -41.35 -19.40
C TRP B 36 20.64 -41.63 -20.75
N LEU B 37 19.72 -40.75 -21.19
CA LEU B 37 19.21 -40.84 -22.54
C LEU B 37 20.31 -40.66 -23.57
N ALA B 38 21.27 -39.78 -23.27
CA ALA B 38 22.44 -39.60 -24.17
C ALA B 38 23.48 -40.69 -23.92
N GLU B 39 23.05 -41.93 -23.63
CA GLU B 39 23.99 -43.07 -23.43
C GLU B 39 23.79 -44.07 -24.57
N PRO B 40 24.82 -44.85 -25.00
CA PRO B 40 24.66 -45.74 -26.17
C PRO B 40 23.64 -46.84 -25.90
N ASP B 41 23.18 -46.96 -24.66
CA ASP B 41 22.22 -48.04 -24.30
C ASP B 41 20.83 -47.45 -24.05
N ALA B 42 20.64 -46.16 -24.30
CA ALA B 42 19.33 -45.61 -23.98
C ALA B 42 18.22 -46.39 -24.67
N HIS B 43 18.50 -46.91 -25.87
CA HIS B 43 17.48 -47.66 -26.58
C HIS B 43 17.04 -48.88 -25.78
N SER B 44 17.98 -49.53 -25.09
CA SER B 44 17.67 -50.67 -24.24
C SER B 44 17.37 -50.28 -22.79
N HIS B 45 17.50 -48.99 -22.43
CA HIS B 45 17.23 -48.55 -21.07
C HIS B 45 15.98 -47.68 -20.93
N PHE B 46 15.34 -47.28 -22.03
CA PHE B 46 14.21 -46.36 -21.97
C PHE B 46 13.13 -46.85 -22.92
N ASP B 47 12.11 -46.01 -23.11
CA ASP B 47 10.98 -46.28 -24.01
C ASP B 47 11.35 -45.76 -25.40
N TYR B 48 11.88 -46.65 -26.23
CA TYR B 48 12.36 -46.31 -27.56
C TYR B 48 11.69 -47.21 -28.58
N ASP B 49 11.24 -46.62 -29.69
CA ASP B 49 10.73 -47.36 -30.82
C ASP B 49 11.58 -47.11 -32.05
N PRO B 50 12.06 -48.16 -32.75
CA PRO B 50 12.96 -47.93 -33.88
C PRO B 50 12.27 -47.35 -35.10
N ARG B 51 10.95 -47.47 -35.22
CA ARG B 51 10.26 -46.98 -36.41
C ARG B 51 10.38 -45.46 -36.54
N ALA B 52 10.30 -44.74 -35.41
CA ALA B 52 10.39 -43.28 -35.44
C ALA B 52 11.69 -42.75 -34.88
N ASP B 53 12.53 -43.58 -34.28
CA ASP B 53 13.81 -43.16 -33.72
C ASP B 53 13.62 -42.04 -32.70
N GLU B 54 12.58 -42.17 -31.87
CA GLU B 54 12.28 -41.19 -30.84
C GLU B 54 11.97 -41.89 -29.53
N PHE B 55 12.33 -41.23 -28.43
CA PHE B 55 12.02 -41.69 -27.09
C PHE B 55 10.75 -41.00 -26.60
N PHE B 56 9.87 -41.77 -25.94
CA PHE B 56 8.60 -41.24 -25.48
C PHE B 56 8.61 -41.11 -23.97
N PHE B 57 8.32 -39.90 -23.49
CA PHE B 57 8.07 -39.63 -22.08
C PHE B 57 6.68 -39.01 -21.93
N ASP B 58 5.93 -39.47 -20.94
CA ASP B 58 4.53 -39.08 -20.81
C ASP B 58 4.43 -37.99 -19.73
N ARG B 59 4.88 -36.80 -20.11
CA ARG B 59 5.03 -35.68 -19.19
C ARG B 59 4.52 -34.41 -19.87
N HIS B 60 4.72 -33.28 -19.19
CA HIS B 60 4.28 -31.98 -19.68
C HIS B 60 5.29 -31.38 -20.66
N PRO B 61 4.92 -31.21 -21.93
CA PRO B 61 5.90 -30.68 -22.89
C PRO B 61 6.19 -29.21 -22.72
N GLY B 62 5.21 -28.44 -22.26
CA GLY B 62 5.41 -27.01 -22.10
C GLY B 62 6.50 -26.68 -21.09
N VAL B 63 6.68 -27.52 -20.07
CA VAL B 63 7.70 -27.27 -19.07
C VAL B 63 8.94 -28.10 -19.41
N PHE B 64 8.76 -29.21 -20.14
CA PHE B 64 9.95 -29.90 -20.63
C PHE B 64 10.73 -29.01 -21.57
N ALA B 65 10.06 -28.10 -22.28
CA ALA B 65 10.75 -27.12 -23.10
C ALA B 65 11.72 -26.30 -22.26
N HIS B 66 11.29 -25.90 -21.07
CA HIS B 66 12.13 -25.07 -20.20
C HIS B 66 13.25 -25.88 -19.56
N ILE B 67 12.98 -27.14 -19.20
CA ILE B 67 14.06 -27.98 -18.68
C ILE B 67 15.13 -28.20 -19.76
N LEU B 68 14.70 -28.50 -20.99
CA LEU B 68 15.66 -28.62 -22.08
C LEU B 68 16.37 -27.30 -22.34
N ASN B 69 15.69 -26.16 -22.14
CA ASN B 69 16.36 -24.88 -22.29
C ASN B 69 17.43 -24.68 -21.22
N TYR B 70 17.19 -25.19 -20.00
CA TYR B 70 18.25 -25.22 -19.00
C TYR B 70 19.43 -26.04 -19.51
N TYR B 71 19.15 -27.21 -20.06
CA TYR B 71 20.21 -28.04 -20.62
C TYR B 71 20.99 -27.29 -21.70
N ARG B 72 20.27 -26.52 -22.52
CA ARG B 72 20.89 -25.84 -23.66
C ARG B 72 21.76 -24.67 -23.20
N THR B 73 21.20 -23.76 -22.41
CA THR B 73 21.89 -22.52 -22.06
C THR B 73 22.81 -22.66 -20.86
N GLY B 74 22.37 -23.34 -19.80
CA GLY B 74 23.17 -23.50 -18.60
C GLY B 74 22.59 -22.84 -17.37
N LYS B 75 21.51 -22.09 -17.48
CA LYS B 75 20.85 -21.46 -16.35
C LYS B 75 19.43 -22.00 -16.27
N LEU B 76 19.01 -22.39 -15.07
CA LEU B 76 17.68 -22.96 -14.87
C LEU B 76 16.73 -21.87 -14.43
N HIS B 77 15.65 -21.70 -15.19
CA HIS B 77 14.61 -20.73 -14.87
C HIS B 77 13.30 -21.46 -14.67
N CYS B 78 12.29 -20.73 -14.21
CA CYS B 78 10.98 -21.31 -14.01
C CYS B 78 9.98 -20.68 -14.96
N PRO B 79 9.14 -21.48 -15.64
CA PRO B 79 8.08 -20.88 -16.47
C PRO B 79 7.09 -20.12 -15.61
N ALA B 80 6.74 -18.93 -16.07
CA ALA B 80 5.79 -18.07 -15.39
C ALA B 80 4.34 -18.44 -15.70
N ASP B 81 4.11 -19.43 -16.56
CA ASP B 81 2.76 -19.82 -16.95
C ASP B 81 2.31 -21.10 -16.25
N VAL B 82 3.07 -21.60 -15.28
CA VAL B 82 2.66 -22.70 -14.43
C VAL B 82 3.04 -22.35 -12.99
N CYS B 83 2.61 -23.21 -12.07
CA CYS B 83 2.91 -23.02 -10.65
C CYS B 83 4.31 -23.52 -10.30
N GLY B 84 4.81 -22.99 -9.18
CA GLY B 84 5.99 -23.51 -8.54
C GLY B 84 5.90 -24.97 -8.17
N PRO B 85 4.80 -25.40 -7.56
CA PRO B 85 4.63 -26.84 -7.30
C PRO B 85 4.62 -27.70 -8.55
N LEU B 86 3.99 -27.24 -9.63
CA LEU B 86 3.99 -28.00 -10.88
C LEU B 86 5.41 -28.13 -11.42
N TYR B 87 6.12 -27.00 -11.50
CA TYR B 87 7.49 -27.06 -12.01
C TYR B 87 8.38 -27.88 -11.08
N GLU B 88 8.10 -27.85 -9.76
CA GLU B 88 8.88 -28.62 -8.82
C GLU B 88 8.68 -30.12 -9.01
N GLU B 89 7.43 -30.53 -9.25
CA GLU B 89 7.17 -31.94 -9.55
C GLU B 89 7.86 -32.37 -10.84
N GLU B 90 7.82 -31.51 -11.86
CA GLU B 90 8.49 -31.87 -13.10
C GLU B 90 10.01 -31.95 -12.92
N LEU B 91 10.58 -31.02 -12.15
CA LEU B 91 12.01 -31.07 -11.86
C LEU B 91 12.37 -32.32 -11.08
N ALA B 92 11.53 -32.70 -10.11
CA ALA B 92 11.77 -33.91 -9.35
C ALA B 92 11.75 -35.14 -10.24
N PHE B 93 10.83 -35.19 -11.20
CA PHE B 93 10.79 -36.33 -12.11
C PHE B 93 12.03 -36.35 -13.00
N TRP B 94 12.38 -35.21 -13.58
CA TRP B 94 13.48 -35.15 -14.53
C TRP B 94 14.85 -35.18 -13.87
N GLY B 95 14.92 -35.11 -12.54
CA GLY B 95 16.18 -35.24 -11.83
C GLY B 95 16.94 -33.95 -11.62
N ILE B 96 16.36 -32.80 -11.96
CA ILE B 96 17.06 -31.53 -11.82
C ILE B 96 16.96 -31.06 -10.37
N ASP B 97 18.05 -30.49 -9.87
CA ASP B 97 18.05 -29.94 -8.51
C ASP B 97 17.29 -28.62 -8.49
N GLU B 98 16.34 -28.50 -7.56
CA GLU B 98 15.54 -27.28 -7.44
C GLU B 98 16.36 -26.10 -6.91
N THR B 99 17.56 -26.34 -6.40
CA THR B 99 18.40 -25.28 -5.86
C THR B 99 19.31 -24.67 -6.92
N ASP B 100 19.18 -25.08 -8.18
CA ASP B 100 19.89 -24.48 -9.29
C ASP B 100 19.12 -23.33 -9.92
N VAL B 101 17.90 -23.07 -9.44
CA VAL B 101 17.06 -22.05 -10.04
C VAL B 101 17.65 -20.68 -9.79
N GLU B 102 17.54 -19.81 -10.80
CA GLU B 102 18.14 -18.49 -10.75
C GLU B 102 17.44 -17.59 -9.74
N PRO B 103 18.12 -16.54 -9.27
CA PRO B 103 17.48 -15.59 -8.34
C PRO B 103 16.26 -14.93 -8.93
N CYS B 104 16.21 -14.75 -10.25
CA CYS B 104 15.07 -14.13 -10.90
C CYS B 104 13.83 -14.99 -10.82
N CYS B 105 14.00 -16.28 -10.49
CA CYS B 105 12.89 -17.21 -10.34
C CYS B 105 12.67 -17.70 -8.92
N TRP B 106 13.66 -17.52 -8.03
CA TRP B 106 13.60 -18.18 -6.73
C TRP B 106 12.40 -17.73 -5.91
N MET B 107 12.13 -16.42 -5.87
CA MET B 107 11.03 -15.93 -5.03
C MET B 107 9.68 -16.41 -5.52
N THR B 108 9.41 -16.32 -6.82
CA THR B 108 8.11 -16.78 -7.29
C THR B 108 8.01 -18.31 -7.33
N TYR B 109 9.14 -19.01 -7.33
CA TYR B 109 9.09 -20.47 -7.29
C TYR B 109 8.86 -20.99 -5.88
N ARG B 110 9.72 -20.61 -4.94
CA ARG B 110 9.62 -21.04 -3.54
C ARG B 110 8.71 -20.10 -2.75
N GLN B 111 7.47 -19.96 -3.22
CA GLN B 111 6.50 -19.05 -2.60
C GLN B 111 5.38 -19.82 -1.91
N HIS B 112 4.69 -20.69 -2.65
CA HIS B 112 3.67 -21.52 -2.02
C HIS B 112 4.29 -22.49 -1.02
N ARG B 113 5.45 -23.04 -1.34
CA ARG B 113 6.12 -23.95 -0.40
C ARG B 113 6.54 -23.23 0.87
N ASP B 114 7.08 -22.01 0.74
CA ASP B 114 7.43 -21.23 1.91
C ASP B 114 6.21 -20.88 2.75
N ALA B 115 5.11 -20.49 2.09
CA ALA B 115 3.89 -20.21 2.84
C ALA B 115 3.37 -21.45 3.56
N GLU B 116 3.42 -22.60 2.90
CA GLU B 116 2.95 -23.84 3.52
C GLU B 116 3.83 -24.24 4.70
N GLU B 117 5.15 -24.03 4.58
CA GLU B 117 6.04 -24.36 5.69
C GLU B 117 5.91 -23.37 6.84
N ALA B 118 5.52 -22.13 6.55
CA ALA B 118 5.21 -21.19 7.61
C ALA B 118 3.92 -21.57 8.32
N LEU B 119 2.88 -21.93 7.56
CA LEU B 119 1.60 -22.28 8.15
C LEU B 119 1.63 -23.64 8.83
N ASP B 120 2.57 -24.50 8.49
CA ASP B 120 2.66 -25.82 9.11
C ASP B 120 4.05 -26.41 8.94
N ARG B 170 -9.56 -45.14 33.90
CA ARG B 170 -9.33 -44.63 32.55
C ARG B 170 -10.49 -44.96 31.63
N ARG B 171 -11.62 -45.35 32.22
CA ARG B 171 -12.79 -45.68 31.42
C ARG B 171 -13.31 -44.46 30.65
N TRP B 172 -13.37 -43.30 31.32
CA TRP B 172 -13.88 -42.07 30.74
C TRP B 172 -12.85 -40.95 30.80
N GLN B 173 -11.56 -41.32 30.79
CA GLN B 173 -10.52 -40.29 30.77
C GLN B 173 -10.61 -39.40 29.54
N PRO B 174 -10.84 -39.91 28.33
CA PRO B 174 -11.11 -39.01 27.20
C PRO B 174 -12.35 -38.15 27.42
N ARG B 175 -13.35 -38.65 28.13
CA ARG B 175 -14.52 -37.83 28.44
C ARG B 175 -14.16 -36.67 29.36
N ILE B 176 -13.31 -36.92 30.35
CA ILE B 176 -12.84 -35.84 31.22
C ILE B 176 -12.01 -34.84 30.41
N TRP B 177 -11.07 -35.35 29.61
CA TRP B 177 -10.24 -34.49 28.76
C TRP B 177 -11.04 -33.77 27.69
N ALA B 178 -12.30 -34.17 27.46
CA ALA B 178 -13.17 -33.43 26.55
C ALA B 178 -13.66 -32.12 27.16
N LEU B 179 -13.36 -31.85 28.43
CA LEU B 179 -13.81 -30.61 29.05
C LEU B 179 -13.25 -29.39 28.32
N PHE B 180 -11.97 -29.43 27.97
CA PHE B 180 -11.37 -28.33 27.22
C PHE B 180 -11.59 -28.45 25.71
N GLU B 181 -12.00 -29.62 25.24
CA GLU B 181 -12.03 -29.87 23.80
C GLU B 181 -13.03 -28.93 23.13
N ASP B 182 -12.97 -28.90 21.79
CA ASP B 182 -13.85 -28.08 20.98
C ASP B 182 -15.27 -28.13 21.53
N PRO B 183 -15.88 -26.98 21.84
CA PRO B 183 -17.24 -26.99 22.39
C PRO B 183 -18.25 -27.69 21.51
N TYR B 184 -18.08 -27.63 20.18
CA TYR B 184 -18.99 -28.30 19.26
C TYR B 184 -18.77 -29.81 19.24
N SER B 185 -17.59 -30.28 19.66
CA SER B 185 -17.26 -31.70 19.63
C SER B 185 -18.01 -32.50 20.69
N SER B 186 -18.89 -31.88 21.47
CA SER B 186 -19.69 -32.60 22.46
C SER B 186 -20.92 -31.76 22.78
N ARG B 187 -21.68 -32.18 23.79
CA ARG B 187 -22.87 -31.48 24.23
C ARG B 187 -22.62 -30.60 25.45
N TYR B 188 -21.98 -31.14 26.48
CA TYR B 188 -21.65 -30.33 27.65
C TYR B 188 -20.50 -29.38 27.38
N ALA B 189 -19.65 -29.69 26.40
CA ALA B 189 -18.51 -28.82 26.10
C ALA B 189 -18.96 -27.44 25.65
N ARG B 190 -20.09 -27.35 24.96
CA ARG B 190 -20.62 -26.05 24.55
C ARG B 190 -20.89 -25.17 25.77
N TYR B 191 -21.61 -25.71 26.75
CA TYR B 191 -21.92 -24.95 27.96
C TYR B 191 -20.65 -24.65 28.74
N VAL B 192 -19.72 -25.60 28.80
CA VAL B 192 -18.48 -25.38 29.54
C VAL B 192 -17.70 -24.23 28.93
N ALA B 193 -17.58 -24.21 27.60
CA ALA B 193 -16.86 -23.14 26.93
C ALA B 193 -17.57 -21.79 27.09
N PHE B 194 -18.90 -21.79 27.05
CA PHE B 194 -19.62 -20.54 27.27
C PHE B 194 -19.42 -20.04 28.70
N ALA B 195 -19.40 -20.94 29.67
CA ALA B 195 -19.14 -20.54 31.05
C ALA B 195 -17.73 -19.99 31.21
N SER B 196 -16.75 -20.62 30.54
CA SER B 196 -15.39 -20.08 30.56
C SER B 196 -15.33 -18.69 29.96
N LEU B 197 -16.03 -18.48 28.83
CA LEU B 197 -16.10 -17.15 28.23
C LEU B 197 -16.65 -16.13 29.22
N PHE B 198 -17.79 -16.47 29.84
CA PHE B 198 -18.44 -15.53 30.75
C PHE B 198 -17.54 -15.22 31.95
N PHE B 199 -16.90 -16.25 32.52
CA PHE B 199 -16.11 -16.04 33.72
C PHE B 199 -14.82 -15.27 33.40
N ILE B 200 -14.19 -15.55 32.28
CA ILE B 200 -13.00 -14.79 31.89
C ILE B 200 -13.36 -13.33 31.68
N LEU B 201 -14.47 -13.06 30.98
CA LEU B 201 -14.87 -11.67 30.77
C LEU B 201 -15.20 -10.98 32.08
N VAL B 202 -15.87 -11.69 32.99
CA VAL B 202 -16.22 -11.10 34.27
C VAL B 202 -14.97 -10.80 35.08
N SER B 203 -13.98 -11.69 35.04
CA SER B 203 -12.74 -11.45 35.77
C SER B 203 -12.00 -10.24 35.21
N ILE B 204 -11.94 -10.10 33.88
CA ILE B 204 -11.30 -8.93 33.29
C ILE B 204 -12.04 -7.66 33.69
N THR B 205 -13.37 -7.71 33.67
CA THR B 205 -14.16 -6.54 34.05
C THR B 205 -13.93 -6.18 35.50
N THR B 206 -13.86 -7.18 36.39
CA THR B 206 -13.61 -6.91 37.80
C THR B 206 -12.22 -6.33 38.01
N PHE B 207 -11.22 -6.81 37.27
CA PHE B 207 -9.89 -6.21 37.33
C PHE B 207 -9.93 -4.74 36.96
N CYS B 208 -10.53 -4.42 35.80
CA CYS B 208 -10.58 -3.04 35.35
C CYS B 208 -11.36 -2.16 36.32
N LEU B 209 -12.45 -2.68 36.89
CA LEU B 209 -13.19 -1.92 37.88
C LEU B 209 -12.38 -1.74 39.16
N GLU B 210 -11.55 -2.73 39.50
CA GLU B 210 -10.72 -2.63 40.68
C GLU B 210 -9.71 -1.50 40.53
N THR B 211 -9.21 -1.29 39.32
CA THR B 211 -8.30 -0.16 39.11
C THR B 211 -9.01 1.18 39.18
N HIS B 212 -10.34 1.21 39.17
CA HIS B 212 -11.07 2.48 39.13
C HIS B 212 -11.09 3.13 40.51
N GLU B 213 -11.64 4.35 40.56
CA GLU B 213 -11.71 5.15 41.78
C GLU B 213 -13.09 5.19 42.40
N ARG B 214 -14.15 5.02 41.60
CA ARG B 214 -15.51 4.97 42.16
C ARG B 214 -15.69 3.75 43.05
N PHE B 215 -15.07 2.64 42.72
CA PHE B 215 -15.17 1.40 43.48
C PHE B 215 -14.06 1.27 44.52
N ASN B 216 -13.23 2.29 44.69
CA ASN B 216 -12.09 2.26 45.60
C ASN B 216 -12.11 3.57 46.38
N PRO B 217 -12.94 3.65 47.42
CA PRO B 217 -13.07 4.88 48.20
C PRO B 217 -12.06 4.94 49.35
N ILE B 218 -11.91 6.14 49.89
CA ILE B 218 -11.00 6.38 51.01
C ILE B 218 -11.84 6.41 52.28
N VAL B 219 -12.04 5.24 52.87
CA VAL B 219 -12.72 5.12 54.16
C VAL B 219 -11.75 5.45 55.27
N ASN B 220 -12.27 6.01 56.37
CA ASN B 220 -11.43 6.41 57.49
C ASN B 220 -10.93 5.16 58.21
N LYS B 221 -9.62 5.02 58.33
CA LYS B 221 -9.03 3.88 59.02
C LYS B 221 -7.58 4.23 59.38
N THR B 222 -6.98 3.34 60.16
CA THR B 222 -5.59 3.51 60.56
C THR B 222 -4.66 3.48 59.35
N TYR B 236 -6.36 8.87 59.70
CA TYR B 236 -6.05 8.61 58.30
C TYR B 236 -7.27 8.07 57.56
N ARG B 237 -7.23 8.13 56.23
CA ARG B 237 -8.29 7.61 55.37
C ARG B 237 -7.65 6.76 54.27
N GLU B 238 -7.38 5.49 54.59
CA GLU B 238 -6.79 4.60 53.61
C GLU B 238 -7.83 4.20 52.57
N ALA B 239 -7.39 4.13 51.32
CA ALA B 239 -8.27 3.73 50.22
C ALA B 239 -8.25 2.21 50.07
N GLU B 240 -9.40 1.59 50.27
CA GLU B 240 -9.55 0.14 50.14
C GLU B 240 -10.58 -0.19 49.06
N THR B 241 -10.29 -1.21 48.27
CA THR B 241 -11.21 -1.66 47.24
C THR B 241 -12.46 -2.30 47.85
N GLU B 242 -13.61 -2.03 47.25
CA GLU B 242 -14.86 -2.60 47.72
C GLU B 242 -14.79 -4.13 47.71
N ALA B 243 -15.30 -4.74 48.79
CA ALA B 243 -15.17 -6.18 48.97
C ALA B 243 -16.03 -7.00 48.01
N PHE B 244 -17.06 -6.41 47.39
CA PHE B 244 -17.87 -7.18 46.46
C PHE B 244 -17.08 -7.57 45.22
N LEU B 245 -16.14 -6.72 44.80
CA LEU B 245 -15.25 -7.09 43.70
C LEU B 245 -14.41 -8.31 44.08
N THR B 246 -13.92 -8.33 45.33
CA THR B 246 -13.14 -9.48 45.78
C THR B 246 -13.99 -10.74 45.85
N TYR B 247 -15.26 -10.61 46.26
CA TYR B 247 -16.14 -11.77 46.28
C TYR B 247 -16.38 -12.30 44.87
N ILE B 248 -16.61 -11.41 43.91
CA ILE B 248 -16.78 -11.84 42.53
C ILE B 248 -15.52 -12.53 42.02
N GLU B 249 -14.35 -11.96 42.34
CA GLU B 249 -13.11 -12.61 41.97
C GLU B 249 -12.97 -13.98 42.61
N GLY B 250 -13.45 -14.13 43.84
CA GLY B 250 -13.40 -15.42 44.50
C GLY B 250 -14.26 -16.46 43.82
N VAL B 251 -15.46 -16.06 43.38
CA VAL B 251 -16.32 -16.97 42.63
C VAL B 251 -15.65 -17.37 41.32
N CYS B 252 -15.09 -16.39 40.62
CA CYS B 252 -14.37 -16.70 39.37
C CYS B 252 -13.21 -17.65 39.63
N VAL B 253 -12.51 -17.45 40.75
CA VAL B 253 -11.34 -18.27 41.04
C VAL B 253 -11.75 -19.70 41.38
N VAL B 254 -12.85 -19.88 42.10
CA VAL B 254 -13.28 -21.24 42.41
C VAL B 254 -13.70 -21.97 41.13
N TRP B 255 -14.39 -21.26 40.23
CA TRP B 255 -14.69 -21.89 38.94
C TRP B 255 -13.42 -22.24 38.17
N PHE B 256 -12.46 -21.31 38.14
CA PHE B 256 -11.24 -21.55 37.36
C PHE B 256 -10.40 -22.65 37.96
N THR B 257 -10.38 -22.79 39.29
CA THR B 257 -9.64 -23.88 39.90
C THR B 257 -10.33 -25.22 39.70
N PHE B 258 -11.67 -25.23 39.66
CA PHE B 258 -12.37 -26.44 39.26
C PHE B 258 -11.97 -26.85 37.86
N GLU B 259 -11.96 -25.89 36.93
CA GLU B 259 -11.60 -26.21 35.55
C GLU B 259 -10.15 -26.69 35.46
N PHE B 260 -9.25 -26.05 36.20
CA PHE B 260 -7.85 -26.43 36.17
C PHE B 260 -7.64 -27.83 36.72
N LEU B 261 -8.32 -28.17 37.82
CA LEU B 261 -8.19 -29.52 38.36
C LEU B 261 -8.77 -30.55 37.40
N MET B 262 -9.92 -30.24 36.79
CA MET B 262 -10.52 -31.17 35.85
C MET B 262 -9.62 -31.40 34.63
N ARG B 263 -8.90 -30.36 34.19
CA ARG B 263 -7.96 -30.55 33.09
C ARG B 263 -6.67 -31.23 33.52
N VAL B 264 -6.25 -31.05 34.77
CA VAL B 264 -5.04 -31.71 35.27
C VAL B 264 -5.30 -33.18 35.53
N ILE B 265 -6.56 -33.56 35.75
CA ILE B 265 -6.89 -34.98 35.92
C ILE B 265 -6.38 -35.79 34.74
N PHE B 266 -6.61 -35.31 33.53
CA PHE B 266 -6.13 -35.94 32.31
C PHE B 266 -5.01 -35.07 31.74
N CYS B 267 -3.76 -35.50 31.93
CA CYS B 267 -2.58 -34.75 31.49
C CYS B 267 -1.63 -35.68 30.74
N PRO B 268 -2.03 -36.12 29.55
CA PRO B 268 -1.07 -36.86 28.70
C PRO B 268 0.07 -35.96 28.27
N ASN B 269 1.27 -36.55 28.19
CA ASN B 269 2.47 -35.80 27.86
C ASN B 269 2.63 -34.61 28.81
N LYS B 270 2.84 -34.94 30.09
CA LYS B 270 2.91 -33.90 31.12
C LYS B 270 4.01 -32.89 30.84
N VAL B 271 5.09 -33.30 30.18
CA VAL B 271 6.14 -32.35 29.83
C VAL B 271 5.58 -31.27 28.91
N GLU B 272 4.86 -31.69 27.87
CA GLU B 272 4.24 -30.72 26.95
C GLU B 272 3.16 -29.91 27.66
N PHE B 273 2.41 -30.55 28.56
CA PHE B 273 1.35 -29.82 29.26
C PHE B 273 1.93 -28.71 30.12
N ILE B 274 3.03 -28.99 30.82
CA ILE B 274 3.71 -27.95 31.59
C ILE B 274 4.30 -26.89 30.66
N LYS B 275 4.90 -27.31 29.54
CA LYS B 275 5.49 -26.36 28.60
C LYS B 275 4.43 -25.50 27.92
N ASN B 276 3.17 -25.89 27.98
CA ASN B 276 2.12 -25.14 27.32
C ASN B 276 1.91 -23.78 27.98
N SER B 277 2.08 -22.72 27.19
CA SER B 277 2.00 -21.37 27.73
C SER B 277 0.60 -21.03 28.23
N LEU B 278 -0.44 -21.59 27.61
CA LEU B 278 -1.80 -21.29 28.06
C LEU B 278 -2.04 -21.81 29.47
N ASN B 279 -1.65 -23.06 29.74
CA ASN B 279 -1.80 -23.58 31.09
C ASN B 279 -0.84 -22.90 32.07
N ILE B 280 0.36 -22.51 31.61
CA ILE B 280 1.23 -21.71 32.47
C ILE B 280 0.53 -20.42 32.87
N ILE B 281 -0.12 -19.75 31.92
CA ILE B 281 -0.82 -18.51 32.21
C ILE B 281 -1.97 -18.76 33.16
N ASP B 282 -2.70 -19.86 32.97
CA ASP B 282 -3.82 -20.18 33.85
C ASP B 282 -3.35 -20.38 35.29
N PHE B 283 -2.28 -21.14 35.48
CA PHE B 283 -1.75 -21.34 36.84
C PHE B 283 -1.24 -20.04 37.42
N VAL B 284 -0.53 -19.23 36.64
CA VAL B 284 0.00 -17.97 37.14
C VAL B 284 -1.14 -17.02 37.52
N ALA B 285 -2.26 -17.08 36.79
CA ALA B 285 -3.40 -16.23 37.11
C ALA B 285 -4.19 -16.76 38.30
N ILE B 286 -4.15 -18.06 38.56
CA ILE B 286 -4.87 -18.62 39.70
C ILE B 286 -4.06 -18.55 40.99
N LEU B 287 -2.74 -18.44 40.92
CA LEU B 287 -1.94 -18.34 42.13
C LEU B 287 -2.28 -17.12 42.97
N PRO B 288 -2.34 -15.90 42.40
CA PRO B 288 -2.39 -14.70 43.25
C PRO B 288 -3.56 -14.65 44.22
N PHE B 289 -4.73 -15.18 43.86
CA PHE B 289 -5.86 -15.13 44.79
C PHE B 289 -5.56 -15.95 46.04
N TYR B 290 -5.04 -17.16 45.86
CA TYR B 290 -4.72 -18.01 47.00
C TYR B 290 -3.54 -17.45 47.79
N LEU B 291 -2.55 -16.91 47.10
CA LEU B 291 -1.44 -16.26 47.81
C LEU B 291 -1.92 -15.07 48.63
N GLU B 292 -2.90 -14.33 48.10
CA GLU B 292 -3.49 -13.22 48.85
C GLU B 292 -4.26 -13.72 50.07
N VAL B 293 -5.03 -14.79 49.89
CA VAL B 293 -5.80 -15.34 51.00
C VAL B 293 -4.86 -15.80 52.11
N GLY B 294 -3.79 -16.50 51.75
CA GLY B 294 -2.81 -16.92 52.75
C GLY B 294 -2.08 -15.74 53.38
N LEU B 295 -1.76 -14.72 52.59
CA LEU B 295 -1.01 -13.59 53.10
C LEU B 295 -1.80 -12.80 54.12
N SER B 296 -3.11 -12.63 53.90
CA SER B 296 -3.92 -11.81 54.80
C SER B 296 -3.95 -12.38 56.21
N GLY B 297 -3.69 -13.67 56.39
CA GLY B 297 -3.64 -14.22 57.74
C GLY B 297 -2.52 -13.63 58.55
N LEU B 298 -1.37 -13.40 57.93
CA LEU B 298 -0.20 -12.85 58.61
C LEU B 298 -0.18 -11.34 58.42
N SER B 299 -0.21 -10.60 59.53
CA SER B 299 -0.24 -9.13 59.51
C SER B 299 1.17 -8.63 59.79
N SER B 300 1.95 -8.46 58.72
CA SER B 300 3.30 -7.91 58.81
C SER B 300 3.51 -6.89 57.71
N LYS B 301 4.49 -6.02 57.90
CA LYS B 301 4.81 -5.03 56.88
C LYS B 301 5.31 -5.69 55.61
N ALA B 302 6.18 -6.69 55.74
CA ALA B 302 6.62 -7.45 54.57
C ALA B 302 5.43 -8.14 53.91
N ALA B 303 4.47 -8.60 54.72
CA ALA B 303 3.25 -9.15 54.14
C ALA B 303 2.51 -8.11 53.32
N LYS B 304 2.47 -6.86 53.80
CA LYS B 304 1.83 -5.79 53.03
C LYS B 304 2.57 -5.52 51.73
N ASP B 305 3.90 -5.55 51.76
CA ASP B 305 4.67 -5.34 50.54
C ASP B 305 4.42 -6.46 49.53
N VAL B 306 4.39 -7.70 50.00
CA VAL B 306 4.09 -8.82 49.11
C VAL B 306 2.65 -8.73 48.61
N LEU B 307 1.74 -8.22 49.42
CA LEU B 307 0.37 -8.00 48.97
C LEU B 307 0.33 -6.98 47.83
N GLY B 308 1.08 -5.89 47.97
CA GLY B 308 1.16 -4.92 46.88
C GLY B 308 1.76 -5.51 45.62
N PHE B 309 2.81 -6.32 45.77
CA PHE B 309 3.38 -6.99 44.60
C PHE B 309 2.37 -7.94 43.97
N LEU B 310 1.56 -8.61 44.78
CA LEU B 310 0.52 -9.48 44.25
C LEU B 310 -0.54 -8.68 43.50
N ARG B 311 -0.86 -7.48 44.01
CA ARG B 311 -1.77 -6.59 43.28
C ARG B 311 -1.19 -6.23 41.92
N VAL B 312 0.12 -5.98 41.86
CA VAL B 312 0.75 -5.75 40.56
C VAL B 312 0.64 -7.00 39.69
N VAL B 313 0.88 -8.17 40.28
CA VAL B 313 0.91 -9.43 39.53
C VAL B 313 -0.46 -9.76 38.96
N ARG B 314 -1.53 -9.28 39.61
CA ARG B 314 -2.88 -9.61 39.16
C ARG B 314 -3.17 -9.19 37.72
N PHE B 315 -2.24 -8.48 37.06
CA PHE B 315 -2.45 -8.13 35.65
C PHE B 315 -2.49 -9.35 34.75
N VAL B 316 -2.03 -10.51 35.22
CA VAL B 316 -2.05 -11.73 34.41
C VAL B 316 -3.46 -12.24 34.14
N ARG B 317 -4.47 -11.63 34.77
CA ARG B 317 -5.84 -12.08 34.55
C ARG B 317 -6.35 -11.69 33.17
N ILE B 318 -5.80 -10.64 32.56
CA ILE B 318 -6.21 -10.25 31.21
C ILE B 318 -5.58 -11.12 30.14
N LEU B 319 -4.55 -11.89 30.48
CA LEU B 319 -3.90 -12.78 29.53
C LEU B 319 -4.70 -14.06 29.29
N ARG B 320 -5.77 -14.29 30.05
CA ARG B 320 -6.62 -15.46 29.84
C ARG B 320 -7.47 -15.34 28.58
N ILE B 321 -7.51 -14.16 27.95
CA ILE B 321 -8.32 -14.00 26.76
C ILE B 321 -7.67 -14.66 25.56
N PHE B 322 -6.38 -14.97 25.63
CA PHE B 322 -5.72 -15.67 24.54
C PHE B 322 -6.17 -17.12 24.47
N LYS B 323 -6.58 -17.70 25.60
CA LYS B 323 -7.24 -19.00 25.55
C LYS B 323 -8.48 -18.95 24.67
N LEU B 324 -9.26 -17.87 24.80
CA LEU B 324 -10.49 -17.75 24.03
C LEU B 324 -10.19 -17.46 22.56
N THR B 325 -9.21 -16.61 22.30
CA THR B 325 -8.89 -16.19 20.93
C THR B 325 -7.91 -17.12 20.23
N ARG B 326 -7.47 -18.20 20.88
CA ARG B 326 -6.49 -19.09 20.26
C ARG B 326 -7.04 -19.78 19.03
N HIS B 327 -8.36 -19.97 18.96
CA HIS B 327 -8.98 -20.70 17.87
C HIS B 327 -9.22 -19.85 16.64
N PHE B 328 -9.07 -18.53 16.74
CA PHE B 328 -9.29 -17.67 15.58
C PHE B 328 -8.17 -17.83 14.56
N VAL B 329 -8.59 -18.01 13.30
CA VAL B 329 -7.63 -18.33 12.26
C VAL B 329 -6.75 -17.13 11.97
N GLY B 330 -7.34 -15.93 12.03
CA GLY B 330 -6.54 -14.74 11.79
C GLY B 330 -5.48 -14.54 12.84
N LEU B 331 -5.77 -14.94 14.09
CA LEU B 331 -4.77 -14.87 15.15
C LEU B 331 -3.66 -15.88 14.92
N ARG B 332 -4.01 -17.09 14.46
CA ARG B 332 -2.96 -18.06 14.14
C ARG B 332 -2.10 -17.59 12.97
N VAL B 333 -2.74 -17.01 11.94
CA VAL B 333 -2.00 -16.46 10.81
C VAL B 333 -1.09 -15.32 11.26
N LEU B 334 -1.57 -14.47 12.17
CA LEU B 334 -0.73 -13.39 12.67
C LEU B 334 0.47 -13.93 13.44
N GLY B 335 0.27 -14.99 14.22
CA GLY B 335 1.41 -15.61 14.89
C GLY B 335 2.42 -16.17 13.90
N HIS B 336 1.93 -16.82 12.84
CA HIS B 336 2.83 -17.32 11.80
C HIS B 336 3.59 -16.18 11.13
N THR B 337 2.90 -15.07 10.86
CA THR B 337 3.56 -13.92 10.22
C THR B 337 4.62 -13.33 11.14
N LEU B 338 4.32 -13.19 12.43
CA LEU B 338 5.31 -12.68 13.37
C LEU B 338 6.52 -13.60 13.42
N ARG B 339 6.30 -14.92 13.41
CA ARG B 339 7.42 -15.85 13.46
C ARG B 339 8.23 -15.84 12.17
N ALA B 340 7.59 -15.55 11.04
CA ALA B 340 8.27 -15.57 9.74
C ALA B 340 8.87 -14.23 9.33
N SER B 341 8.52 -13.13 10.00
CA SER B 341 9.04 -11.81 9.65
C SER B 341 9.95 -11.24 10.74
N THR B 342 10.75 -12.11 11.37
CA THR B 342 11.67 -11.64 12.40
C THR B 342 12.71 -10.70 11.80
N ASN B 343 13.22 -11.00 10.62
CA ASN B 343 14.21 -10.15 9.99
C ASN B 343 13.65 -8.78 9.68
N GLU B 344 12.40 -8.72 9.21
CA GLU B 344 11.80 -7.43 8.88
C GLU B 344 11.46 -6.64 10.14
N PHE B 345 11.07 -7.32 11.22
CA PHE B 345 10.84 -6.62 12.48
C PHE B 345 12.15 -6.06 13.03
N LEU B 346 13.25 -6.82 12.94
CA LEU B 346 14.54 -6.29 13.35
C LEU B 346 14.96 -5.12 12.48
N LEU B 347 14.68 -5.19 11.18
CA LEU B 347 14.97 -4.08 10.28
C LEU B 347 14.22 -2.82 10.71
N LEU B 348 12.93 -2.97 11.02
CA LEU B 348 12.13 -1.84 11.48
C LEU B 348 12.69 -1.27 12.78
N ILE B 349 13.06 -2.15 13.71
CA ILE B 349 13.59 -1.69 15.00
C ILE B 349 14.88 -0.91 14.79
N ILE B 350 15.77 -1.42 13.95
CA ILE B 350 17.05 -0.74 13.73
C ILE B 350 16.84 0.61 13.04
N PHE B 351 15.95 0.65 12.04
CA PHE B 351 15.66 1.91 11.38
C PHE B 351 15.12 2.93 12.38
N LEU B 352 14.17 2.51 13.22
CA LEU B 352 13.60 3.43 14.19
C LEU B 352 14.65 3.91 15.19
N ALA B 353 15.50 3.00 15.67
CA ALA B 353 16.50 3.39 16.65
C ALA B 353 17.49 4.40 16.06
N LEU B 354 17.98 4.14 14.85
CA LEU B 354 18.90 5.07 14.20
C LEU B 354 18.25 6.42 13.98
N GLY B 355 17.02 6.44 13.47
CA GLY B 355 16.34 7.70 13.24
C GLY B 355 16.10 8.46 14.52
N VAL B 356 15.67 7.76 15.57
CA VAL B 356 15.38 8.41 16.85
C VAL B 356 16.64 9.05 17.42
N LEU B 357 17.75 8.30 17.40
CA LEU B 357 19.01 8.87 17.90
C LEU B 357 19.43 10.10 17.09
N ILE B 358 19.44 9.97 15.77
CA ILE B 358 19.95 11.05 14.93
C ILE B 358 19.08 12.29 15.08
N PHE B 359 17.76 12.12 15.05
CA PHE B 359 16.89 13.28 15.08
C PHE B 359 16.78 13.89 16.47
N ALA B 360 16.93 13.09 17.53
CA ALA B 360 16.99 13.67 18.86
C ALA B 360 18.23 14.54 19.01
N THR B 361 19.39 14.05 18.56
CA THR B 361 20.59 14.87 18.60
C THR B 361 20.43 16.13 17.76
N MET B 362 19.89 15.99 16.55
CA MET B 362 19.76 17.13 15.65
C MET B 362 18.81 18.17 16.21
N ILE B 363 17.68 17.75 16.80
CA ILE B 363 16.74 18.73 17.34
C ILE B 363 17.31 19.38 18.60
N TYR B 364 18.05 18.61 19.41
CA TYR B 364 18.69 19.20 20.57
C TYR B 364 19.66 20.31 20.17
N TYR B 365 20.44 20.07 19.12
CA TYR B 365 21.43 21.07 18.73
C TYR B 365 20.81 22.21 17.92
N ALA B 366 19.75 21.93 17.16
CA ALA B 366 19.09 22.96 16.36
C ALA B 366 18.20 23.88 17.18
N GLU B 367 17.73 23.44 18.34
CA GLU B 367 16.87 24.28 19.18
C GLU B 367 17.65 25.29 20.02
N ARG B 368 18.98 25.32 19.92
CA ARG B 368 19.78 26.33 20.60
C ARG B 368 20.86 26.86 19.65
N ILE B 369 20.48 27.15 18.41
CA ILE B 369 21.39 27.82 17.48
C ILE B 369 21.53 29.27 17.87
N GLY B 370 22.77 29.71 18.07
CA GLY B 370 23.04 31.07 18.49
C GLY B 370 22.97 31.30 19.98
N ALA B 371 22.71 30.27 20.77
CA ALA B 371 22.67 30.43 22.23
C ALA B 371 24.09 30.60 22.77
N GLN B 372 24.17 31.23 23.95
CA GLN B 372 25.50 31.48 24.57
C GLN B 372 26.12 30.15 25.04
N PRO B 373 27.46 30.06 25.19
CA PRO B 373 28.10 28.79 25.55
C PRO B 373 27.62 28.22 26.90
N ASN B 374 27.37 29.07 27.89
CA ASN B 374 27.00 28.55 29.24
C ASN B 374 25.86 29.37 29.85
N ASP B 375 25.04 30.03 29.03
CA ASP B 375 23.89 30.73 29.58
C ASP B 375 22.86 29.72 30.06
N PRO B 376 22.46 29.74 31.34
CA PRO B 376 21.45 28.79 31.79
C PRO B 376 20.11 28.94 31.09
N SER B 377 19.81 30.10 30.53
CA SER B 377 18.59 30.32 29.77
C SER B 377 18.62 29.69 28.37
N ALA B 378 19.68 28.92 28.06
CA ALA B 378 19.74 28.26 26.76
C ALA B 378 18.62 27.24 26.61
N SER B 379 18.32 26.50 27.66
CA SER B 379 17.32 25.44 27.62
C SER B 379 15.98 25.88 28.19
N GLU B 380 15.78 27.18 28.43
CA GLU B 380 14.59 27.65 29.10
C GLU B 380 13.42 27.85 28.14
N HIS B 381 13.69 28.08 26.85
CA HIS B 381 12.66 28.35 25.86
C HIS B 381 12.41 27.14 24.95
N THR B 382 12.73 25.95 25.41
CA THR B 382 12.65 24.76 24.58
C THR B 382 12.07 23.60 25.38
N HIS B 383 11.38 22.71 24.67
CA HIS B 383 10.99 21.42 25.25
C HIS B 383 12.13 20.42 25.26
N PHE B 384 13.21 20.69 24.52
CA PHE B 384 14.30 19.73 24.33
C PHE B 384 15.44 20.10 25.26
N LYS B 385 15.27 19.75 26.54
CA LYS B 385 16.30 20.04 27.53
C LYS B 385 17.48 19.09 27.40
N ASN B 386 17.31 17.95 26.74
CA ASN B 386 18.38 17.00 26.54
C ASN B 386 18.04 16.14 25.32
N ILE B 387 18.85 15.10 25.09
CA ILE B 387 18.69 14.19 23.95
C ILE B 387 17.72 13.05 24.28
N PRO B 388 17.76 12.48 25.48
CA PRO B 388 16.79 11.41 25.78
C PRO B 388 15.34 11.84 25.63
N ILE B 389 15.00 13.09 25.95
CA ILE B 389 13.63 13.55 25.72
C ILE B 389 13.38 13.72 24.21
N GLY B 390 14.41 14.10 23.47
CA GLY B 390 14.29 14.11 22.02
C GLY B 390 14.05 12.74 21.44
N PHE B 391 14.48 11.69 22.14
CA PHE B 391 14.15 10.34 21.68
C PHE B 391 12.63 10.17 21.59
N TRP B 392 11.93 10.56 22.66
CA TRP B 392 10.48 10.44 22.70
C TRP B 392 9.84 11.35 21.66
N TRP B 393 10.31 12.59 21.57
CA TRP B 393 9.78 13.48 20.54
C TRP B 393 9.97 12.88 19.15
N ALA B 394 11.14 12.29 18.90
CA ALA B 394 11.46 11.77 17.59
C ALA B 394 10.59 10.58 17.23
N VAL B 395 10.36 9.66 18.18
CA VAL B 395 9.50 8.53 17.88
C VAL B 395 8.07 9.00 17.63
N VAL B 396 7.60 9.96 18.43
CA VAL B 396 6.23 10.47 18.25
C VAL B 396 6.09 11.16 16.90
N THR B 397 7.13 11.88 16.47
CA THR B 397 7.06 12.61 15.22
C THR B 397 7.21 11.67 14.01
N MET B 398 8.07 10.66 14.13
CA MET B 398 8.29 9.73 13.02
C MET B 398 7.09 8.82 12.81
N THR B 399 6.40 8.43 13.88
CA THR B 399 5.21 7.62 13.69
C THR B 399 4.01 8.44 13.19
N THR B 400 4.20 9.74 12.94
CA THR B 400 3.11 10.66 12.62
C THR B 400 2.01 10.60 13.68
N LEU B 401 2.41 10.31 14.92
CA LEU B 401 1.49 10.42 16.05
C LEU B 401 1.19 11.88 16.38
N GLY B 402 2.23 12.63 16.74
CA GLY B 402 2.10 14.05 17.01
C GLY B 402 1.19 14.36 18.19
N TYR B 403 1.63 13.98 19.39
CA TYR B 403 0.89 14.33 20.60
C TYR B 403 0.84 15.84 20.78
N GLY B 404 1.96 16.52 20.54
CA GLY B 404 2.03 17.95 20.74
C GLY B 404 2.53 18.38 22.10
N ASP B 405 2.86 17.43 22.98
CA ASP B 405 3.42 17.78 24.28
C ASP B 405 4.79 18.44 24.14
N MET B 406 5.55 18.09 23.11
CA MET B 406 6.82 18.76 22.82
C MET B 406 6.99 18.90 21.32
N TYR B 407 7.25 20.12 20.87
CA TYR B 407 7.43 20.44 19.47
C TYR B 407 8.51 21.51 19.35
N PRO B 408 9.12 21.63 18.17
CA PRO B 408 10.08 22.73 17.97
C PRO B 408 9.40 24.09 17.96
N GLN B 409 10.16 25.10 18.43
CA GLN B 409 9.67 26.48 18.45
C GLN B 409 10.65 27.43 17.75
N THR B 410 11.60 26.90 17.00
CA THR B 410 12.60 27.69 16.30
C THR B 410 12.59 27.28 14.83
N TRP B 411 13.05 28.18 13.95
CA TRP B 411 13.02 27.88 12.53
C TRP B 411 13.87 26.64 12.20
N SER B 412 15.05 26.54 12.80
CA SER B 412 15.89 25.37 12.56
C SER B 412 15.27 24.11 13.16
N GLY B 413 14.68 24.21 14.34
CA GLY B 413 13.99 23.08 14.91
C GLY B 413 12.82 22.62 14.08
N MET B 414 12.12 23.55 13.43
CA MET B 414 11.02 23.18 12.56
C MET B 414 11.52 22.51 11.28
N LEU B 415 12.64 22.98 10.75
CA LEU B 415 13.27 22.27 9.63
C LEU B 415 13.61 20.84 10.03
N VAL B 416 14.23 20.67 11.19
CA VAL B 416 14.58 19.34 11.67
C VAL B 416 13.33 18.49 11.89
N GLY B 417 12.26 19.09 12.39
CA GLY B 417 11.03 18.33 12.60
C GLY B 417 10.38 17.87 11.32
N ALA B 418 10.40 18.73 10.29
CA ALA B 418 9.91 18.31 8.98
C ALA B 418 10.74 17.16 8.43
N LEU B 419 12.07 17.27 8.53
CA LEU B 419 12.93 16.16 8.14
C LEU B 419 12.57 14.90 8.91
N CYS B 420 12.35 15.02 10.22
CA CYS B 420 12.05 13.86 11.05
C CYS B 420 10.74 13.21 10.63
N ALA B 421 9.72 14.01 10.35
CA ALA B 421 8.43 13.46 9.94
C ALA B 421 8.56 12.70 8.62
N LEU B 422 9.21 13.32 7.63
CA LEU B 422 9.34 12.65 6.34
C LEU B 422 10.17 11.37 6.45
N ALA B 423 11.30 11.44 7.18
CA ALA B 423 12.14 10.26 7.33
C ALA B 423 11.42 9.16 8.08
N GLY B 424 10.62 9.52 9.09
CA GLY B 424 9.83 8.52 9.78
C GLY B 424 8.82 7.86 8.88
N VAL B 425 8.12 8.64 8.07
CA VAL B 425 7.18 8.06 7.11
C VAL B 425 7.90 7.05 6.22
N LEU B 426 9.05 7.45 5.69
CA LEU B 426 9.75 6.60 4.72
C LEU B 426 10.28 5.31 5.36
N THR B 427 10.96 5.45 6.50
CA THR B 427 11.55 4.29 7.17
C THR B 427 10.53 3.49 7.98
N ILE B 428 9.29 3.94 8.09
CA ILE B 428 8.21 3.08 8.54
C ILE B 428 7.61 2.33 7.35
N ALA B 429 7.48 2.98 6.20
CA ALA B 429 6.90 2.37 5.02
C ALA B 429 7.88 1.48 4.27
N MET B 430 9.14 1.38 4.70
CA MET B 430 10.05 0.45 4.01
C MET B 430 9.76 -1.01 4.33
N PRO B 431 9.82 -1.49 5.60
CA PRO B 431 9.65 -2.92 5.85
C PRO B 431 8.23 -3.35 6.20
N VAL B 432 7.41 -2.38 6.58
CA VAL B 432 6.01 -2.68 6.90
C VAL B 432 5.30 -3.27 5.70
N PRO B 433 5.49 -2.79 4.47
CA PRO B 433 4.88 -3.48 3.31
C PRO B 433 5.34 -4.91 3.15
N VAL B 434 6.60 -5.23 3.46
CA VAL B 434 7.05 -6.61 3.37
C VAL B 434 6.30 -7.47 4.36
N ILE B 435 6.18 -7.00 5.61
CA ILE B 435 5.45 -7.75 6.61
C ILE B 435 3.98 -7.89 6.18
N VAL B 436 3.42 -6.83 5.60
CA VAL B 436 2.02 -6.86 5.19
C VAL B 436 1.79 -7.89 4.09
N ASN B 437 2.67 -7.95 3.10
CA ASN B 437 2.50 -8.96 2.06
C ASN B 437 2.68 -10.37 2.62
N ASN B 438 3.61 -10.54 3.56
CA ASN B 438 3.72 -11.85 4.22
C ASN B 438 2.40 -12.26 4.85
N PHE B 439 1.80 -11.34 5.63
CA PHE B 439 0.52 -11.64 6.26
C PHE B 439 -0.55 -11.92 5.22
N GLY B 440 -0.56 -11.17 4.13
CA GLY B 440 -1.57 -11.37 3.11
C GLY B 440 -1.49 -12.74 2.48
N MET B 441 -0.27 -13.16 2.13
CA MET B 441 -0.09 -14.50 1.57
C MET B 441 -0.53 -15.57 2.54
N TYR B 442 -0.10 -15.47 3.81
CA TYR B 442 -0.44 -16.51 4.77
C TYR B 442 -1.95 -16.55 5.02
N TYR B 443 -2.58 -15.38 5.11
CA TYR B 443 -4.02 -15.33 5.30
C TYR B 443 -4.76 -15.94 4.13
N SER B 444 -4.33 -15.63 2.90
CA SER B 444 -4.98 -16.19 1.72
C SER B 444 -4.83 -17.71 1.70
N LEU B 445 -3.65 -18.23 2.04
CA LEU B 445 -3.45 -19.66 2.04
C LEU B 445 -4.33 -20.34 3.09
N ALA B 446 -4.39 -19.78 4.30
CA ALA B 446 -5.23 -20.36 5.34
C ALA B 446 -6.70 -20.31 4.95
N MET B 447 -7.11 -19.21 4.33
CA MET B 447 -8.49 -19.10 3.88
C MET B 447 -8.79 -20.11 2.79
N ALA B 448 -7.82 -20.38 1.91
CA ALA B 448 -8.04 -21.43 0.92
C ALA B 448 -8.19 -22.80 1.57
N LYS B 449 -7.36 -23.09 2.58
CA LYS B 449 -7.56 -24.29 3.37
C LYS B 449 -8.97 -24.37 3.93
N GLN B 450 -9.54 -23.23 4.32
CA GLN B 450 -10.92 -23.24 4.81
C GLN B 450 -11.97 -23.34 3.71
N LYS B 451 -11.71 -22.77 2.52
CA LYS B 451 -12.67 -22.83 1.42
C LYS B 451 -12.69 -24.18 0.72
N LEU B 452 -11.60 -24.94 0.77
CA LEU B 452 -11.48 -26.20 0.04
C LEU B 452 -11.20 -27.31 1.06
N PRO B 453 -12.25 -27.90 1.65
CA PRO B 453 -12.02 -29.01 2.58
C PRO B 453 -11.48 -30.23 1.86
N LYS B 454 -10.66 -30.99 2.57
CA LYS B 454 -10.15 -32.25 2.04
C LYS B 454 -11.30 -33.18 1.69
N LYS B 455 -11.24 -33.77 0.49
CA LYS B 455 -12.29 -34.65 0.01
C LYS B 455 -11.67 -35.91 -0.58
N LYS B 456 -12.49 -36.74 -1.22
CA LYS B 456 -11.97 -37.92 -1.90
C LYS B 456 -10.90 -37.52 -2.92
N LYS B 457 -9.83 -38.31 -2.97
CA LYS B 457 -8.75 -37.99 -3.90
C LYS B 457 -9.23 -37.95 -5.33
N LYS B 458 -10.15 -38.83 -5.70
CA LYS B 458 -10.73 -38.84 -7.04
C LYS B 458 -9.73 -39.32 -8.09
N HIS B 459 -8.47 -39.46 -7.70
CA HIS B 459 -7.39 -39.89 -8.57
C HIS B 459 -6.91 -41.26 -8.13
N ILE B 460 -7.09 -42.26 -9.00
CA ILE B 460 -6.62 -43.62 -8.69
C ILE B 460 -5.24 -43.80 -9.30
N PRO B 461 -4.16 -43.76 -8.51
CA PRO B 461 -2.83 -43.85 -9.10
C PRO B 461 -2.60 -45.21 -9.76
N ARG B 462 -1.77 -45.21 -10.79
CA ARG B 462 -1.40 -46.45 -11.45
C ARG B 462 -0.45 -47.25 -10.56
N PRO B 463 -0.59 -48.60 -10.52
CA PRO B 463 0.30 -49.37 -9.64
C PRO B 463 1.76 -49.26 -10.05
N SER C 7 -14.63 -33.25 -45.85
CA SER C 7 -15.74 -32.34 -45.63
C SER C 7 -15.77 -31.86 -44.18
N GLU C 8 -15.99 -30.55 -44.00
CA GLU C 8 -16.20 -29.95 -42.69
C GLU C 8 -14.91 -29.91 -41.88
N ARG C 9 -13.84 -30.53 -42.38
CA ARG C 9 -12.54 -30.55 -41.73
C ARG C 9 -11.61 -29.62 -42.48
N ILE C 10 -11.13 -28.58 -41.79
CA ILE C 10 -10.24 -27.59 -42.37
C ILE C 10 -9.02 -27.44 -41.49
N VAL C 11 -7.84 -27.39 -42.10
CA VAL C 11 -6.57 -27.25 -41.40
C VAL C 11 -6.01 -25.87 -41.69
N ILE C 12 -5.76 -25.10 -40.64
CA ILE C 12 -5.17 -23.77 -40.75
C ILE C 12 -3.73 -23.85 -40.26
N ASN C 13 -2.79 -23.49 -41.13
CA ASN C 13 -1.36 -23.54 -40.83
C ASN C 13 -0.92 -22.12 -40.50
N VAL C 14 -0.76 -21.82 -39.21
CA VAL C 14 -0.41 -20.49 -38.75
C VAL C 14 1.03 -20.53 -38.26
N GLY C 15 1.95 -20.05 -39.09
CA GLY C 15 3.35 -20.03 -38.72
C GLY C 15 3.97 -21.40 -38.51
N GLY C 16 3.58 -22.37 -39.33
CA GLY C 16 4.10 -23.72 -39.21
C GLY C 16 3.36 -24.60 -38.22
N THR C 17 2.35 -24.06 -37.53
CA THR C 17 1.56 -24.83 -36.57
C THR C 17 0.21 -25.12 -37.20
N ARG C 18 -0.16 -26.40 -37.23
CA ARG C 18 -1.39 -26.84 -37.87
C ARG C 18 -2.53 -26.77 -36.86
N HIS C 19 -3.47 -25.87 -37.09
CA HIS C 19 -4.67 -25.74 -36.28
C HIS C 19 -5.84 -26.39 -37.03
N GLN C 20 -6.50 -27.33 -36.38
CA GLN C 20 -7.59 -28.09 -36.98
C GLN C 20 -8.89 -27.73 -36.29
N THR C 21 -9.92 -27.44 -37.08
CA THR C 21 -11.24 -27.10 -36.55
C THR C 21 -12.28 -27.40 -37.62
N HIS C 22 -13.54 -27.29 -37.22
CA HIS C 22 -14.64 -27.53 -38.15
C HIS C 22 -15.03 -26.27 -38.91
N ARG C 23 -15.55 -26.48 -40.12
CA ARG C 23 -15.98 -25.35 -40.93
C ARG C 23 -17.15 -24.65 -40.28
N SER C 24 -18.03 -25.38 -39.60
CA SER C 24 -19.14 -24.73 -38.91
C SER C 24 -18.60 -23.88 -37.77
N THR C 25 -17.51 -24.32 -37.14
CA THR C 25 -16.89 -23.54 -36.09
C THR C 25 -16.38 -22.22 -36.65
N LEU C 26 -15.74 -22.26 -37.82
CA LEU C 26 -15.30 -21.02 -38.45
C LEU C 26 -16.48 -20.16 -38.91
N ARG C 27 -17.54 -20.80 -39.40
CA ARG C 27 -18.72 -20.08 -39.90
C ARG C 27 -19.55 -19.46 -38.78
N THR C 28 -19.32 -19.89 -37.54
CA THR C 28 -20.04 -19.32 -36.41
C THR C 28 -19.92 -17.80 -36.38
N LEU C 29 -18.71 -17.27 -36.49
CA LEU C 29 -18.51 -15.83 -36.50
C LEU C 29 -18.48 -15.32 -37.94
N PRO C 30 -19.56 -14.74 -38.45
CA PRO C 30 -19.60 -14.35 -39.87
C PRO C 30 -18.93 -13.01 -40.11
N GLY C 31 -18.53 -12.81 -41.36
CA GLY C 31 -17.93 -11.56 -41.78
C GLY C 31 -16.45 -11.42 -41.49
N THR C 32 -15.84 -12.42 -40.86
CA THR C 32 -14.42 -12.38 -40.53
C THR C 32 -13.60 -13.22 -41.48
N ARG C 33 -12.28 -13.12 -41.34
CA ARG C 33 -11.37 -13.76 -42.28
C ARG C 33 -11.49 -15.28 -42.19
N LEU C 34 -11.65 -15.82 -40.99
CA LEU C 34 -11.82 -17.26 -40.86
C LEU C 34 -13.15 -17.73 -41.44
N ALA C 35 -14.20 -16.91 -41.36
CA ALA C 35 -15.44 -17.27 -42.05
C ALA C 35 -15.24 -17.30 -43.56
N TRP C 36 -14.57 -16.28 -44.10
CA TRP C 36 -14.25 -16.30 -45.52
C TRP C 36 -13.42 -17.53 -45.87
N LEU C 37 -12.56 -17.97 -44.94
CA LEU C 37 -11.88 -19.24 -45.12
C LEU C 37 -12.87 -20.39 -45.18
N ALA C 38 -13.95 -20.30 -44.40
CA ALA C 38 -15.00 -21.34 -44.45
C ALA C 38 -15.95 -21.08 -45.63
N GLU C 39 -15.42 -20.58 -46.76
CA GLU C 39 -16.26 -20.36 -47.99
C GLU C 39 -15.82 -21.33 -49.08
N PRO C 40 -16.69 -21.76 -50.02
CA PRO C 40 -16.30 -22.78 -51.00
C PRO C 40 -15.20 -22.28 -51.94
N ASP C 41 -14.89 -20.99 -51.86
CA ASP C 41 -13.88 -20.40 -52.78
C ASP C 41 -12.60 -20.08 -52.01
N ALA C 42 -12.52 -20.45 -50.72
CA ALA C 42 -11.33 -20.07 -49.99
C ALA C 42 -10.06 -20.53 -50.70
N HIS C 43 -10.14 -21.68 -51.38
CA HIS C 43 -8.96 -22.19 -52.08
C HIS C 43 -8.49 -21.19 -53.14
N SER C 44 -9.44 -20.54 -53.82
CA SER C 44 -9.11 -19.52 -54.81
C SER C 44 -9.03 -18.12 -54.22
N HIS C 45 -9.35 -17.93 -52.94
CA HIS C 45 -9.28 -16.61 -52.32
C HIS C 45 -8.17 -16.44 -51.29
N PHE C 46 -7.44 -17.51 -50.94
CA PHE C 46 -6.44 -17.44 -49.89
C PHE C 46 -5.20 -18.22 -50.34
N ASP C 47 -4.25 -18.38 -49.42
CA ASP C 47 -3.01 -19.12 -49.65
C ASP C 47 -3.26 -20.59 -49.34
N TYR C 48 -3.58 -21.36 -50.38
CA TYR C 48 -3.94 -22.76 -50.24
C TYR C 48 -3.05 -23.59 -51.17
N ASP C 49 -2.54 -24.71 -50.64
CA ASP C 49 -1.81 -25.67 -51.45
C ASP C 49 -2.54 -27.01 -51.44
N PRO C 50 -2.81 -27.62 -52.61
CA PRO C 50 -3.59 -28.88 -52.61
C PRO C 50 -2.82 -30.08 -52.09
N ARG C 51 -1.50 -30.03 -52.07
CA ARG C 51 -0.72 -31.19 -51.63
C ARG C 51 -0.98 -31.51 -50.16
N ALA C 52 -1.12 -30.49 -49.31
CA ALA C 52 -1.35 -30.70 -47.90
C ALA C 52 -2.77 -30.37 -47.45
N ASP C 53 -3.57 -29.75 -48.32
CA ASP C 53 -4.96 -29.39 -47.99
C ASP C 53 -5.01 -28.50 -46.75
N GLU C 54 -4.08 -27.55 -46.67
CA GLU C 54 -4.01 -26.63 -45.54
C GLU C 54 -3.78 -25.21 -46.05
N PHE C 55 -4.34 -24.26 -45.32
CA PHE C 55 -4.15 -22.84 -45.59
C PHE C 55 -3.03 -22.31 -44.71
N PHE C 56 -2.16 -21.48 -45.27
CA PHE C 56 -1.01 -20.94 -44.56
C PHE C 56 -1.22 -19.47 -44.26
N PHE C 57 -1.12 -19.11 -42.98
CA PHE C 57 -1.08 -17.73 -42.52
C PHE C 57 0.20 -17.51 -41.73
N ASP C 58 0.87 -16.39 -41.99
CA ASP C 58 2.20 -16.16 -41.42
C ASP C 58 2.05 -15.23 -40.21
N ARG C 59 1.54 -15.80 -39.13
CA ARG C 59 1.15 -15.04 -37.94
C ARG C 59 1.60 -15.81 -36.70
N HIS C 60 1.21 -15.30 -35.53
CA HIS C 60 1.56 -15.90 -34.25
C HIS C 60 0.61 -17.05 -33.89
N PRO C 61 1.11 -18.28 -33.82
CA PRO C 61 0.21 -19.41 -33.53
C PRO C 61 -0.25 -19.46 -32.09
N GLY C 62 0.58 -18.99 -31.16
CA GLY C 62 0.20 -19.03 -29.75
C GLY C 62 -1.03 -18.20 -29.45
N VAL C 63 -1.24 -17.11 -30.19
CA VAL C 63 -2.40 -16.26 -29.96
C VAL C 63 -3.49 -16.63 -30.96
N PHE C 64 -3.11 -17.19 -32.11
CA PHE C 64 -4.15 -17.71 -33.00
C PHE C 64 -4.90 -18.83 -32.31
N ALA C 65 -4.24 -19.56 -31.42
CA ALA C 65 -4.94 -20.58 -30.63
C ALA C 65 -6.08 -19.95 -29.83
N HIS C 66 -5.85 -18.78 -29.25
CA HIS C 66 -6.87 -18.13 -28.44
C HIS C 66 -7.96 -17.51 -29.30
N ILE C 67 -7.61 -16.98 -30.47
CA ILE C 67 -8.64 -16.48 -31.38
C ILE C 67 -9.54 -17.63 -31.84
N LEU C 68 -8.94 -18.75 -32.22
CA LEU C 68 -9.74 -19.91 -32.58
C LEU C 68 -10.55 -20.42 -31.39
N ASN C 69 -10.03 -20.28 -30.17
CA ASN C 69 -10.81 -20.66 -29.00
C ASN C 69 -12.01 -19.75 -28.82
N TYR C 70 -11.87 -18.46 -29.15
CA TYR C 70 -13.03 -17.57 -29.20
C TYR C 70 -14.06 -18.10 -30.20
N TYR C 71 -13.58 -18.47 -31.38
CA TYR C 71 -14.48 -19.03 -32.39
C TYR C 71 -15.18 -20.28 -31.87
N ARG C 72 -14.47 -21.10 -31.10
CA ARG C 72 -15.01 -22.37 -30.64
C ARG C 72 -16.05 -22.17 -29.54
N THR C 73 -15.70 -21.43 -28.49
CA THR C 73 -16.54 -21.32 -27.32
C THR C 73 -17.58 -20.22 -27.42
N GLY C 74 -17.21 -19.05 -27.92
CA GLY C 74 -18.12 -17.92 -28.04
C GLY C 74 -17.78 -16.73 -27.19
N LYS C 75 -16.77 -16.83 -26.33
CA LYS C 75 -16.33 -15.71 -25.50
C LYS C 75 -14.87 -15.41 -25.85
N LEU C 76 -14.56 -14.14 -26.06
CA LEU C 76 -13.22 -13.73 -26.44
C LEU C 76 -12.45 -13.32 -25.19
N HIS C 77 -11.30 -13.96 -24.98
CA HIS C 77 -10.42 -13.67 -23.86
C HIS C 77 -9.07 -13.24 -24.41
N CYS C 78 -8.22 -12.78 -23.52
CA CYS C 78 -6.88 -12.36 -23.90
C CYS C 78 -5.85 -13.28 -23.27
N PRO C 79 -4.86 -13.75 -24.03
CA PRO C 79 -3.77 -14.52 -23.42
C PRO C 79 -2.97 -13.67 -22.45
N ALA C 80 -2.70 -14.24 -21.27
CA ALA C 80 -1.93 -13.56 -20.24
C ALA C 80 -0.43 -13.67 -20.46
N ASP C 81 0.01 -14.37 -21.50
CA ASP C 81 1.42 -14.56 -21.78
C ASP C 81 1.93 -13.66 -22.90
N VAL C 82 1.11 -12.73 -23.37
CA VAL C 82 1.53 -11.71 -24.32
C VAL C 82 0.94 -10.37 -23.87
N CYS C 83 1.35 -9.31 -24.56
CA CYS C 83 0.86 -7.97 -24.25
C CYS C 83 -0.52 -7.71 -24.86
N GLY C 84 -1.20 -6.72 -24.28
CA GLY C 84 -2.38 -6.15 -24.86
C GLY C 84 -2.19 -5.60 -26.26
N PRO C 85 -1.12 -4.82 -26.47
CA PRO C 85 -0.83 -4.37 -27.85
C PRO C 85 -0.59 -5.49 -28.84
N LEU C 86 0.12 -6.54 -28.43
CA LEU C 86 0.35 -7.68 -29.31
C LEU C 86 -0.96 -8.36 -29.67
N TYR C 87 -1.79 -8.66 -28.66
CA TYR C 87 -3.06 -9.29 -28.94
C TYR C 87 -3.96 -8.37 -29.74
N GLU C 88 -3.85 -7.05 -29.54
CA GLU C 88 -4.66 -6.11 -30.29
C GLU C 88 -4.28 -6.10 -31.76
N GLU C 89 -2.97 -6.14 -32.05
CA GLU C 89 -2.53 -6.22 -33.44
C GLU C 89 -3.00 -7.51 -34.08
N GLU C 90 -2.93 -8.63 -33.35
CA GLU C 90 -3.41 -9.88 -33.91
C GLU C 90 -4.92 -9.86 -34.16
N LEU C 91 -5.68 -9.28 -33.23
CA LEU C 91 -7.12 -9.14 -33.42
C LEU C 91 -7.43 -8.26 -34.62
N ALA C 92 -6.68 -7.17 -34.78
CA ALA C 92 -6.88 -6.28 -35.91
C ALA C 92 -6.62 -7.00 -37.23
N PHE C 93 -5.59 -7.85 -37.26
CA PHE C 93 -5.32 -8.59 -38.49
C PHE C 93 -6.44 -9.61 -38.76
N TRP C 94 -6.84 -10.36 -37.73
CA TRP C 94 -7.81 -11.43 -37.92
C TRP C 94 -9.24 -10.91 -38.04
N GLY C 95 -9.48 -9.62 -37.83
CA GLY C 95 -10.78 -9.05 -38.03
C GLY C 95 -11.70 -9.08 -36.83
N ILE C 96 -11.22 -9.49 -35.67
CA ILE C 96 -12.05 -9.57 -34.48
C ILE C 96 -12.19 -8.20 -33.85
N ASP C 97 -13.38 -7.89 -33.35
CA ASP C 97 -13.60 -6.63 -32.66
C ASP C 97 -12.99 -6.68 -31.27
N GLU C 98 -12.18 -5.68 -30.93
CA GLU C 98 -11.55 -5.63 -29.62
C GLU C 98 -12.54 -5.34 -28.50
N THR C 99 -13.76 -4.93 -28.82
CA THR C 99 -14.77 -4.63 -27.81
C THR C 99 -15.60 -5.85 -27.43
N ASP C 100 -15.28 -7.02 -27.97
CA ASP C 100 -15.92 -8.28 -27.58
C ASP C 100 -15.19 -8.95 -26.42
N VAL C 101 -14.08 -8.37 -25.97
CA VAL C 101 -13.28 -9.00 -24.92
C VAL C 101 -14.04 -9.00 -23.61
N GLU C 102 -13.91 -10.09 -22.86
CA GLU C 102 -14.65 -10.27 -21.62
C GLU C 102 -14.17 -9.30 -20.53
N PRO C 103 -15.02 -9.05 -19.53
CA PRO C 103 -14.59 -8.18 -18.42
C PRO C 103 -13.38 -8.71 -17.68
N CYS C 104 -13.21 -10.03 -17.64
CA CYS C 104 -12.06 -10.63 -16.96
C CYS C 104 -10.75 -10.30 -17.66
N CYS C 105 -10.82 -9.84 -18.92
CA CYS C 105 -9.65 -9.46 -19.68
C CYS C 105 -9.56 -7.97 -19.98
N TRP C 106 -10.65 -7.22 -19.83
CA TRP C 106 -10.68 -5.85 -20.33
C TRP C 106 -9.64 -4.97 -19.65
N MET C 107 -9.52 -5.06 -18.32
CA MET C 107 -8.60 -4.18 -17.60
C MET C 107 -7.15 -4.45 -17.97
N THR C 108 -6.73 -5.71 -18.00
CA THR C 108 -5.34 -5.99 -18.35
C THR C 108 -5.08 -5.83 -19.84
N TYR C 109 -6.12 -5.86 -20.67
CA TYR C 109 -5.92 -5.64 -22.10
C TYR C 109 -5.81 -4.15 -22.44
N ARG C 110 -6.81 -3.37 -22.05
CA ARG C 110 -6.82 -1.93 -22.31
C ARG C 110 -6.13 -1.16 -21.19
N GLN C 111 -4.86 -1.51 -20.95
CA GLN C 111 -4.09 -0.91 -19.87
C GLN C 111 -2.98 -0.02 -20.42
N HIS C 112 -2.11 -0.56 -21.27
CA HIS C 112 -1.09 0.28 -21.90
C HIS C 112 -1.72 1.32 -22.81
N ARG C 113 -2.78 0.95 -23.53
CA ARG C 113 -3.44 1.91 -24.42
C ARG C 113 -4.10 3.04 -23.61
N ASP C 114 -4.73 2.70 -22.49
CA ASP C 114 -5.32 3.72 -21.63
C ASP C 114 -4.25 4.63 -21.05
N ALA C 115 -3.12 4.06 -20.61
CA ALA C 115 -2.04 4.88 -20.10
C ALA C 115 -1.48 5.81 -21.18
N GLU C 116 -1.33 5.29 -22.39
CA GLU C 116 -0.81 6.12 -23.49
C GLU C 116 -1.78 7.23 -23.86
N GLU C 117 -3.09 6.95 -23.82
CA GLU C 117 -4.07 7.98 -24.13
C GLU C 117 -4.18 9.00 -23.01
N ALA C 118 -3.89 8.60 -21.77
CA ALA C 118 -3.82 9.58 -20.69
C ALA C 118 -2.58 10.46 -20.83
N LEU C 119 -1.43 9.86 -21.15
CA LEU C 119 -0.20 10.63 -21.27
C LEU C 119 -0.16 11.48 -22.54
N ASP C 120 -0.97 11.14 -23.54
CA ASP C 120 -0.98 11.89 -24.78
C ASP C 120 -2.28 11.66 -25.55
N ARG C 170 10.13 40.08 -39.61
CA ARG C 170 10.01 38.65 -39.28
C ARG C 170 11.30 37.90 -39.57
N ARG C 171 12.40 38.65 -39.76
CA ARG C 171 13.68 38.03 -40.03
C ARG C 171 14.16 37.19 -38.86
N TRP C 172 14.01 37.71 -37.63
CA TRP C 172 14.46 37.03 -36.43
C TRP C 172 13.31 36.84 -35.44
N GLN C 173 12.08 36.74 -35.95
CA GLN C 173 10.94 36.48 -35.06
C GLN C 173 11.09 35.17 -34.31
N PRO C 174 11.52 34.06 -34.93
CA PRO C 174 11.83 32.87 -34.12
C PRO C 174 12.93 33.10 -33.10
N ARG C 175 13.88 33.98 -33.39
CA ARG C 175 14.91 34.31 -32.41
C ARG C 175 14.32 35.03 -31.21
N ILE C 176 13.38 35.95 -31.45
CA ILE C 176 12.70 36.62 -30.35
C ILE C 176 11.88 35.61 -29.56
N TRP C 177 11.11 34.78 -30.25
CA TRP C 177 10.29 33.76 -29.60
C TRP C 177 11.14 32.70 -28.90
N ALA C 178 12.44 32.64 -29.18
CA ALA C 178 13.33 31.76 -28.44
C ALA C 178 13.61 32.24 -27.03
N LEU C 179 13.13 33.43 -26.65
CA LEU C 179 13.37 33.93 -25.31
C LEU C 179 12.77 33.01 -24.25
N PHE C 180 11.55 32.53 -24.49
CA PHE C 180 10.92 31.58 -23.56
C PHE C 180 11.35 30.14 -23.83
N GLU C 181 11.94 29.85 -24.98
CA GLU C 181 12.16 28.47 -25.38
C GLU C 181 13.13 27.79 -24.40
N ASP C 182 13.23 26.48 -24.54
CA ASP C 182 14.11 25.66 -23.71
C ASP C 182 15.46 26.36 -23.53
N PRO C 183 15.89 26.59 -22.28
CA PRO C 183 17.17 27.29 -22.06
C PRO C 183 18.35 26.61 -22.74
N TYR C 184 18.34 25.28 -22.83
CA TYR C 184 19.41 24.55 -23.50
C TYR C 184 19.36 24.68 -25.01
N SER C 185 18.20 25.04 -25.57
CA SER C 185 18.04 25.15 -27.01
C SER C 185 18.73 26.38 -27.61
N SER C 186 19.43 27.17 -26.80
CA SER C 186 20.17 28.31 -27.29
C SER C 186 21.27 28.65 -26.29
N ARG C 187 21.93 29.78 -26.50
CA ARG C 187 22.99 30.26 -25.61
C ARG C 187 22.50 31.33 -24.64
N TYR C 188 21.80 32.35 -25.14
CA TYR C 188 21.25 33.36 -24.25
C TYR C 188 20.04 32.85 -23.47
N ALA C 189 19.35 31.84 -23.99
CA ALA C 189 18.17 31.31 -23.31
C ALA C 189 18.52 30.74 -21.94
N ARG C 190 19.72 30.16 -21.79
CA ARG C 190 20.14 29.67 -20.48
C ARG C 190 20.16 30.78 -19.46
N TYR C 191 20.82 31.90 -19.79
CA TYR C 191 20.90 33.02 -18.88
C TYR C 191 19.52 33.63 -18.64
N VAL C 192 18.69 33.70 -19.69
CA VAL C 192 17.36 34.27 -19.54
C VAL C 192 16.54 33.44 -18.55
N ALA C 193 16.58 32.11 -18.71
CA ALA C 193 15.83 31.24 -17.80
C ALA C 193 16.37 31.31 -16.37
N PHE C 194 17.69 31.41 -16.22
CA PHE C 194 18.25 31.56 -14.87
C PHE C 194 17.82 32.87 -14.23
N ALA C 195 17.77 33.95 -15.03
CA ALA C 195 17.30 35.23 -14.52
C ALA C 195 15.84 35.16 -14.12
N SER C 196 15.02 34.47 -14.93
CA SER C 196 13.62 34.29 -14.56
C SER C 196 13.49 33.51 -13.26
N LEU C 197 14.29 32.45 -13.10
CA LEU C 197 14.30 31.70 -11.85
C LEU C 197 14.60 32.61 -10.67
N PHE C 198 15.68 33.39 -10.79
CA PHE C 198 16.11 34.24 -9.69
C PHE C 198 15.06 35.28 -9.36
N PHE C 199 14.47 35.90 -10.38
CA PHE C 199 13.51 36.97 -10.13
C PHE C 199 12.21 36.44 -9.57
N ILE C 200 11.74 35.28 -10.04
CA ILE C 200 10.53 34.68 -9.48
C ILE C 200 10.75 34.33 -8.01
N LEU C 201 11.90 33.73 -7.70
CA LEU C 201 12.18 33.38 -6.31
C LEU C 201 12.27 34.64 -5.44
N VAL C 202 12.91 35.70 -5.96
CA VAL C 202 13.03 36.93 -5.19
C VAL C 202 11.66 37.55 -4.96
N SER C 203 10.79 37.51 -5.96
CA SER C 203 9.45 38.07 -5.79
C SER C 203 8.65 37.29 -4.74
N ILE C 204 8.75 35.95 -4.77
CA ILE C 204 8.06 35.15 -3.75
C ILE C 204 8.60 35.47 -2.37
N THR C 205 9.93 35.60 -2.26
CA THR C 205 10.53 35.91 -0.97
C THR C 205 10.09 37.28 -0.47
N THR C 206 10.02 38.26 -1.36
CA THR C 206 9.58 39.59 -0.97
C THR C 206 8.12 39.58 -0.54
N PHE C 207 7.27 38.82 -1.23
CA PHE C 207 5.89 38.65 -0.79
C PHE C 207 5.82 38.10 0.63
N CYS C 208 6.52 36.99 0.88
CA CYS C 208 6.47 36.37 2.21
C CYS C 208 7.03 37.31 3.27
N LEU C 209 8.09 38.05 2.95
CA LEU C 209 8.62 39.02 3.91
C LEU C 209 7.65 40.17 4.12
N GLU C 210 6.90 40.53 3.08
CA GLU C 210 5.91 41.60 3.21
C GLU C 210 4.83 41.21 4.19
N THR C 211 4.46 39.93 4.20
CA THR C 211 3.47 39.48 5.18
C THR C 211 4.01 39.46 6.60
N HIS C 212 5.32 39.59 6.79
CA HIS C 212 5.91 39.47 8.12
C HIS C 212 5.69 40.75 8.93
N GLU C 213 6.10 40.70 10.20
CA GLU C 213 5.93 41.81 11.13
C GLU C 213 7.22 42.59 11.40
N ARG C 214 8.38 41.92 11.27
CA ARG C 214 9.65 42.62 11.45
C ARG C 214 9.87 43.68 10.37
N PHE C 215 9.40 43.41 9.16
CA PHE C 215 9.54 44.34 8.04
C PHE C 215 8.34 45.26 7.89
N ASN C 216 7.38 45.21 8.82
CA ASN C 216 6.15 45.99 8.75
C ASN C 216 5.95 46.60 10.13
N PRO C 217 6.64 47.70 10.43
CA PRO C 217 6.53 48.33 11.75
C PRO C 217 5.39 49.35 11.81
N ILE C 218 5.05 49.73 13.03
CA ILE C 218 3.99 50.70 13.29
C ILE C 218 4.66 52.04 13.55
N VAL C 219 4.91 52.79 12.48
CA VAL C 219 5.44 54.15 12.59
C VAL C 219 4.31 55.10 12.94
N ASN C 220 4.63 56.16 13.67
CA ASN C 220 3.62 57.13 14.08
C ASN C 220 3.18 57.95 12.87
N LYS C 221 1.89 57.94 12.59
CA LYS C 221 1.34 58.70 11.47
C LYS C 221 -0.17 58.86 11.68
N THR C 222 -0.77 59.68 10.83
CA THR C 222 -2.21 59.90 10.86
C THR C 222 -2.96 58.61 10.59
N TYR C 236 -1.90 58.46 16.15
CA TYR C 236 -2.02 57.07 15.70
C TYR C 236 -0.67 56.55 15.22
N ARG C 237 -0.56 55.21 15.14
CA ARG C 237 0.66 54.55 14.65
C ARG C 237 0.24 53.51 13.62
N GLU C 238 0.07 53.95 12.37
CA GLU C 238 -0.30 53.03 11.31
C GLU C 238 0.89 52.17 10.93
N ALA C 239 0.63 50.89 10.65
CA ALA C 239 1.68 49.96 10.26
C ALA C 239 1.83 49.99 8.74
N GLU C 240 3.02 50.39 8.27
CA GLU C 240 3.33 50.45 6.85
C GLU C 240 4.51 49.54 6.55
N THR C 241 4.43 48.86 5.41
CA THR C 241 5.51 48.00 4.95
C THR C 241 6.74 48.82 4.55
N GLU C 242 7.91 48.31 4.89
CA GLU C 242 9.16 48.98 4.52
C GLU C 242 9.25 49.15 3.01
N ALA C 243 9.69 50.34 2.59
CA ALA C 243 9.69 50.69 1.17
C ALA C 243 10.73 49.94 0.35
N PHE C 244 11.76 49.37 0.99
CA PHE C 244 12.77 48.64 0.23
C PHE C 244 12.18 47.37 -0.39
N LEU C 245 11.21 46.75 0.28
CA LEU C 245 10.50 45.62 -0.31
C LEU C 245 9.75 46.05 -1.56
N THR C 246 9.12 47.23 -1.51
CA THR C 246 8.42 47.74 -2.69
C THR C 246 9.39 48.06 -3.81
N TYR C 247 10.57 48.58 -3.49
CA TYR C 247 11.57 48.84 -4.53
C TYR C 247 12.03 47.55 -5.18
N ILE C 248 12.28 46.51 -4.38
CA ILE C 248 12.66 45.21 -4.93
C ILE C 248 11.55 44.68 -5.82
N GLU C 249 10.30 44.79 -5.37
CA GLU C 249 9.18 44.35 -6.20
C GLU C 249 9.12 45.16 -7.50
N GLY C 250 9.46 46.44 -7.45
CA GLY C 250 9.47 47.24 -8.65
C GLY C 250 10.52 46.79 -9.65
N VAL C 251 11.71 46.44 -9.16
CA VAL C 251 12.74 45.91 -10.05
C VAL C 251 12.29 44.59 -10.66
N CYS C 252 11.70 43.71 -9.85
CA CYS C 252 11.19 42.46 -10.38
C CYS C 252 10.12 42.70 -11.42
N VAL C 253 9.27 43.69 -11.19
CA VAL C 253 8.15 43.97 -12.10
C VAL C 253 8.67 44.52 -13.42
N VAL C 254 9.69 45.37 -13.38
CA VAL C 254 10.22 45.89 -14.65
C VAL C 254 10.87 44.76 -15.45
N TRP C 255 11.59 43.85 -14.78
CA TRP C 255 12.11 42.70 -15.49
C TRP C 255 10.98 41.85 -16.08
N PHE C 256 9.94 41.59 -15.29
CA PHE C 256 8.86 40.73 -15.75
C PHE C 256 8.07 41.37 -16.89
N THR C 257 7.91 42.69 -16.87
CA THR C 257 7.21 43.36 -17.97
C THR C 257 8.07 43.40 -19.23
N PHE C 258 9.40 43.51 -19.07
CA PHE C 258 10.27 43.34 -20.23
C PHE C 258 10.08 41.96 -20.84
N GLU C 259 10.09 40.92 -20.00
CA GLU C 259 9.93 39.57 -20.50
C GLU C 259 8.57 39.38 -21.17
N PHE C 260 7.51 39.93 -20.56
CA PHE C 260 6.17 39.79 -21.12
C PHE C 260 6.05 40.49 -22.46
N LEU C 261 6.62 41.70 -22.59
CA LEU C 261 6.57 42.37 -23.88
C LEU C 261 7.38 41.63 -24.93
N MET C 262 8.55 41.10 -24.54
CA MET C 262 9.36 40.35 -25.50
C MET C 262 8.64 39.09 -25.97
N ARG C 263 7.87 38.45 -25.08
CA ARG C 263 7.10 37.28 -25.50
C ARG C 263 5.84 37.66 -26.29
N VAL C 264 5.26 38.81 -26.01
CA VAL C 264 4.08 39.26 -26.75
C VAL C 264 4.46 39.73 -28.15
N ILE C 265 5.72 40.13 -28.35
CA ILE C 265 6.16 40.52 -29.68
C ILE C 265 5.89 39.39 -30.69
N PHE C 266 6.21 38.16 -30.31
CA PHE C 266 5.96 36.99 -31.13
C PHE C 266 4.83 36.19 -30.47
N CYS C 267 3.63 36.31 -31.02
CA CYS C 267 2.44 35.65 -30.48
C CYS C 267 1.69 34.92 -31.59
N PRO C 268 2.26 33.85 -32.11
CA PRO C 268 1.51 33.00 -33.04
C PRO C 268 0.33 32.34 -32.34
N ASN C 269 -0.78 32.21 -33.07
CA ASN C 269 -2.01 31.66 -32.52
C ASN C 269 -2.41 32.43 -31.25
N LYS C 270 -2.72 33.71 -31.46
CA LYS C 270 -3.03 34.59 -30.34
C LYS C 270 -4.19 34.07 -29.50
N VAL C 271 -5.13 33.36 -30.11
CA VAL C 271 -6.23 32.78 -29.34
C VAL C 271 -5.69 31.79 -28.32
N GLU C 272 -4.79 30.89 -28.74
CA GLU C 272 -4.19 29.95 -27.82
C GLU C 272 -3.28 30.65 -26.82
N PHE C 273 -2.58 31.69 -27.25
CA PHE C 273 -1.71 32.42 -26.34
C PHE C 273 -2.50 33.06 -25.21
N ILE C 274 -3.65 33.67 -25.54
CA ILE C 274 -4.52 34.22 -24.51
C ILE C 274 -5.09 33.11 -23.65
N LYS C 275 -5.51 32.00 -24.26
CA LYS C 275 -6.08 30.89 -23.49
C LYS C 275 -5.05 30.22 -22.59
N ASN C 276 -3.76 30.47 -22.82
CA ASN C 276 -2.73 29.83 -22.02
C ASN C 276 -2.75 30.34 -20.58
N SER C 277 -2.92 29.42 -19.65
CA SER C 277 -3.07 29.77 -18.25
C SER C 277 -1.78 30.39 -17.69
N LEU C 278 -0.62 29.96 -18.18
CA LEU C 278 0.63 30.51 -17.66
C LEU C 278 0.76 32.00 -17.99
N ASN C 279 0.47 32.37 -19.24
CA ASN C 279 0.51 33.79 -19.59
C ASN C 279 -0.62 34.56 -18.93
N ILE C 280 -1.78 33.94 -18.74
CA ILE C 280 -2.83 34.59 -17.96
C ILE C 280 -2.34 34.90 -16.56
N ILE C 281 -1.65 33.95 -15.93
CA ILE C 281 -1.12 34.15 -14.58
C ILE C 281 -0.08 35.26 -14.59
N ASP C 282 0.77 35.27 -15.61
CA ASP C 282 1.81 36.31 -15.68
C ASP C 282 1.20 37.70 -15.79
N PHE C 283 0.19 37.86 -16.64
CA PHE C 283 -0.46 39.16 -16.75
C PHE C 283 -1.18 39.53 -15.46
N VAL C 284 -1.87 38.58 -14.84
CA VAL C 284 -2.59 38.87 -13.60
C VAL C 284 -1.61 39.24 -12.50
N ALA C 285 -0.42 38.65 -12.49
CA ALA C 285 0.59 38.98 -11.49
C ALA C 285 1.28 40.31 -11.77
N ILE C 286 1.34 40.71 -13.04
CA ILE C 286 1.97 41.98 -13.38
C ILE C 286 1.01 43.17 -13.26
N LEU C 287 -0.30 42.94 -13.32
CA LEU C 287 -1.24 44.04 -13.18
C LEU C 287 -1.14 44.74 -11.83
N PRO C 288 -1.13 44.05 -10.70
CA PRO C 288 -1.33 44.75 -9.41
C PRO C 288 -0.29 45.81 -9.10
N PHE C 289 0.97 45.65 -9.53
CA PHE C 289 1.96 46.69 -9.25
C PHE C 289 1.61 47.99 -9.96
N TYR C 290 1.23 47.90 -11.23
CA TYR C 290 0.88 49.10 -11.98
C TYR C 290 -0.44 49.69 -11.49
N LEU C 291 -1.40 48.82 -11.14
CA LEU C 291 -2.64 49.32 -10.56
C LEU C 291 -2.39 50.03 -9.24
N GLU C 292 -1.44 49.53 -8.44
CA GLU C 292 -1.08 50.20 -7.20
C GLU C 292 -0.41 51.53 -7.45
N VAL C 293 0.49 51.58 -8.44
CA VAL C 293 1.17 52.83 -8.77
C VAL C 293 0.17 53.88 -9.21
N GLY C 294 -0.79 53.49 -10.07
CA GLY C 294 -1.82 54.43 -10.49
C GLY C 294 -2.74 54.83 -9.36
N LEU C 295 -3.07 53.89 -8.48
CA LEU C 295 -3.99 54.16 -7.39
C LEU C 295 -3.42 55.16 -6.39
N SER C 296 -2.12 55.06 -6.10
CA SER C 296 -1.52 55.94 -5.10
C SER C 296 -1.59 57.41 -5.49
N GLY C 297 -1.73 57.71 -6.78
CA GLY C 297 -1.89 59.10 -7.18
C GLY C 297 -3.16 59.71 -6.63
N LEU C 298 -4.25 58.95 -6.62
CA LEU C 298 -5.54 59.42 -6.13
C LEU C 298 -5.70 59.04 -4.66
N SER C 299 -5.89 60.05 -3.82
CA SER C 299 -6.00 59.86 -2.37
C SER C 299 -7.48 59.91 -2.01
N SER C 300 -8.14 58.75 -2.06
CA SER C 300 -9.54 58.64 -1.68
C SER C 300 -9.72 57.39 -0.81
N LYS C 301 -10.81 57.37 -0.05
CA LYS C 301 -11.11 56.21 0.78
C LYS C 301 -11.38 54.98 -0.08
N ALA C 302 -12.15 55.14 -1.15
CA ALA C 302 -12.35 54.04 -2.09
C ALA C 302 -11.04 53.60 -2.69
N ALA C 303 -10.13 54.55 -2.94
CA ALA C 303 -8.80 54.18 -3.41
C ALA C 303 -8.07 53.33 -2.37
N LYS C 304 -8.23 53.65 -1.09
CA LYS C 304 -7.62 52.83 -0.04
C LYS C 304 -8.21 51.42 -0.01
N ASP C 305 -9.54 51.32 -0.18
CA ASP C 305 -10.16 50.00 -0.21
C ASP C 305 -9.67 49.18 -1.39
N VAL C 306 -9.58 49.81 -2.57
CA VAL C 306 -9.06 49.09 -3.73
C VAL C 306 -7.59 48.74 -3.54
N LEU C 307 -6.84 49.58 -2.82
CA LEU C 307 -5.45 49.25 -2.50
C LEU C 307 -5.38 48.01 -1.62
N GLY C 308 -6.26 47.92 -0.61
CA GLY C 308 -6.30 46.73 0.22
C GLY C 308 -6.68 45.49 -0.59
N PHE C 309 -7.65 45.62 -1.49
CA PHE C 309 -8.00 44.49 -2.35
C PHE C 309 -6.83 44.09 -3.23
N LEU C 310 -6.05 45.07 -3.71
CA LEU C 310 -4.87 44.76 -4.50
C LEU C 310 -3.83 44.04 -3.66
N ARG C 311 -3.70 44.42 -2.39
CA ARG C 311 -2.81 43.69 -1.49
C ARG C 311 -3.24 42.25 -1.35
N VAL C 312 -4.56 42.01 -1.25
CA VAL C 312 -5.05 40.63 -1.26
C VAL C 312 -4.70 39.94 -2.57
N VAL C 313 -4.89 40.65 -3.69
CA VAL C 313 -4.70 40.06 -5.01
C VAL C 313 -3.24 39.68 -5.24
N ARG C 314 -2.31 40.37 -4.58
CA ARG C 314 -0.88 40.12 -4.78
C ARG C 314 -0.47 38.68 -4.49
N PHE C 315 -1.38 37.84 -3.98
CA PHE C 315 -1.05 36.44 -3.77
C PHE C 315 -0.76 35.70 -5.07
N VAL C 316 -1.15 36.26 -6.22
CA VAL C 316 -0.90 35.61 -7.51
C VAL C 316 0.57 35.56 -7.86
N ARG C 317 1.44 36.21 -7.07
CA ARG C 317 2.86 36.19 -7.37
C ARG C 317 3.49 34.84 -7.09
N ILE C 318 2.90 34.05 -6.19
CA ILE C 318 3.43 32.72 -5.90
C ILE C 318 3.03 31.70 -6.95
N LEU C 319 2.05 32.03 -7.80
CA LEU C 319 1.63 31.13 -8.87
C LEU C 319 2.59 31.13 -10.05
N ARG C 320 3.56 32.04 -10.07
CA ARG C 320 4.55 32.06 -11.14
C ARG C 320 5.53 30.90 -11.06
N ILE C 321 5.53 30.14 -9.96
CA ILE C 321 6.46 29.01 -9.83
C ILE C 321 6.04 27.85 -10.71
N PHE C 322 4.78 27.82 -11.15
CA PHE C 322 4.34 26.76 -12.04
C PHE C 322 4.95 26.92 -13.42
N LYS C 323 5.27 28.15 -13.84
CA LYS C 323 6.06 28.34 -15.05
C LYS C 323 7.39 27.61 -14.94
N LEU C 324 8.02 27.66 -13.76
CA LEU C 324 9.31 27.03 -13.58
C LEU C 324 9.18 25.51 -13.49
N THR C 325 8.15 25.03 -12.81
CA THR C 325 7.95 23.61 -12.58
C THR C 325 7.17 22.92 -13.70
N ARG C 326 6.78 23.66 -14.74
CA ARG C 326 5.98 23.05 -15.81
C ARG C 326 6.75 21.97 -16.55
N HIS C 327 8.07 22.08 -16.59
CA HIS C 327 8.89 21.16 -17.37
C HIS C 327 9.19 19.86 -16.62
N PHE C 328 8.88 19.78 -15.33
CA PHE C 328 9.15 18.57 -14.59
C PHE C 328 8.20 17.44 -14.99
N VAL C 329 8.77 16.27 -15.26
CA VAL C 329 7.98 15.17 -15.81
C VAL C 329 7.04 14.65 -14.75
N GLY C 330 7.46 14.63 -13.49
CA GLY C 330 6.59 14.16 -12.44
C GLY C 330 5.39 15.06 -12.26
N LEU C 331 5.57 16.37 -12.49
CA LEU C 331 4.44 17.29 -12.41
C LEU C 331 3.48 17.07 -13.57
N ARG C 332 4.01 16.81 -14.77
CA ARG C 332 3.12 16.50 -15.89
C ARG C 332 2.37 15.20 -15.66
N VAL C 333 3.05 14.18 -15.13
CA VAL C 333 2.40 12.91 -14.80
C VAL C 333 1.33 13.12 -13.73
N LEU C 334 1.60 13.97 -12.74
CA LEU C 334 0.60 14.24 -11.72
C LEU C 334 -0.62 14.93 -12.31
N GLY C 335 -0.41 15.85 -13.25
CA GLY C 335 -1.54 16.46 -13.92
C GLY C 335 -2.36 15.46 -14.70
N HIS C 336 -1.68 14.55 -15.40
CA HIS C 336 -2.38 13.49 -16.11
C HIS C 336 -3.18 12.60 -15.16
N THR C 337 -2.59 12.26 -14.01
CA THR C 337 -3.28 11.42 -13.04
C THR C 337 -4.51 12.13 -12.47
N LEU C 338 -4.38 13.43 -12.16
CA LEU C 338 -5.53 14.17 -11.67
C LEU C 338 -6.63 14.21 -12.71
N ARG C 339 -6.26 14.40 -13.99
CA ARG C 339 -7.27 14.44 -15.04
C ARG C 339 -7.92 13.08 -15.27
N ALA C 340 -7.18 11.99 -15.04
CA ALA C 340 -7.69 10.64 -15.28
C ALA C 340 -8.38 10.01 -14.07
N SER C 341 -8.23 10.57 -12.87
CA SER C 341 -8.84 10.00 -11.67
C SER C 341 -9.94 10.91 -11.09
N THR C 342 -10.70 11.55 -11.98
CA THR C 342 -11.80 12.41 -11.51
C THR C 342 -12.85 11.60 -10.77
N ASN C 343 -13.17 10.41 -11.27
CA ASN C 343 -14.18 9.58 -10.61
C ASN C 343 -13.71 9.16 -9.23
N GLU C 344 -12.44 8.82 -9.08
CA GLU C 344 -11.94 8.41 -7.76
C GLU C 344 -11.85 9.59 -6.81
N PHE C 345 -11.51 10.78 -7.31
CA PHE C 345 -11.52 11.96 -6.45
C PHE C 345 -12.94 12.29 -5.99
N LEU C 346 -13.93 12.18 -6.89
CA LEU C 346 -15.31 12.38 -6.48
C LEU C 346 -15.75 11.32 -5.47
N LEU C 347 -15.30 10.09 -5.65
CA LEU C 347 -15.59 9.03 -4.68
C LEU C 347 -15.03 9.38 -3.31
N LEU C 348 -13.78 9.84 -3.26
CA LEU C 348 -13.18 10.23 -2.00
C LEU C 348 -13.94 11.39 -1.37
N ILE C 349 -14.34 12.38 -2.17
CA ILE C 349 -15.07 13.53 -1.64
C ILE C 349 -16.40 13.10 -1.05
N ILE C 350 -17.12 12.22 -1.76
CA ILE C 350 -18.42 11.79 -1.26
C ILE C 350 -18.27 10.97 0.01
N PHE C 351 -17.28 10.07 0.06
CA PHE C 351 -17.05 9.30 1.27
C PHE C 351 -16.76 10.21 2.44
N LEU C 352 -15.87 11.19 2.24
CA LEU C 352 -15.52 12.10 3.32
C LEU C 352 -16.73 12.92 3.77
N ALA C 353 -17.53 13.42 2.83
CA ALA C 353 -18.68 14.22 3.21
C ALA C 353 -19.69 13.41 4.02
N LEU C 354 -20.00 12.19 3.57
CA LEU C 354 -20.93 11.34 4.30
C LEU C 354 -20.41 11.02 5.69
N GLY C 355 -19.13 10.64 5.79
CA GLY C 355 -18.57 10.33 7.09
C GLY C 355 -18.57 11.53 8.01
N VAL C 356 -18.20 12.70 7.50
CA VAL C 356 -18.14 13.91 8.31
C VAL C 356 -19.51 14.25 8.85
N LEU C 357 -20.53 14.22 7.99
CA LEU C 357 -21.89 14.51 8.44
C LEU C 357 -22.33 13.52 9.52
N ILE C 358 -22.17 12.21 9.24
CA ILE C 358 -22.69 11.20 10.15
C ILE C 358 -21.98 11.29 11.50
N PHE C 359 -20.67 11.43 11.49
CA PHE C 359 -19.92 11.39 12.74
C PHE C 359 -20.05 12.71 13.50
N ALA C 360 -20.24 13.83 12.82
CA ALA C 360 -20.53 15.08 13.53
C ALA C 360 -21.87 14.97 14.26
N THR C 361 -22.90 14.46 13.58
CA THR C 361 -24.18 14.28 14.26
C THR C 361 -24.06 13.31 15.43
N MET C 362 -23.35 12.19 15.21
CA MET C 362 -23.25 11.17 16.25
C MET C 362 -22.48 11.70 17.46
N ILE C 363 -21.40 12.45 17.25
CA ILE C 363 -20.64 12.97 18.39
C ILE C 363 -21.43 14.07 19.10
N TYR C 364 -22.17 14.88 18.35
CA TYR C 364 -23.00 15.89 18.98
C TYR C 364 -24.02 15.25 19.90
N TYR C 365 -24.64 14.15 19.46
CA TYR C 365 -25.68 13.55 20.29
C TYR C 365 -25.10 12.67 21.39
N ALA C 366 -23.93 12.06 21.17
CA ALA C 366 -23.29 11.22 22.16
C ALA C 366 -22.62 12.01 23.28
N GLU C 367 -22.24 13.27 23.02
CA GLU C 367 -21.58 14.07 24.05
C GLU C 367 -22.56 14.69 25.03
N ARG C 368 -23.86 14.45 24.91
CA ARG C 368 -24.84 14.90 25.89
C ARG C 368 -25.85 13.79 26.16
N ILE C 369 -25.35 12.57 26.37
CA ILE C 369 -26.21 11.48 26.80
C ILE C 369 -26.56 11.66 28.27
N GLY C 370 -27.85 11.68 28.57
CA GLY C 370 -28.32 11.89 29.93
C GLY C 370 -28.46 13.34 30.33
N ALA C 371 -28.18 14.28 29.43
CA ALA C 371 -28.33 15.69 29.76
C ALA C 371 -29.82 16.06 29.82
N GLN C 372 -30.11 17.13 30.55
CA GLN C 372 -31.53 17.57 30.72
C GLN C 372 -32.04 18.13 29.39
N PRO C 373 -33.37 18.15 29.14
CA PRO C 373 -33.92 18.60 27.85
C PRO C 373 -33.53 20.05 27.49
N ASN C 374 -33.50 20.95 28.48
CA ASN C 374 -33.26 22.38 28.16
C ASN C 374 -32.29 23.01 29.17
N ASP C 375 -31.45 22.21 29.83
CA ASP C 375 -30.46 22.77 30.72
C ASP C 375 -29.39 23.50 29.90
N PRO C 376 -29.16 24.79 30.12
CA PRO C 376 -28.10 25.47 29.35
C PRO C 376 -26.71 24.90 29.58
N SER C 377 -26.48 24.22 30.70
CA SER C 377 -25.20 23.59 30.98
C SER C 377 -25.01 22.29 30.20
N ALA C 378 -25.92 21.97 29.28
CA ALA C 378 -25.75 20.75 28.48
C ALA C 378 -24.52 20.84 27.58
N SER C 379 -24.27 22.02 27.00
CA SER C 379 -23.17 22.21 26.07
C SER C 379 -21.96 22.86 26.74
N GLU C 380 -21.94 22.95 28.07
CA GLU C 380 -20.88 23.69 28.76
C GLU C 380 -19.64 22.84 28.98
N HIS C 381 -19.77 21.52 29.03
CA HIS C 381 -18.66 20.62 29.31
C HIS C 381 -18.18 19.89 28.06
N THR C 382 -18.43 20.45 26.88
CA THR C 382 -18.12 19.79 25.62
C THR C 382 -17.52 20.80 24.65
N HIS C 383 -16.65 20.29 23.77
CA HIS C 383 -16.20 21.05 22.62
C HIS C 383 -17.22 21.06 21.49
N PHE C 384 -18.23 20.19 21.54
CA PHE C 384 -19.17 20.00 20.44
C PHE C 384 -20.46 20.75 20.78
N LYS C 385 -20.41 22.08 20.60
CA LYS C 385 -21.58 22.91 20.86
C LYS C 385 -22.62 22.76 19.77
N ASN C 386 -22.25 22.28 18.60
CA ASN C 386 -23.18 22.08 17.50
C ASN C 386 -22.60 21.03 16.55
N ILE C 387 -23.27 20.83 15.42
CA ILE C 387 -22.88 19.84 14.41
C ILE C 387 -21.84 20.42 13.44
N PRO C 388 -21.97 21.67 13.00
CA PRO C 388 -20.92 22.20 12.10
C PRO C 388 -19.52 22.16 12.68
N ILE C 389 -19.36 22.34 14.00
CA ILE C 389 -18.03 22.21 14.57
C ILE C 389 -17.61 20.73 14.61
N GLY C 390 -18.59 19.84 14.78
CA GLY C 390 -18.29 18.43 14.65
C GLY C 390 -17.84 18.05 13.26
N PHE C 391 -18.24 18.82 12.25
CA PHE C 391 -17.71 18.57 10.90
C PHE C 391 -16.19 18.67 10.90
N TRP C 392 -15.66 19.74 11.49
CA TRP C 392 -14.22 19.95 11.56
C TRP C 392 -13.55 18.88 12.42
N TRP C 393 -14.14 18.59 13.58
CA TRP C 393 -13.60 17.52 14.40
C TRP C 393 -13.55 16.21 13.63
N ALA C 394 -14.61 15.92 12.87
CA ALA C 394 -14.71 14.64 12.17
C ALA C 394 -13.68 14.53 11.06
N VAL C 395 -13.47 15.61 10.30
CA VAL C 395 -12.46 15.55 9.26
C VAL C 395 -11.07 15.40 9.87
N VAL C 396 -10.81 16.12 10.96
CA VAL C 396 -9.49 16.03 11.60
C VAL C 396 -9.26 14.62 12.15
N THR C 397 -10.32 14.00 12.69
CA THR C 397 -10.17 12.67 13.28
C THR C 397 -10.08 11.59 12.20
N MET C 398 -10.84 11.73 11.11
CA MET C 398 -10.81 10.73 10.05
C MET C 398 -9.51 10.77 9.27
N THR C 399 -8.91 11.94 9.08
CA THR C 399 -7.62 11.98 8.41
C THR C 399 -6.48 11.52 9.31
N THR C 400 -6.78 11.10 10.53
CA THR C 400 -5.75 10.78 11.54
C THR C 400 -4.80 11.96 11.73
N LEU C 401 -5.31 13.17 11.53
CA LEU C 401 -4.54 14.37 11.87
C LEU C 401 -4.44 14.54 13.39
N GLY C 402 -5.59 14.70 14.05
CA GLY C 402 -5.64 14.80 15.49
C GLY C 402 -4.93 16.02 16.04
N TYR C 403 -5.47 17.21 15.74
CA TYR C 403 -4.92 18.43 16.32
C TYR C 403 -5.05 18.43 17.83
N GLY C 404 -6.19 17.99 18.34
CA GLY C 404 -6.46 18.00 19.77
C GLY C 404 -7.14 19.24 20.28
N ASP C 405 -7.47 20.18 19.40
CA ASP C 405 -8.24 21.36 19.82
C ASP C 405 -9.64 20.99 20.30
N MET C 406 -10.22 19.94 19.75
CA MET C 406 -11.50 19.44 20.23
C MET C 406 -11.52 17.92 20.17
N TYR C 407 -11.85 17.30 21.29
CA TYR C 407 -11.89 15.85 21.43
C TYR C 407 -13.05 15.48 22.34
N PRO C 408 -13.53 14.24 22.26
CA PRO C 408 -14.56 13.81 23.21
C PRO C 408 -14.05 13.71 24.63
N GLN C 409 -14.95 13.96 25.58
CA GLN C 409 -14.63 13.87 27.00
C GLN C 409 -15.60 12.96 27.74
N THR C 410 -16.39 12.17 27.03
CA THR C 410 -17.38 11.27 27.61
C THR C 410 -17.14 9.87 27.04
N TRP C 411 -17.58 8.86 27.77
CA TRP C 411 -17.36 7.48 27.32
C TRP C 411 -18.02 7.22 25.97
N SER C 412 -19.25 7.70 25.78
CA SER C 412 -19.94 7.52 24.50
C SER C 412 -19.26 8.32 23.41
N GLY C 413 -18.82 9.55 23.72
CA GLY C 413 -18.10 10.33 22.73
C GLY C 413 -16.79 9.69 22.33
N MET C 414 -16.11 9.01 23.26
CA MET C 414 -14.88 8.31 22.93
C MET C 414 -15.15 7.08 22.07
N LEU C 415 -16.25 6.38 22.34
CA LEU C 415 -16.66 5.30 21.44
C LEU C 415 -16.89 5.83 20.03
N VAL C 416 -17.62 6.94 19.92
CA VAL C 416 -17.88 7.53 18.62
C VAL C 416 -16.59 7.98 17.95
N GLY C 417 -15.64 8.52 18.73
CA GLY C 417 -14.39 8.96 18.15
C GLY C 417 -13.54 7.81 17.64
N ALA C 418 -13.52 6.69 18.37
CA ALA C 418 -12.84 5.51 17.86
C ALA C 418 -13.47 5.02 16.57
N LEU C 419 -14.80 4.97 16.53
CA LEU C 419 -15.49 4.63 15.29
C LEU C 419 -15.09 5.58 14.17
N CYS C 420 -15.04 6.88 14.47
CA CYS C 420 -14.72 7.87 13.45
C CYS C 420 -13.32 7.68 12.91
N ALA C 421 -12.36 7.42 13.80
CA ALA C 421 -10.97 7.21 13.37
C ALA C 421 -10.87 6.00 12.46
N LEU C 422 -11.46 4.87 12.87
CA LEU C 422 -11.35 3.67 12.06
C LEU C 422 -12.06 3.84 10.71
N ALA C 423 -13.26 4.43 10.72
CA ALA C 423 -13.98 4.64 9.47
C ALA C 423 -13.23 5.60 8.55
N GLY C 424 -12.61 6.63 9.11
CA GLY C 424 -11.81 7.53 8.31
C GLY C 424 -10.64 6.83 7.68
N VAL C 425 -9.93 5.99 8.44
CA VAL C 425 -8.83 5.23 7.87
C VAL C 425 -9.32 4.40 6.69
N LEU C 426 -10.43 3.70 6.88
CA LEU C 426 -10.92 2.78 5.85
C LEU C 426 -11.38 3.51 4.60
N THR C 427 -12.20 4.55 4.77
CA THR C 427 -12.73 5.29 3.63
C THR C 427 -11.75 6.29 3.05
N ILE C 428 -10.59 6.48 3.67
CA ILE C 428 -9.48 7.14 2.99
C ILE C 428 -8.67 6.14 2.19
N ALA C 429 -8.46 4.93 2.73
CA ALA C 429 -7.68 3.91 2.05
C ALA C 429 -8.46 3.16 0.99
N MET C 430 -9.75 3.47 0.77
CA MET C 430 -10.46 2.82 -0.32
C MET C 430 -10.06 3.34 -1.69
N PRO C 431 -10.23 4.64 -2.02
CA PRO C 431 -9.94 5.09 -3.40
C PRO C 431 -8.54 5.64 -3.61
N VAL C 432 -7.87 5.99 -2.51
CA VAL C 432 -6.50 6.48 -2.61
C VAL C 432 -5.59 5.44 -3.24
N PRO C 433 -5.68 4.15 -2.92
CA PRO C 433 -4.87 3.17 -3.65
C PRO C 433 -5.15 3.13 -5.15
N VAL C 434 -6.39 3.34 -5.57
CA VAL C 434 -6.69 3.37 -7.01
C VAL C 434 -5.96 4.54 -7.65
N ILE C 435 -6.05 5.72 -7.03
CA ILE C 435 -5.36 6.89 -7.57
C ILE C 435 -3.85 6.65 -7.58
N VAL C 436 -3.34 6.00 -6.54
CA VAL C 436 -1.91 5.74 -6.43
C VAL C 436 -1.43 4.82 -7.55
N ASN C 437 -2.17 3.74 -7.82
CA ASN C 437 -1.78 2.86 -8.92
C ASN C 437 -1.88 3.57 -10.26
N ASN C 438 -2.88 4.42 -10.45
CA ASN C 438 -2.93 5.23 -11.68
C ASN C 438 -1.65 6.05 -11.84
N PHE C 439 -1.27 6.75 -10.79
CA PHE C 439 -0.05 7.56 -10.85
C PHE C 439 1.17 6.68 -11.12
N GLY C 440 1.22 5.51 -10.49
CA GLY C 440 2.37 4.64 -10.68
C GLY C 440 2.52 4.18 -12.12
N MET C 441 1.40 3.76 -12.72
CA MET C 441 1.43 3.34 -14.12
C MET C 441 1.86 4.49 -15.03
N TYR C 442 1.27 5.67 -14.83
CA TYR C 442 1.60 6.80 -15.71
C TYR C 442 3.06 7.21 -15.54
N TYR C 443 3.55 7.22 -14.30
CA TYR C 443 4.95 7.56 -14.04
C TYR C 443 5.88 6.56 -14.70
N SER C 444 5.58 5.26 -14.57
CA SER C 444 6.42 4.24 -15.19
C SER C 444 6.44 4.39 -16.70
N LEU C 445 5.29 4.65 -17.31
CA LEU C 445 5.24 4.82 -18.76
C LEU C 445 6.06 6.03 -19.21
N ALA C 446 5.90 7.16 -18.51
CA ALA C 446 6.67 8.36 -18.86
C ALA C 446 8.17 8.11 -18.68
N MET C 447 8.52 7.41 -17.61
CA MET C 447 9.93 7.10 -17.39
C MET C 447 10.47 6.19 -18.48
N ALA C 448 9.65 5.25 -18.96
CA ALA C 448 10.09 4.41 -20.08
C ALA C 448 10.31 5.25 -21.33
N LYS C 449 9.41 6.20 -21.60
CA LYS C 449 9.64 7.15 -22.68
C LYS C 449 10.96 7.87 -22.53
N GLN C 450 11.36 8.17 -21.29
CA GLN C 450 12.66 8.80 -21.08
C GLN C 450 13.84 7.83 -21.18
N LYS C 451 13.67 6.57 -20.78
CA LYS C 451 14.76 5.59 -20.85
C LYS C 451 15.00 5.07 -22.25
N LEU C 452 14.00 5.09 -23.13
CA LEU C 452 14.10 4.52 -24.46
C LEU C 452 13.83 5.63 -25.48
N PRO C 453 14.85 6.40 -25.86
CA PRO C 453 14.63 7.43 -26.88
C PRO C 453 14.32 6.81 -28.24
N LYS C 454 13.50 7.53 -29.01
CA LYS C 454 13.19 7.10 -30.36
C LYS C 454 14.47 7.00 -31.19
N LYS C 455 14.62 5.89 -31.90
CA LYS C 455 15.81 5.63 -32.71
C LYS C 455 15.40 5.14 -34.09
N LYS C 456 16.39 4.70 -34.88
CA LYS C 456 16.08 4.12 -36.18
C LYS C 456 15.11 2.96 -36.03
N LYS C 457 14.14 2.87 -36.94
CA LYS C 457 13.14 1.81 -36.87
C LYS C 457 13.79 0.44 -36.91
N LYS C 458 14.84 0.28 -37.73
CA LYS C 458 15.58 -0.98 -37.81
C LYS C 458 14.77 -2.05 -38.52
N HIS C 459 13.48 -1.78 -38.77
CA HIS C 459 12.58 -2.72 -39.42
C HIS C 459 12.20 -2.16 -40.78
N ILE C 460 12.57 -2.88 -41.84
CA ILE C 460 12.23 -2.45 -43.20
C ILE C 460 10.95 -3.18 -43.62
N PRO C 461 9.79 -2.52 -43.62
CA PRO C 461 8.55 -3.23 -43.94
C PRO C 461 8.55 -3.74 -45.38
N ARG C 462 7.86 -4.84 -45.59
CA ARG C 462 7.71 -5.38 -46.94
C ARG C 462 6.76 -4.51 -47.74
N PRO C 463 7.03 -4.28 -49.04
CA PRO C 463 6.13 -3.41 -49.81
C PRO C 463 4.72 -4.00 -49.93
N SER D 7 10.09 -21.89 -53.29
CA SER D 7 10.54 -20.51 -53.31
C SER D 7 9.83 -19.69 -52.25
N GLU D 8 10.60 -18.86 -51.53
CA GLU D 8 10.07 -17.88 -50.59
C GLU D 8 9.52 -18.56 -49.34
N ARG D 9 9.47 -19.90 -49.34
CA ARG D 9 8.98 -20.68 -48.20
C ARG D 9 10.18 -21.32 -47.51
N ILE D 10 10.40 -20.96 -46.25
CA ILE D 10 11.51 -21.47 -45.46
C ILE D 10 10.98 -22.02 -44.15
N VAL D 11 11.47 -23.18 -43.76
CA VAL D 11 11.06 -23.85 -42.52
C VAL D 11 12.23 -23.82 -41.55
N ILE D 12 12.01 -23.23 -40.38
CA ILE D 12 13.02 -23.16 -39.32
C ILE D 12 12.61 -24.14 -38.23
N ASN D 13 13.49 -25.10 -37.94
CA ASN D 13 13.25 -26.13 -36.93
C ASN D 13 14.00 -25.72 -35.67
N VAL D 14 13.27 -25.19 -34.69
CA VAL D 14 13.86 -24.69 -33.46
C VAL D 14 13.48 -25.66 -32.35
N GLY D 15 14.42 -26.52 -31.96
CA GLY D 15 14.17 -27.48 -30.91
C GLY D 15 13.08 -28.47 -31.20
N GLY D 16 13.00 -28.94 -32.45
CA GLY D 16 11.99 -29.89 -32.84
C GLY D 16 10.66 -29.28 -33.24
N THR D 17 10.52 -27.97 -33.15
CA THR D 17 9.30 -27.27 -33.55
C THR D 17 9.54 -26.57 -34.88
N ARG D 18 8.68 -26.86 -35.85
CA ARG D 18 8.83 -26.34 -37.20
C ARG D 18 8.14 -24.99 -37.28
N HIS D 19 8.93 -23.92 -37.47
CA HIS D 19 8.42 -22.58 -37.67
C HIS D 19 8.51 -22.24 -39.16
N GLN D 20 7.38 -21.86 -39.74
CA GLN D 20 7.28 -21.57 -41.17
C GLN D 20 7.02 -20.09 -41.37
N THR D 21 7.79 -19.47 -42.26
CA THR D 21 7.63 -18.05 -42.55
C THR D 21 8.19 -17.79 -43.94
N HIS D 22 7.98 -16.57 -44.44
CA HIS D 22 8.47 -16.18 -45.74
C HIS D 22 9.89 -15.62 -45.68
N ARG D 23 10.61 -15.82 -46.78
CA ARG D 23 11.98 -15.31 -46.84
C ARG D 23 11.99 -13.80 -46.79
N SER D 24 10.99 -13.15 -47.37
CA SER D 24 10.93 -11.69 -47.27
C SER D 24 10.70 -11.27 -45.83
N THR D 25 9.93 -12.07 -45.08
CA THR D 25 9.73 -11.79 -43.67
C THR D 25 11.05 -11.84 -42.91
N LEU D 26 11.87 -12.86 -43.21
CA LEU D 26 13.19 -12.92 -42.57
C LEU D 26 14.11 -11.80 -43.05
N ARG D 27 14.02 -11.43 -44.33
CA ARG D 27 14.86 -10.39 -44.90
C ARG D 27 14.47 -8.99 -44.43
N THR D 28 13.29 -8.84 -43.86
CA THR D 28 12.86 -7.56 -43.33
C THR D 28 13.90 -6.97 -42.37
N LEU D 29 14.34 -7.75 -41.40
CA LEU D 29 15.35 -7.27 -40.45
C LEU D 29 16.74 -7.68 -40.94
N PRO D 30 17.50 -6.77 -41.54
CA PRO D 30 18.79 -7.15 -42.13
C PRO D 30 19.90 -7.20 -41.08
N GLY D 31 20.95 -7.95 -41.41
CA GLY D 31 22.12 -8.05 -40.57
C GLY D 31 22.01 -9.05 -39.44
N THR D 32 20.87 -9.71 -39.29
CA THR D 32 20.67 -10.69 -38.23
C THR D 32 20.78 -12.12 -38.76
N ARG D 33 20.75 -13.06 -37.82
CA ARG D 33 20.99 -14.45 -38.16
C ARG D 33 19.89 -14.99 -39.06
N LEU D 34 18.64 -14.60 -38.80
CA LEU D 34 17.55 -15.05 -39.66
C LEU D 34 17.63 -14.43 -41.05
N ALA D 35 18.13 -13.21 -41.17
CA ALA D 35 18.38 -12.66 -42.50
C ALA D 35 19.45 -13.45 -43.23
N TRP D 36 20.55 -13.76 -42.54
CA TRP D 36 21.56 -14.61 -43.14
C TRP D 36 20.97 -15.95 -43.54
N LEU D 37 20.01 -16.45 -42.77
CA LEU D 37 19.25 -17.63 -43.18
C LEU D 37 18.50 -17.37 -44.48
N ALA D 38 17.99 -16.15 -44.64
CA ALA D 38 17.30 -15.78 -45.91
C ALA D 38 18.34 -15.40 -46.98
N GLU D 39 19.50 -16.07 -47.01
CA GLU D 39 20.54 -15.81 -48.05
C GLU D 39 20.65 -17.04 -48.95
N PRO D 40 21.03 -16.92 -50.25
CA PRO D 40 21.03 -18.09 -51.14
C PRO D 40 22.06 -19.13 -50.71
N ASP D 41 22.90 -18.78 -49.73
CA ASP D 41 23.98 -19.71 -49.30
C ASP D 41 23.65 -20.27 -47.91
N ALA D 42 22.46 -19.97 -47.38
CA ALA D 42 22.21 -20.45 -46.02
C ALA D 42 22.41 -21.95 -45.92
N HIS D 43 22.11 -22.68 -47.00
CA HIS D 43 22.27 -24.13 -46.97
C HIS D 43 23.72 -24.51 -46.70
N SER D 44 24.67 -23.75 -47.27
CA SER D 44 26.08 -23.97 -47.04
C SER D 44 26.63 -23.17 -45.87
N HIS D 45 25.83 -22.31 -45.23
CA HIS D 45 26.30 -21.52 -44.09
C HIS D 45 25.67 -21.92 -42.76
N PHE D 46 24.69 -22.82 -42.74
CA PHE D 46 23.98 -23.15 -41.51
C PHE D 46 23.78 -24.67 -41.46
N ASP D 47 22.99 -25.11 -40.47
CA ASP D 47 22.67 -26.52 -40.28
C ASP D 47 21.43 -26.84 -41.09
N TYR D 48 21.64 -27.35 -42.31
CA TYR D 48 20.57 -27.63 -43.25
C TYR D 48 20.67 -29.08 -43.71
N ASP D 49 19.53 -29.76 -43.75
CA ASP D 49 19.45 -31.10 -44.32
C ASP D 49 18.50 -31.11 -45.52
N PRO D 50 18.92 -31.64 -46.67
CA PRO D 50 18.07 -31.57 -47.86
C PRO D 50 16.86 -32.50 -47.80
N ARG D 51 16.89 -33.52 -46.96
CA ARG D 51 15.77 -34.47 -46.91
C ARG D 51 14.48 -33.80 -46.45
N ALA D 52 14.58 -32.89 -45.48
CA ALA D 52 13.40 -32.21 -44.95
C ALA D 52 13.31 -30.74 -45.37
N ASP D 53 14.36 -30.19 -45.98
CA ASP D 53 14.35 -28.80 -46.43
C ASP D 53 14.08 -27.85 -45.25
N GLU D 54 14.67 -28.15 -44.11
CA GLU D 54 14.50 -27.33 -42.91
C GLU D 54 15.85 -27.09 -42.25
N PHE D 55 15.98 -25.93 -41.63
CA PHE D 55 17.16 -25.57 -40.85
C PHE D 55 16.90 -25.87 -39.38
N PHE D 56 17.88 -26.43 -38.70
CA PHE D 56 17.73 -26.81 -37.30
C PHE D 56 18.54 -25.87 -36.41
N PHE D 57 17.86 -25.27 -35.43
CA PHE D 57 18.49 -24.51 -34.36
C PHE D 57 18.07 -25.11 -33.02
N ASP D 58 19.04 -25.26 -32.12
CA ASP D 58 18.80 -25.98 -30.87
C ASP D 58 18.57 -24.95 -29.76
N ARG D 59 17.38 -24.34 -29.80
CA ARG D 59 17.05 -23.22 -28.94
C ARG D 59 15.62 -23.40 -28.43
N HIS D 60 15.13 -22.37 -27.73
CA HIS D 60 13.79 -22.39 -27.15
C HIS D 60 12.73 -21.99 -28.17
N PRO D 61 11.83 -22.90 -28.54
CA PRO D 61 10.84 -22.56 -29.57
C PRO D 61 9.77 -21.61 -29.07
N GLY D 62 9.41 -21.68 -27.79
CA GLY D 62 8.37 -20.82 -27.27
C GLY D 62 8.72 -19.34 -27.35
N VAL D 63 10.00 -19.01 -27.28
CA VAL D 63 10.42 -17.61 -27.36
C VAL D 63 10.88 -17.31 -28.78
N PHE D 64 11.32 -18.34 -29.51
CA PHE D 64 11.59 -18.11 -30.92
C PHE D 64 10.32 -17.72 -31.65
N ALA D 65 9.17 -18.20 -31.18
CA ALA D 65 7.90 -17.75 -31.74
C ALA D 65 7.75 -16.25 -31.63
N HIS D 66 8.14 -15.68 -30.50
CA HIS D 66 8.01 -14.24 -30.28
C HIS D 66 9.04 -13.45 -31.07
N ILE D 67 10.26 -13.98 -31.19
CA ILE D 67 11.25 -13.32 -32.04
C ILE D 67 10.79 -13.29 -33.49
N LEU D 68 10.29 -14.42 -33.99
CA LEU D 68 9.74 -14.44 -35.34
C LEU D 68 8.53 -13.53 -35.46
N ASN D 69 7.74 -13.38 -34.38
CA ASN D 69 6.63 -12.44 -34.43
C ASN D 69 7.12 -11.01 -34.53
N TYR D 70 8.26 -10.68 -33.89
CA TYR D 70 8.89 -9.39 -34.11
C TYR D 70 9.25 -9.22 -35.57
N TYR D 71 9.85 -10.25 -36.16
CA TYR D 71 10.18 -10.20 -37.58
C TYR D 71 8.94 -9.97 -38.43
N ARG D 72 7.83 -10.58 -38.05
CA ARG D 72 6.60 -10.52 -38.86
C ARG D 72 5.95 -9.14 -38.76
N THR D 73 5.70 -8.68 -37.53
CA THR D 73 4.92 -7.46 -37.33
C THR D 73 5.76 -6.19 -37.39
N GLY D 74 6.94 -6.19 -36.77
CA GLY D 74 7.79 -5.01 -36.74
C GLY D 74 8.00 -4.41 -35.37
N LYS D 75 7.32 -4.90 -34.34
CA LYS D 75 7.50 -4.43 -32.98
C LYS D 75 7.96 -5.60 -32.13
N LEU D 76 8.99 -5.37 -31.32
CA LEU D 76 9.57 -6.41 -30.48
C LEU D 76 8.95 -6.34 -29.10
N HIS D 77 8.35 -7.44 -28.66
CA HIS D 77 7.76 -7.56 -27.34
C HIS D 77 8.46 -8.67 -26.58
N CYS D 78 8.14 -8.78 -25.30
CA CYS D 78 8.71 -9.82 -24.47
C CYS D 78 7.62 -10.79 -24.02
N PRO D 79 7.85 -12.10 -24.12
CA PRO D 79 6.88 -13.05 -23.57
C PRO D 79 6.77 -12.90 -22.06
N ALA D 80 5.53 -12.89 -21.58
CA ALA D 80 5.26 -12.78 -20.15
C ALA D 80 5.35 -14.12 -19.42
N ASP D 81 5.62 -15.21 -20.14
CA ASP D 81 5.70 -16.53 -19.55
C ASP D 81 7.13 -17.00 -19.35
N VAL D 82 8.12 -16.13 -19.57
CA VAL D 82 9.51 -16.41 -19.25
C VAL D 82 10.11 -15.17 -18.58
N CYS D 83 11.34 -15.32 -18.12
CA CYS D 83 12.03 -14.21 -17.47
C CYS D 83 12.66 -13.25 -18.49
N GLY D 84 12.92 -12.04 -18.01
CA GLY D 84 13.72 -11.07 -18.73
C GLY D 84 15.11 -11.57 -19.06
N PRO D 85 15.81 -12.17 -18.09
CA PRO D 85 17.12 -12.77 -18.42
C PRO D 85 17.06 -13.87 -19.46
N LEU D 86 16.04 -14.72 -19.41
CA LEU D 86 15.90 -15.77 -20.42
C LEU D 86 15.68 -15.17 -21.80
N TYR D 87 14.74 -14.23 -21.91
CA TYR D 87 14.49 -13.60 -23.19
C TYR D 87 15.70 -12.81 -23.66
N GLU D 88 16.47 -12.24 -22.72
CA GLU D 88 17.66 -11.48 -23.07
C GLU D 88 18.73 -12.39 -23.65
N GLU D 89 18.91 -13.57 -23.05
CA GLU D 89 19.87 -14.53 -23.60
C GLU D 89 19.44 -14.99 -24.99
N GLU D 90 18.14 -15.23 -25.18
CA GLU D 90 17.68 -15.64 -26.51
C GLU D 90 17.87 -14.52 -27.53
N LEU D 91 17.59 -13.28 -27.14
CA LEU D 91 17.81 -12.15 -28.03
C LEU D 91 19.28 -12.01 -28.38
N ALA D 92 20.16 -12.20 -27.38
CA ALA D 92 21.60 -12.12 -27.63
C ALA D 92 22.04 -13.18 -28.61
N PHE D 93 21.49 -14.39 -28.50
CA PHE D 93 21.86 -15.44 -29.45
C PHE D 93 21.35 -15.11 -30.85
N TRP D 94 20.09 -14.70 -30.95
CA TRP D 94 19.48 -14.46 -32.25
C TRP D 94 19.91 -13.15 -32.90
N GLY D 95 20.64 -12.31 -32.17
CA GLY D 95 21.18 -11.09 -32.74
C GLY D 95 20.29 -9.88 -32.65
N ILE D 96 19.17 -9.97 -31.96
CA ILE D 96 18.24 -8.84 -31.85
C ILE D 96 18.74 -7.88 -30.79
N ASP D 97 18.59 -6.58 -31.06
CA ASP D 97 18.95 -5.56 -30.09
C ASP D 97 17.91 -5.50 -28.98
N GLU D 98 18.38 -5.56 -27.73
CA GLU D 98 17.46 -5.51 -26.59
C GLU D 98 16.84 -4.13 -26.40
N THR D 99 17.35 -3.10 -27.08
CA THR D 99 16.82 -1.75 -26.96
C THR D 99 15.70 -1.46 -27.95
N ASP D 100 15.28 -2.46 -28.72
CA ASP D 100 14.13 -2.34 -29.61
C ASP D 100 12.84 -2.73 -28.92
N VAL D 101 12.92 -3.18 -27.67
CA VAL D 101 11.74 -3.66 -26.97
C VAL D 101 10.78 -2.51 -26.70
N GLU D 102 9.48 -2.78 -26.83
CA GLU D 102 8.46 -1.76 -26.69
C GLU D 102 8.34 -1.27 -25.25
N PRO D 103 7.79 -0.08 -25.06
CA PRO D 103 7.59 0.43 -23.69
C PRO D 103 6.69 -0.46 -22.85
N CYS D 104 5.76 -1.17 -23.49
CA CYS D 104 4.86 -2.06 -22.75
C CYS D 104 5.60 -3.25 -22.17
N CYS D 105 6.83 -3.50 -22.64
CA CYS D 105 7.65 -4.60 -22.14
C CYS D 105 8.89 -4.13 -21.38
N TRP D 106 9.29 -2.86 -21.54
CA TRP D 106 10.61 -2.46 -21.05
C TRP D 106 10.72 -2.62 -19.54
N MET D 107 9.70 -2.20 -18.79
CA MET D 107 9.80 -2.25 -17.32
C MET D 107 9.89 -3.68 -16.80
N THR D 108 9.04 -4.58 -17.29
CA THR D 108 9.11 -5.95 -16.81
C THR D 108 10.30 -6.71 -17.38
N TYR D 109 10.88 -6.24 -18.49
CA TYR D 109 12.06 -6.88 -19.04
C TYR D 109 13.32 -6.47 -18.30
N ARG D 110 13.59 -5.16 -18.24
CA ARG D 110 14.77 -4.62 -17.57
C ARG D 110 14.49 -4.38 -16.08
N GLN D 111 14.09 -5.43 -15.39
CA GLN D 111 13.73 -5.35 -13.98
C GLN D 111 14.75 -6.07 -13.11
N HIS D 112 14.99 -7.35 -13.36
CA HIS D 112 16.03 -8.05 -12.62
C HIS D 112 17.40 -7.47 -12.90
N ARG D 113 17.67 -7.09 -14.16
CA ARG D 113 18.96 -6.50 -14.48
C ARG D 113 19.16 -5.16 -13.79
N ASP D 114 18.10 -4.33 -13.76
CA ASP D 114 18.19 -3.07 -13.05
C ASP D 114 18.40 -3.27 -11.55
N ALA D 115 17.69 -4.24 -10.96
CA ALA D 115 17.91 -4.53 -9.55
C ALA D 115 19.32 -5.01 -9.28
N GLU D 116 19.85 -5.87 -10.16
CA GLU D 116 21.21 -6.38 -9.98
C GLU D 116 22.25 -5.27 -10.13
N GLU D 117 22.02 -4.33 -11.06
CA GLU D 117 22.96 -3.23 -11.22
C GLU D 117 22.84 -2.22 -10.09
N ALA D 118 21.67 -2.11 -9.46
CA ALA D 118 21.56 -1.29 -8.25
C ALA D 118 22.28 -1.95 -7.08
N LEU D 119 22.11 -3.26 -6.91
CA LEU D 119 22.73 -3.96 -5.80
C LEU D 119 24.24 -4.15 -5.99
N ASP D 120 24.72 -4.06 -7.22
CA ASP D 120 26.14 -4.23 -7.48
C ASP D 120 26.53 -3.62 -8.83
N ARG D 170 56.40 -6.85 7.19
CA ARG D 170 55.19 -7.24 6.48
C ARG D 170 54.89 -8.72 6.66
N ARG D 171 55.54 -9.34 7.66
CA ARG D 171 55.31 -10.76 7.92
C ARG D 171 53.89 -11.02 8.38
N TRP D 172 53.37 -10.17 9.27
CA TRP D 172 52.02 -10.32 9.81
C TRP D 172 51.17 -9.08 9.55
N GLN D 173 51.46 -8.36 8.47
CA GLN D 173 50.64 -7.19 8.13
C GLN D 173 49.19 -7.57 7.88
N PRO D 174 48.87 -8.66 7.17
CA PRO D 174 47.46 -9.10 7.11
C PRO D 174 46.89 -9.45 8.47
N ARG D 175 47.73 -9.96 9.39
CA ARG D 175 47.25 -10.22 10.74
C ARG D 175 46.87 -8.93 11.46
N ILE D 176 47.67 -7.88 11.30
CA ILE D 176 47.34 -6.58 11.88
C ILE D 176 46.06 -6.04 11.25
N TRP D 177 45.98 -6.09 9.91
CA TRP D 177 44.81 -5.61 9.20
C TRP D 177 43.57 -6.46 9.49
N ALA D 178 43.74 -7.64 10.09
CA ALA D 178 42.61 -8.44 10.53
C ALA D 178 41.91 -7.86 11.76
N LEU D 179 42.46 -6.80 12.36
CA LEU D 179 41.84 -6.22 13.53
C LEU D 179 40.43 -5.70 13.23
N PHE D 180 40.26 -5.04 12.09
CA PHE D 180 38.94 -4.58 11.68
C PHE D 180 38.13 -5.65 10.96
N GLU D 181 38.77 -6.73 10.51
CA GLU D 181 38.11 -7.68 9.63
C GLU D 181 36.95 -8.35 10.37
N ASP D 182 36.12 -9.06 9.60
CA ASP D 182 34.98 -9.78 10.12
C ASP D 182 35.33 -10.46 11.44
N PRO D 183 34.59 -10.20 12.52
CA PRO D 183 34.93 -10.83 13.82
C PRO D 183 34.95 -12.35 13.76
N TYR D 184 34.09 -12.96 12.93
CA TYR D 184 34.08 -14.42 12.80
C TYR D 184 35.28 -14.93 12.00
N SER D 185 35.92 -14.08 11.20
CA SER D 185 37.03 -14.50 10.37
C SER D 185 38.31 -14.75 11.16
N SER D 186 38.28 -14.64 12.48
CA SER D 186 39.44 -14.93 13.31
C SER D 186 38.95 -15.24 14.72
N ARG D 187 39.88 -15.36 15.66
CA ARG D 187 39.59 -15.62 17.06
C ARG D 187 39.61 -14.37 17.92
N TYR D 188 40.67 -13.56 17.81
CA TYR D 188 40.74 -12.31 18.54
C TYR D 188 39.81 -11.24 17.95
N ALA D 189 39.47 -11.36 16.66
CA ALA D 189 38.61 -10.38 16.03
C ALA D 189 37.24 -10.34 16.68
N ARG D 190 36.73 -11.48 17.15
CA ARG D 190 35.45 -11.50 17.84
C ARG D 190 35.48 -10.60 19.07
N TYR D 191 36.49 -10.78 19.91
CA TYR D 191 36.61 -9.96 21.11
C TYR D 191 36.85 -8.50 20.76
N VAL D 192 37.65 -8.24 19.73
CA VAL D 192 37.93 -6.86 19.33
C VAL D 192 36.64 -6.17 18.91
N ALA D 193 35.83 -6.85 18.08
CA ALA D 193 34.57 -6.25 17.63
C ALA D 193 33.59 -6.07 18.79
N PHE D 194 33.56 -7.01 19.73
CA PHE D 194 32.69 -6.83 20.89
C PHE D 194 33.14 -5.65 21.74
N ALA D 195 34.45 -5.48 21.89
CA ALA D 195 34.96 -4.33 22.63
C ALA D 195 34.62 -3.02 21.93
N SER D 196 34.72 -3.00 20.60
CA SER D 196 34.33 -1.81 19.84
C SER D 196 32.84 -1.52 20.04
N LEU D 197 32.00 -2.55 19.99
CA LEU D 197 30.58 -2.36 20.26
C LEU D 197 30.36 -1.72 21.63
N PHE D 198 30.98 -2.30 22.66
CA PHE D 198 30.77 -1.81 24.02
C PHE D 198 31.25 -0.38 24.16
N PHE D 199 32.42 -0.06 23.59
CA PHE D 199 32.98 1.28 23.77
C PHE D 199 32.19 2.32 22.99
N ILE D 200 31.73 1.99 21.78
CA ILE D 200 30.90 2.91 21.02
C ILE D 200 29.60 3.20 21.76
N LEU D 201 28.97 2.15 22.29
CA LEU D 201 27.72 2.35 23.02
C LEU D 201 27.97 3.18 24.28
N VAL D 202 29.08 2.93 24.98
CA VAL D 202 29.37 3.69 26.19
C VAL D 202 29.62 5.16 25.85
N SER D 203 30.31 5.41 24.74
CA SER D 203 30.56 6.80 24.34
C SER D 203 29.27 7.53 24.00
N ILE D 204 28.37 6.85 23.28
CA ILE D 204 27.08 7.46 22.97
C ILE D 204 26.30 7.74 24.25
N THR D 205 26.31 6.80 25.18
CA THR D 205 25.60 6.98 26.44
C THR D 205 26.18 8.14 27.24
N THR D 206 27.51 8.25 27.25
CA THR D 206 28.15 9.35 27.97
C THR D 206 27.82 10.70 27.33
N PHE D 207 27.77 10.74 26.00
CA PHE D 207 27.34 11.96 25.31
C PHE D 207 25.93 12.36 25.74
N CYS D 208 24.98 11.42 25.66
CA CYS D 208 23.61 11.74 26.01
C CYS D 208 23.49 12.14 27.48
N LEU D 209 24.23 11.50 28.36
CA LEU D 209 24.22 11.88 29.77
C LEU D 209 24.85 13.25 29.96
N GLU D 210 25.85 13.59 29.15
CA GLU D 210 26.49 14.89 29.23
C GLU D 210 25.50 15.99 28.88
N THR D 211 24.60 15.73 27.93
CA THR D 211 23.58 16.72 27.63
C THR D 211 22.54 16.87 28.73
N HIS D 212 22.50 15.96 29.71
CA HIS D 212 21.46 15.99 30.73
C HIS D 212 21.76 17.06 31.78
N GLU D 213 20.81 17.24 32.70
CA GLU D 213 20.92 18.25 33.75
C GLU D 213 21.25 17.67 35.11
N ARG D 214 20.90 16.40 35.37
CA ARG D 214 21.27 15.76 36.63
C ARG D 214 22.77 15.61 36.77
N PHE D 215 23.47 15.37 35.67
CA PHE D 215 24.91 15.20 35.66
C PHE D 215 25.65 16.50 35.39
N ASN D 216 24.93 17.62 35.29
CA ASN D 216 25.51 18.92 34.96
C ASN D 216 24.95 19.93 35.95
N PRO D 217 25.49 19.98 37.16
CA PRO D 217 24.98 20.89 38.19
C PRO D 217 25.63 22.27 38.12
N ILE D 218 25.01 23.22 38.81
CA ILE D 218 25.48 24.59 38.86
C ILE D 218 26.22 24.75 40.20
N VAL D 219 27.51 24.44 40.18
CA VAL D 219 28.37 24.67 41.34
C VAL D 219 28.78 26.14 41.39
N ASN D 220 28.99 26.64 42.61
CA ASN D 220 29.35 28.04 42.78
C ASN D 220 30.79 28.24 42.32
N LYS D 221 30.98 29.17 41.37
CA LYS D 221 32.31 29.47 40.86
C LYS D 221 32.26 30.82 40.16
N THR D 222 33.43 31.31 39.79
CA THR D 222 33.55 32.57 39.07
C THR D 222 32.85 32.48 37.72
N TYR D 236 28.74 33.89 41.35
CA TYR D 236 28.11 33.18 40.24
C TYR D 236 28.09 31.68 40.49
N ARG D 237 27.24 30.97 39.75
CA ARG D 237 27.13 29.51 39.83
C ARG D 237 27.16 28.95 38.40
N GLU D 238 28.36 28.76 37.87
CA GLU D 238 28.50 28.22 36.52
C GLU D 238 28.18 26.72 36.54
N ALA D 239 27.50 26.26 35.50
CA ALA D 239 27.15 24.86 35.37
C ALA D 239 28.26 24.12 34.64
N GLU D 240 28.89 23.16 35.34
CA GLU D 240 29.96 22.35 34.78
C GLU D 240 29.56 20.88 34.79
N THR D 241 29.91 20.18 33.71
CA THR D 241 29.64 18.75 33.62
C THR D 241 30.51 17.96 34.61
N GLU D 242 29.92 16.94 35.22
CA GLU D 242 30.66 16.09 36.15
C GLU D 242 31.88 15.47 35.47
N ALA D 243 33.01 15.46 36.19
CA ALA D 243 34.27 15.03 35.60
C ALA D 243 34.34 13.53 35.34
N PHE D 244 33.49 12.73 35.99
CA PHE D 244 33.55 11.28 35.75
C PHE D 244 33.12 10.94 34.32
N LEU D 245 32.18 11.72 33.76
CA LEU D 245 31.84 11.54 32.35
C LEU D 245 33.04 11.81 31.46
N THR D 246 33.81 12.85 31.78
CA THR D 246 35.01 13.15 31.00
C THR D 246 36.05 12.05 31.13
N TYR D 247 36.18 11.47 32.33
CA TYR D 247 37.11 10.36 32.51
C TYR D 247 36.69 9.15 31.69
N ILE D 248 35.40 8.83 31.69
CA ILE D 248 34.91 7.73 30.86
C ILE D 248 35.17 8.01 29.40
N GLU D 249 34.92 9.24 28.96
CA GLU D 249 35.21 9.61 27.57
C GLU D 249 36.70 9.47 27.27
N GLY D 250 37.55 9.78 28.25
CA GLY D 250 38.98 9.63 28.04
C GLY D 250 39.40 8.18 27.85
N VAL D 251 38.81 7.28 28.65
CA VAL D 251 39.08 5.86 28.49
C VAL D 251 38.63 5.39 27.11
N CYS D 252 37.41 5.80 26.70
CA CYS D 252 36.93 5.44 25.38
C CYS D 252 37.85 5.98 24.30
N VAL D 253 38.36 7.19 24.48
CA VAL D 253 39.20 7.81 23.46
C VAL D 253 40.54 7.10 23.36
N VAL D 254 41.12 6.67 24.49
CA VAL D 254 42.38 5.96 24.40
C VAL D 254 42.19 4.61 23.71
N TRP D 255 41.08 3.92 23.99
CA TRP D 255 40.80 2.70 23.24
C TRP D 255 40.63 2.99 21.74
N PHE D 256 39.87 4.03 21.41
CA PHE D 256 39.60 4.31 20.01
C PHE D 256 40.86 4.76 19.27
N THR D 257 41.77 5.47 19.94
CA THR D 257 43.01 5.87 19.30
C THR D 257 43.96 4.68 19.14
N PHE D 258 43.93 3.74 20.08
CA PHE D 258 44.66 2.49 19.87
C PHE D 258 44.14 1.78 18.63
N GLU D 259 42.81 1.67 18.50
CA GLU D 259 42.24 0.99 17.35
C GLU D 259 42.59 1.72 16.05
N PHE D 260 42.53 3.05 16.07
CA PHE D 260 42.81 3.83 14.88
C PHE D 260 44.28 3.68 14.46
N LEU D 261 45.20 3.70 15.43
CA LEU D 261 46.60 3.50 15.08
C LEU D 261 46.85 2.09 14.55
N MET D 262 46.22 1.09 15.15
CA MET D 262 46.40 -0.28 14.68
C MET D 262 45.85 -0.44 13.27
N ARG D 263 44.77 0.25 12.93
CA ARG D 263 44.25 0.17 11.57
C ARG D 263 45.08 1.01 10.59
N VAL D 264 45.68 2.11 11.05
CA VAL D 264 46.52 2.93 10.18
C VAL D 264 47.85 2.27 9.91
N ILE D 265 48.27 1.35 10.79
CA ILE D 265 49.51 0.61 10.54
C ILE D 265 49.47 -0.08 9.18
N PHE D 266 48.34 -0.72 8.87
CA PHE D 266 48.11 -1.37 7.59
C PHE D 266 47.08 -0.55 6.83
N CYS D 267 47.55 0.23 5.85
CA CYS D 267 46.71 1.12 5.06
C CYS D 267 46.99 0.94 3.58
N PRO D 268 46.63 -0.21 3.02
CA PRO D 268 46.72 -0.36 1.56
C PRO D 268 45.75 0.57 0.86
N ASN D 269 46.17 1.10 -0.29
CA ASN D 269 45.39 2.07 -1.04
C ASN D 269 45.01 3.25 -0.14
N LYS D 270 46.04 3.98 0.29
CA LYS D 270 45.83 5.07 1.23
C LYS D 270 44.87 6.11 0.69
N VAL D 271 44.81 6.30 -0.62
CA VAL D 271 43.84 7.24 -1.19
C VAL D 271 42.42 6.79 -0.85
N GLU D 272 42.12 5.51 -1.07
CA GLU D 272 40.79 5.00 -0.75
C GLU D 272 40.57 5.00 0.77
N PHE D 273 41.61 4.72 1.55
CA PHE D 273 41.45 4.72 3.00
C PHE D 273 41.07 6.10 3.52
N ILE D 274 41.73 7.14 2.99
CA ILE D 274 41.36 8.50 3.35
C ILE D 274 39.96 8.84 2.85
N LYS D 275 39.63 8.42 1.61
CA LYS D 275 38.31 8.71 1.06
C LYS D 275 37.21 7.97 1.80
N ASN D 276 37.54 6.96 2.59
CA ASN D 276 36.54 6.18 3.30
C ASN D 276 35.85 7.02 4.37
N SER D 277 34.53 7.14 4.25
CA SER D 277 33.77 7.99 5.15
C SER D 277 33.79 7.46 6.58
N LEU D 278 33.86 6.15 6.76
CA LEU D 278 33.87 5.60 8.12
C LEU D 278 35.14 6.01 8.87
N ASN D 279 36.30 5.90 8.22
CA ASN D 279 37.53 6.34 8.86
C ASN D 279 37.59 7.86 8.99
N ILE D 280 37.01 8.58 8.03
CA ILE D 280 36.88 10.04 8.20
C ILE D 280 36.10 10.35 9.46
N ILE D 281 34.98 9.65 9.67
CA ILE D 281 34.15 9.87 10.85
C ILE D 281 34.93 9.53 12.12
N ASP D 282 35.69 8.43 12.07
CA ASP D 282 36.46 8.03 13.25
C ASP D 282 37.49 9.08 13.63
N PHE D 283 38.22 9.61 12.63
CA PHE D 283 39.19 10.65 12.93
C PHE D 283 38.51 11.92 13.43
N VAL D 284 37.39 12.31 12.80
CA VAL D 284 36.69 13.52 13.22
C VAL D 284 36.15 13.36 14.64
N ALA D 285 35.75 12.15 15.03
CA ALA D 285 35.27 11.91 16.37
C ALA D 285 36.39 11.82 17.39
N ILE D 286 37.60 11.44 16.97
CA ILE D 286 38.72 11.35 17.89
C ILE D 286 39.45 12.68 18.05
N LEU D 287 39.33 13.59 17.09
CA LEU D 287 39.98 14.89 17.24
C LEU D 287 39.49 15.68 18.45
N PRO D 288 38.18 15.84 18.69
CA PRO D 288 37.73 16.83 19.68
C PRO D 288 38.26 16.59 21.09
N PHE D 289 38.46 15.35 21.51
CA PHE D 289 38.97 15.12 22.86
C PHE D 289 40.39 15.69 23.01
N TYR D 290 41.25 15.42 22.03
CA TYR D 290 42.62 15.92 22.08
C TYR D 290 42.65 17.43 21.89
N LEU D 291 41.80 17.97 21.01
CA LEU D 291 41.73 19.42 20.87
C LEU D 291 41.26 20.08 22.17
N GLU D 292 40.34 19.42 22.89
CA GLU D 292 39.91 19.94 24.18
C GLU D 292 41.02 19.88 25.21
N VAL D 293 41.78 18.78 25.24
CA VAL D 293 42.88 18.66 26.19
C VAL D 293 43.92 19.74 25.93
N GLY D 294 44.26 19.97 24.66
CA GLY D 294 45.21 21.02 24.34
C GLY D 294 44.66 22.41 24.65
N LEU D 295 43.37 22.62 24.39
CA LEU D 295 42.76 23.93 24.60
C LEU D 295 42.75 24.32 26.07
N SER D 296 42.47 23.36 26.96
CA SER D 296 42.35 23.68 28.37
C SER D 296 43.65 24.22 28.95
N GLY D 297 44.79 23.94 28.33
CA GLY D 297 46.04 24.50 28.81
C GLY D 297 46.07 26.02 28.69
N LEU D 298 45.52 26.55 27.61
CA LEU D 298 45.49 27.99 27.36
C LEU D 298 44.17 28.56 27.88
N SER D 299 44.25 29.50 28.81
CA SER D 299 43.07 30.11 29.43
C SER D 299 42.83 31.46 28.77
N SER D 300 42.06 31.46 27.68
CA SER D 300 41.70 32.68 26.98
C SER D 300 40.21 32.63 26.63
N LYS D 301 39.65 33.82 26.39
CA LYS D 301 38.23 33.88 26.00
C LYS D 301 38.00 33.20 24.66
N ALA D 302 38.90 33.44 23.69
CA ALA D 302 38.80 32.74 22.42
C ALA D 302 38.95 31.24 22.62
N ALA D 303 39.78 30.83 23.58
CA ALA D 303 39.88 29.42 23.92
C ALA D 303 38.54 28.89 24.43
N LYS D 304 37.84 29.69 25.23
CA LYS D 304 36.52 29.27 25.71
C LYS D 304 35.52 29.15 24.56
N ASP D 305 35.56 30.08 23.61
CA ASP D 305 34.67 29.99 22.47
C ASP D 305 34.96 28.75 21.63
N VAL D 306 36.24 28.46 21.39
CA VAL D 306 36.60 27.25 20.66
C VAL D 306 36.22 26.01 21.45
N LEU D 307 36.28 26.06 22.78
CA LEU D 307 35.82 24.95 23.60
C LEU D 307 34.33 24.72 23.42
N GLY D 308 33.55 25.80 23.40
CA GLY D 308 32.12 25.65 23.14
C GLY D 308 31.83 25.07 21.76
N PHE D 309 32.59 25.53 20.75
CA PHE D 309 32.42 24.97 19.42
C PHE D 309 32.79 23.49 19.41
N LEU D 310 33.81 23.11 20.17
CA LEU D 310 34.18 21.69 20.27
C LEU D 310 33.08 20.88 20.95
N ARG D 311 32.42 21.48 21.94
CA ARG D 311 31.27 20.83 22.57
C ARG D 311 30.17 20.59 21.55
N VAL D 312 29.94 21.57 20.68
CA VAL D 312 28.98 21.36 19.58
C VAL D 312 29.46 20.24 18.67
N VAL D 313 30.75 20.23 18.34
CA VAL D 313 31.30 19.27 17.39
C VAL D 313 31.21 17.85 17.94
N ARG D 314 31.22 17.69 19.26
CA ARG D 314 31.20 16.36 19.85
C ARG D 314 30.00 15.52 19.43
N PHE D 315 29.04 16.09 18.69
CA PHE D 315 27.92 15.28 18.21
C PHE D 315 28.36 14.20 17.23
N VAL D 316 29.56 14.28 16.69
CA VAL D 316 30.04 13.27 15.75
C VAL D 316 30.28 11.92 16.42
N ARG D 317 30.17 11.84 17.74
CA ARG D 317 30.38 10.58 18.43
C ARG D 317 29.24 9.60 18.18
N ILE D 318 28.04 10.09 17.88
CA ILE D 318 26.91 9.20 17.60
C ILE D 318 26.98 8.64 16.18
N LEU D 319 27.81 9.21 15.31
CA LEU D 319 27.95 8.72 13.95
C LEU D 319 28.81 7.46 13.87
N ARG D 320 29.46 7.07 14.97
CA ARG D 320 30.26 5.85 14.99
C ARG D 320 29.40 4.59 14.96
N ILE D 321 28.08 4.71 15.12
CA ILE D 321 27.22 3.54 15.12
C ILE D 321 27.04 2.99 13.70
N PHE D 322 27.33 3.81 12.69
CA PHE D 322 27.25 3.32 11.32
C PHE D 322 28.35 2.34 11.00
N LYS D 323 29.50 2.45 11.69
CA LYS D 323 30.51 1.40 11.61
C LYS D 323 29.93 0.06 12.04
N LEU D 324 29.14 0.07 13.11
CA LEU D 324 28.56 -1.17 13.62
C LEU D 324 27.45 -1.69 12.71
N THR D 325 26.63 -0.79 12.20
CA THR D 325 25.47 -1.17 11.39
C THR D 325 25.80 -1.31 9.91
N ARG D 326 27.06 -1.10 9.51
CA ARG D 326 27.40 -1.16 8.09
C ARG D 326 27.21 -2.57 7.52
N HIS D 327 27.32 -3.59 8.36
CA HIS D 327 27.25 -4.96 7.90
C HIS D 327 25.81 -5.47 7.74
N PHE D 328 24.82 -4.73 8.23
CA PHE D 328 23.45 -5.16 8.10
C PHE D 328 22.96 -5.07 6.66
N VAL D 329 22.34 -6.15 6.19
CA VAL D 329 21.98 -6.23 4.78
C VAL D 329 20.85 -5.27 4.49
N GLY D 330 19.93 -5.11 5.44
CA GLY D 330 18.83 -4.17 5.21
C GLY D 330 19.32 -2.75 5.11
N LEU D 331 20.38 -2.41 5.85
CA LEU D 331 20.97 -1.07 5.74
C LEU D 331 21.64 -0.88 4.39
N ARG D 332 22.33 -1.92 3.90
CA ARG D 332 22.92 -1.81 2.57
C ARG D 332 21.85 -1.69 1.48
N VAL D 333 20.77 -2.46 1.61
CA VAL D 333 19.65 -2.35 0.68
C VAL D 333 19.02 -0.97 0.74
N LEU D 334 18.89 -0.40 1.94
CA LEU D 334 18.33 0.94 2.06
C LEU D 334 19.22 1.97 1.38
N GLY D 335 20.54 1.82 1.53
CA GLY D 335 21.45 2.71 0.82
C GLY D 335 21.31 2.60 -0.68
N HIS D 336 21.18 1.37 -1.18
CA HIS D 336 20.97 1.17 -2.61
C HIS D 336 19.67 1.81 -3.07
N THR D 337 18.61 1.66 -2.27
CA THR D 337 17.32 2.25 -2.64
C THR D 337 17.39 3.77 -2.65
N LEU D 338 18.06 4.37 -1.66
CA LEU D 338 18.22 5.82 -1.65
C LEU D 338 18.99 6.28 -2.88
N ARG D 339 20.03 5.54 -3.26
CA ARG D 339 20.83 5.93 -4.42
C ARG D 339 20.05 5.76 -5.72
N ALA D 340 19.13 4.79 -5.76
CA ALA D 340 18.38 4.50 -6.99
C ALA D 340 17.06 5.26 -7.10
N SER D 341 16.58 5.89 -6.02
CA SER D 341 15.32 6.63 -6.04
C SER D 341 15.52 8.13 -5.87
N THR D 342 16.59 8.67 -6.45
CA THR D 342 16.85 10.10 -6.35
C THR D 342 15.75 10.90 -7.05
N ASN D 343 15.29 10.42 -8.21
CA ASN D 343 14.22 11.13 -8.93
C ASN D 343 12.94 11.16 -8.11
N GLU D 344 12.60 10.04 -7.46
CA GLU D 344 11.38 10.01 -6.66
C GLU D 344 11.50 10.85 -5.40
N PHE D 345 12.68 10.90 -4.80
CA PHE D 345 12.89 11.78 -3.65
C PHE D 345 12.77 13.25 -4.06
N LEU D 346 13.33 13.62 -5.21
CA LEU D 346 13.16 14.98 -5.71
C LEU D 346 11.70 15.28 -6.02
N LEU D 347 10.98 14.30 -6.56
CA LEU D 347 9.56 14.47 -6.81
C LEU D 347 8.80 14.75 -5.52
N LEU D 348 9.09 13.97 -4.47
CA LEU D 348 8.46 14.19 -3.18
C LEU D 348 8.79 15.57 -2.62
N ILE D 349 10.06 15.98 -2.74
CA ILE D 349 10.47 17.29 -2.22
C ILE D 349 9.73 18.41 -2.94
N ILE D 350 9.63 18.30 -4.28
CA ILE D 350 8.97 19.35 -5.04
C ILE D 350 7.48 19.40 -4.71
N PHE D 351 6.84 18.24 -4.60
CA PHE D 351 5.43 18.21 -4.24
C PHE D 351 5.21 18.86 -2.88
N LEU D 352 6.04 18.51 -1.90
CA LEU D 352 5.89 19.08 -0.57
C LEU D 352 6.12 20.58 -0.58
N ALA D 353 7.14 21.05 -1.30
CA ALA D 353 7.41 22.48 -1.31
C ALA D 353 6.27 23.27 -1.95
N LEU D 354 5.74 22.78 -3.08
CA LEU D 354 4.63 23.46 -3.73
C LEU D 354 3.40 23.47 -2.82
N GLY D 355 3.08 22.34 -2.21
CA GLY D 355 1.93 22.29 -1.33
C GLY D 355 2.09 23.20 -0.13
N VAL D 356 3.28 23.20 0.47
CA VAL D 356 3.52 24.02 1.66
C VAL D 356 3.36 25.49 1.32
N LEU D 357 3.95 25.92 0.21
CA LEU D 357 3.82 27.33 -0.20
C LEU D 357 2.35 27.70 -0.44
N ILE D 358 1.65 26.88 -1.24
CA ILE D 358 0.29 27.22 -1.62
C ILE D 358 -0.62 27.26 -0.40
N PHE D 359 -0.51 26.25 0.46
CA PHE D 359 -1.43 26.17 1.59
C PHE D 359 -1.08 27.16 2.69
N ALA D 360 0.20 27.53 2.85
CA ALA D 360 0.53 28.60 3.77
C ALA D 360 -0.07 29.92 3.31
N THR D 361 0.06 30.23 2.02
CA THR D 361 -0.56 31.46 1.53
C THR D 361 -2.07 31.41 1.68
N MET D 362 -2.68 30.28 1.35
CA MET D 362 -4.13 30.17 1.40
C MET D 362 -4.64 30.30 2.84
N ILE D 363 -3.97 29.67 3.80
CA ILE D 363 -4.43 29.77 5.18
C ILE D 363 -4.19 31.17 5.74
N TYR D 364 -3.08 31.82 5.33
CA TYR D 364 -2.85 33.19 5.77
C TYR D 364 -3.97 34.09 5.29
N TYR D 365 -4.41 33.93 4.05
CA TYR D 365 -5.44 34.83 3.53
C TYR D 365 -6.83 34.43 3.98
N ALA D 366 -7.08 33.14 4.23
CA ALA D 366 -8.38 32.67 4.68
C ALA D 366 -8.63 32.94 6.15
N GLU D 367 -7.59 33.09 6.96
CA GLU D 367 -7.76 33.35 8.39
C GLU D 367 -8.06 34.81 8.71
N ARG D 368 -8.14 35.68 7.70
CA ARG D 368 -8.53 37.07 7.91
C ARG D 368 -9.51 37.50 6.82
N ILE D 369 -10.50 36.65 6.53
CA ILE D 369 -11.57 37.04 5.63
C ILE D 369 -12.51 38.00 6.34
N GLY D 370 -12.72 39.16 5.74
CA GLY D 370 -13.56 40.19 6.33
C GLY D 370 -12.85 41.10 7.30
N ALA D 371 -11.55 40.92 7.51
CA ALA D 371 -10.80 41.80 8.40
C ALA D 371 -10.60 43.17 7.75
N GLN D 372 -10.40 44.19 8.60
CA GLN D 372 -10.22 45.57 8.08
C GLN D 372 -8.88 45.68 7.36
N PRO D 373 -8.69 46.65 6.44
CA PRO D 373 -7.46 46.75 5.65
C PRO D 373 -6.20 46.93 6.51
N ASN D 374 -6.28 47.71 7.59
CA ASN D 374 -5.06 48.01 8.39
C ASN D 374 -5.36 47.93 9.89
N ASP D 375 -6.38 47.17 10.30
CA ASP D 375 -6.63 47.01 11.73
C ASP D 375 -5.53 46.13 12.33
N PRO D 376 -4.78 46.60 13.32
CA PRO D 376 -3.75 45.74 13.93
C PRO D 376 -4.31 44.48 14.57
N SER D 377 -5.58 44.47 14.95
CA SER D 377 -6.22 43.28 15.50
C SER D 377 -6.54 42.23 14.44
N ALA D 378 -6.12 42.43 13.19
CA ALA D 378 -6.37 41.44 12.15
C ALA D 378 -5.66 40.12 12.46
N SER D 379 -4.42 40.20 12.95
CA SER D 379 -3.61 39.03 13.23
C SER D 379 -3.63 38.62 14.69
N GLU D 380 -4.52 39.20 15.49
CA GLU D 380 -4.51 38.96 16.93
C GLU D 380 -5.26 37.69 17.32
N HIS D 381 -6.20 37.24 16.51
CA HIS D 381 -7.02 36.07 16.81
C HIS D 381 -6.62 34.85 16.00
N THR D 382 -5.38 34.81 15.52
CA THR D 382 -4.92 33.75 14.62
C THR D 382 -3.53 33.31 15.03
N HIS D 383 -3.24 32.03 14.77
CA HIS D 383 -1.87 31.52 14.84
C HIS D 383 -1.05 31.88 13.61
N PHE D 384 -1.70 32.32 12.52
CA PHE D 384 -1.04 32.54 11.24
C PHE D 384 -0.77 34.03 11.08
N LYS D 385 0.26 34.50 11.77
CA LYS D 385 0.64 35.90 11.69
C LYS D 385 1.33 36.23 10.38
N ASN D 386 1.84 35.22 9.68
CA ASN D 386 2.50 35.43 8.38
C ASN D 386 2.45 34.11 7.62
N ILE D 387 3.14 34.09 6.48
CA ILE D 387 3.19 32.93 5.58
C ILE D 387 4.28 31.95 5.99
N PRO D 388 5.47 32.41 6.40
CA PRO D 388 6.49 31.45 6.82
C PRO D 388 6.05 30.55 7.97
N ILE D 389 5.24 31.04 8.91
CA ILE D 389 4.72 30.17 9.95
C ILE D 389 3.68 29.21 9.37
N GLY D 390 2.94 29.65 8.37
CA GLY D 390 2.06 28.75 7.67
C GLY D 390 2.80 27.64 6.95
N PHE D 391 4.07 27.88 6.59
CA PHE D 391 4.87 26.79 6.02
C PHE D 391 4.94 25.63 7.00
N TRP D 392 5.27 25.92 8.26
CA TRP D 392 5.37 24.89 9.28
C TRP D 392 4.01 24.25 9.55
N TRP D 393 2.97 25.07 9.67
CA TRP D 393 1.64 24.50 9.84
C TRP D 393 1.29 23.57 8.68
N ALA D 394 1.63 23.98 7.46
CA ALA D 394 1.26 23.21 6.28
C ALA D 394 1.98 21.87 6.23
N VAL D 395 3.28 21.87 6.55
CA VAL D 395 4.01 20.60 6.54
C VAL D 395 3.46 19.68 7.63
N VAL D 396 3.17 20.24 8.81
CA VAL D 396 2.66 19.42 9.90
C VAL D 396 1.29 18.84 9.54
N THR D 397 0.46 19.63 8.86
CA THR D 397 -0.88 19.18 8.50
C THR D 397 -0.85 18.18 7.35
N MET D 398 0.03 18.40 6.36
CA MET D 398 0.11 17.50 5.21
C MET D 398 0.71 16.15 5.59
N THR D 399 1.66 16.11 6.52
CA THR D 399 2.18 14.82 6.95
C THR D 399 1.21 14.08 7.87
N THR D 400 0.04 14.63 8.12
CA THR D 400 -0.90 14.10 9.13
C THR D 400 -0.22 13.93 10.48
N LEU D 401 0.76 14.80 10.76
CA LEU D 401 1.34 14.85 12.10
C LEU D 401 0.37 15.48 13.09
N GLY D 402 -0.01 16.73 12.86
CA GLY D 402 -0.98 17.41 13.68
C GLY D 402 -0.53 17.61 15.11
N TYR D 403 0.51 18.44 15.30
CA TYR D 403 0.94 18.77 16.66
C TYR D 403 -0.16 19.50 17.41
N GLY D 404 -0.84 20.43 16.75
CA GLY D 404 -1.86 21.23 17.39
C GLY D 404 -1.38 22.55 17.97
N ASP D 405 -0.10 22.86 17.83
CA ASP D 405 0.41 24.15 18.28
C ASP D 405 -0.20 25.30 17.49
N MET D 406 -0.54 25.08 16.23
CA MET D 406 -1.22 26.09 15.43
C MET D 406 -2.24 25.40 14.52
N TYR D 407 -3.48 25.86 14.58
CA TYR D 407 -4.58 25.31 13.79
C TYR D 407 -5.49 26.45 13.40
N PRO D 408 -6.30 26.27 12.36
CA PRO D 408 -7.29 27.29 12.00
C PRO D 408 -8.39 27.41 13.04
N GLN D 409 -8.92 28.64 13.17
CA GLN D 409 -10.00 28.93 14.10
C GLN D 409 -11.17 29.62 13.40
N THR D 410 -11.20 29.60 12.07
CA THR D 410 -12.24 30.23 11.28
C THR D 410 -12.80 29.20 10.31
N TRP D 411 -14.04 29.40 9.86
CA TRP D 411 -14.66 28.44 8.96
C TRP D 411 -13.86 28.29 7.66
N SER D 412 -13.41 29.41 7.09
CA SER D 412 -12.61 29.34 5.87
C SER D 412 -11.25 28.70 6.14
N GLY D 413 -10.63 29.02 7.27
CA GLY D 413 -9.38 28.37 7.61
C GLY D 413 -9.52 26.88 7.81
N MET D 414 -10.66 26.44 8.34
CA MET D 414 -10.90 25.01 8.50
C MET D 414 -11.13 24.33 7.16
N LEU D 415 -11.82 25.01 6.24
CA LEU D 415 -11.91 24.49 4.88
C LEU D 415 -10.53 24.32 4.25
N VAL D 416 -9.69 25.34 4.40
CA VAL D 416 -8.34 25.28 3.85
C VAL D 416 -7.54 24.17 4.52
N GLY D 417 -7.72 23.97 5.83
CA GLY D 417 -6.99 22.93 6.52
C GLY D 417 -7.41 21.53 6.10
N ALA D 418 -8.71 21.32 5.87
CA ALA D 418 -9.15 20.05 5.32
C ALA D 418 -8.56 19.80 3.94
N LEU D 419 -8.59 20.83 3.09
CA LEU D 419 -7.93 20.71 1.79
C LEU D 419 -6.46 20.35 1.96
N CYS D 420 -5.77 21.00 2.89
CA CYS D 420 -4.35 20.77 3.09
C CYS D 420 -4.09 19.34 3.53
N ALA D 421 -4.89 18.82 4.46
CA ALA D 421 -4.71 17.46 4.93
C ALA D 421 -4.91 16.45 3.79
N LEU D 422 -5.98 16.61 3.02
CA LEU D 422 -6.22 15.66 1.94
C LEU D 422 -5.14 15.73 0.88
N ALA D 423 -4.75 16.95 0.49
CA ALA D 423 -3.71 17.11 -0.51
C ALA D 423 -2.38 16.56 -0.03
N GLY D 424 -2.06 16.75 1.26
CA GLY D 424 -0.85 16.17 1.81
C GLY D 424 -0.87 14.66 1.76
N VAL D 425 -2.00 14.05 2.14
CA VAL D 425 -2.10 12.60 2.05
C VAL D 425 -1.83 12.13 0.63
N LEU D 426 -2.47 12.80 -0.36
CA LEU D 426 -2.35 12.35 -1.74
C LEU D 426 -0.94 12.53 -2.28
N THR D 427 -0.36 13.71 -2.09
CA THR D 427 0.97 13.99 -2.62
C THR D 427 2.09 13.41 -1.78
N ILE D 428 1.79 12.81 -0.63
CA ILE D 428 2.74 11.94 0.05
C ILE D 428 2.62 10.52 -0.48
N ALA D 429 1.41 10.06 -0.75
CA ALA D 429 1.19 8.70 -1.24
C ALA D 429 1.45 8.55 -2.73
N MET D 430 1.80 9.63 -3.45
CA MET D 430 2.13 9.45 -4.87
C MET D 430 3.50 8.80 -5.08
N PRO D 431 4.63 9.37 -4.62
CA PRO D 431 5.94 8.76 -4.95
C PRO D 431 6.48 7.80 -3.90
N VAL D 432 5.92 7.88 -2.69
CA VAL D 432 6.34 6.96 -1.63
C VAL D 432 6.09 5.51 -2.02
N PRO D 433 4.96 5.15 -2.64
CA PRO D 433 4.82 3.76 -3.13
C PRO D 433 5.87 3.36 -4.14
N VAL D 434 6.31 4.26 -5.01
CA VAL D 434 7.38 3.92 -5.96
C VAL D 434 8.65 3.59 -5.21
N ILE D 435 9.02 4.44 -4.25
CA ILE D 435 10.22 4.18 -3.46
C ILE D 435 10.07 2.86 -2.70
N VAL D 436 8.86 2.59 -2.18
CA VAL D 436 8.63 1.39 -1.41
C VAL D 436 8.80 0.15 -2.27
N ASN D 437 8.25 0.14 -3.48
CA ASN D 437 8.43 -1.00 -4.36
C ASN D 437 9.90 -1.17 -4.76
N ASN D 438 10.62 -0.07 -4.97
CA ASN D 438 12.05 -0.19 -5.23
C ASN D 438 12.74 -0.92 -4.08
N PHE D 439 12.47 -0.48 -2.85
CA PHE D 439 13.09 -1.12 -1.69
C PHE D 439 12.68 -2.58 -1.59
N GLY D 440 11.42 -2.88 -1.90
CA GLY D 440 10.96 -4.26 -1.81
C GLY D 440 11.68 -5.17 -2.79
N MET D 441 11.82 -4.72 -4.03
CA MET D 441 12.54 -5.51 -5.03
C MET D 441 13.99 -5.71 -4.61
N TYR D 442 14.66 -4.65 -4.18
CA TYR D 442 16.08 -4.78 -3.82
C TYR D 442 16.25 -5.69 -2.60
N TYR D 443 15.36 -5.58 -1.62
CA TYR D 443 15.42 -6.43 -0.44
C TYR D 443 15.21 -7.89 -0.82
N SER D 444 14.22 -8.16 -1.68
CA SER D 444 13.97 -9.53 -2.09
C SER D 444 15.17 -10.11 -2.83
N LEU D 445 15.78 -9.32 -3.72
CA LEU D 445 16.94 -9.82 -4.45
C LEU D 445 18.10 -10.12 -3.50
N ALA D 446 18.38 -9.21 -2.56
CA ALA D 446 19.47 -9.44 -1.62
C ALA D 446 19.17 -10.67 -0.75
N MET D 447 17.91 -10.83 -0.34
CA MET D 447 17.55 -11.99 0.45
C MET D 447 17.71 -13.26 -0.36
N ALA D 448 17.40 -13.23 -1.66
CA ALA D 448 17.65 -14.40 -2.48
C ALA D 448 19.13 -14.73 -2.57
N LYS D 449 19.96 -13.70 -2.72
CA LYS D 449 21.40 -13.92 -2.64
C LYS D 449 21.80 -14.60 -1.33
N GLN D 450 21.12 -14.26 -0.24
CA GLN D 450 21.42 -14.94 1.02
C GLN D 450 20.82 -16.35 1.13
N LYS D 451 19.66 -16.60 0.52
CA LYS D 451 19.04 -17.92 0.58
C LYS D 451 19.69 -18.93 -0.35
N LEU D 452 20.34 -18.49 -1.43
CA LEU D 452 20.91 -19.38 -2.43
C LEU D 452 22.41 -19.08 -2.53
N PRO D 453 23.22 -19.72 -1.68
CA PRO D 453 24.67 -19.52 -1.78
C PRO D 453 25.22 -20.10 -3.08
N LYS D 454 26.26 -19.45 -3.59
CA LYS D 454 26.95 -19.95 -4.77
C LYS D 454 27.48 -21.36 -4.51
N LYS D 455 27.24 -22.26 -5.46
CA LYS D 455 27.64 -23.65 -5.33
C LYS D 455 28.29 -24.13 -6.62
N LYS D 456 28.57 -25.42 -6.73
CA LYS D 456 29.10 -25.96 -7.97
C LYS D 456 28.19 -25.64 -9.13
N LYS D 457 28.79 -25.28 -10.27
CA LYS D 457 27.99 -24.92 -11.44
C LYS D 457 27.08 -26.07 -11.86
N LYS D 458 27.57 -27.30 -11.77
CA LYS D 458 26.76 -28.48 -12.09
C LYS D 458 26.53 -28.60 -13.59
N HIS D 459 26.89 -27.57 -14.35
CA HIS D 459 26.70 -27.52 -15.80
C HIS D 459 28.07 -27.54 -16.46
N ILE D 460 28.35 -28.59 -17.23
CA ILE D 460 29.61 -28.68 -17.94
C ILE D 460 29.41 -28.16 -19.36
N PRO D 461 29.86 -26.94 -19.68
CA PRO D 461 29.59 -26.41 -21.02
C PRO D 461 30.28 -27.22 -22.10
N ARG D 462 29.66 -27.24 -23.28
CA ARG D 462 30.26 -27.92 -24.42
C ARG D 462 31.45 -27.10 -24.94
N PRO D 463 32.54 -27.76 -25.36
CA PRO D 463 33.70 -26.98 -25.84
C PRO D 463 33.37 -26.16 -27.08
#